data_1SV3
# 
_entry.id   1SV3 
# 
_audit_conform.dict_name       mmcif_pdbx.dic 
_audit_conform.dict_version    5.398 
_audit_conform.dict_location   http://mmcif.pdb.org/dictionaries/ascii/mmcif_pdbx.dic 
# 
loop_
_database_2.database_id 
_database_2.database_code 
_database_2.pdbx_database_accession 
_database_2.pdbx_DOI 
PDB   1SV3         pdb_00001sv3 10.2210/pdb1sv3/pdb 
RCSB  RCSB022017   ?            ?                   
WWPDB D_1000022017 ?            ?                   
# 
loop_
_pdbx_audit_revision_history.ordinal 
_pdbx_audit_revision_history.data_content_type 
_pdbx_audit_revision_history.major_revision 
_pdbx_audit_revision_history.minor_revision 
_pdbx_audit_revision_history.revision_date 
1 'Structure model' 1 0 2004-04-13 
2 'Structure model' 1 1 2008-04-30 
3 'Structure model' 1 2 2011-07-13 
4 'Structure model' 1 3 2023-10-25 
5 'Structure model' 1 4 2024-11-06 
# 
_pdbx_audit_revision_details.ordinal             1 
_pdbx_audit_revision_details.revision_ordinal    1 
_pdbx_audit_revision_details.data_content_type   'Structure model' 
_pdbx_audit_revision_details.provider            repository 
_pdbx_audit_revision_details.type                'Initial release' 
_pdbx_audit_revision_details.description         ? 
_pdbx_audit_revision_details.details             ? 
# 
loop_
_pdbx_audit_revision_group.ordinal 
_pdbx_audit_revision_group.revision_ordinal 
_pdbx_audit_revision_group.data_content_type 
_pdbx_audit_revision_group.group 
1 2 'Structure model' 'Version format compliance' 
2 3 'Structure model' 'Version format compliance' 
3 4 'Structure model' 'Data collection'           
4 4 'Structure model' 'Database references'       
5 4 'Structure model' 'Derived calculations'      
6 4 'Structure model' 'Refinement description'    
7 5 'Structure model' 'Structure summary'         
# 
loop_
_pdbx_audit_revision_category.ordinal 
_pdbx_audit_revision_category.revision_ordinal 
_pdbx_audit_revision_category.data_content_type 
_pdbx_audit_revision_category.category 
1 4 'Structure model' chem_comp_atom                
2 4 'Structure model' chem_comp_bond                
3 4 'Structure model' database_2                    
4 4 'Structure model' diffrn_source                 
5 4 'Structure model' pdbx_initial_refinement_model 
6 4 'Structure model' struct_site                   
7 5 'Structure model' pdbx_entry_details            
8 5 'Structure model' pdbx_modification_feature     
# 
loop_
_pdbx_audit_revision_item.ordinal 
_pdbx_audit_revision_item.revision_ordinal 
_pdbx_audit_revision_item.data_content_type 
_pdbx_audit_revision_item.item 
1 4 'Structure model' '_database_2.pdbx_DOI'                 
2 4 'Structure model' '_database_2.pdbx_database_accession'  
3 4 'Structure model' '_diffrn_source.pdbx_synchrotron_site' 
4 4 'Structure model' '_struct_site.pdbx_auth_asym_id'       
5 4 'Structure model' '_struct_site.pdbx_auth_comp_id'       
6 4 'Structure model' '_struct_site.pdbx_auth_seq_id'        
# 
_pdbx_database_status.status_code                     REL 
_pdbx_database_status.entry_id                        1SV3 
_pdbx_database_status.recvd_initial_deposition_date   2004-03-27 
_pdbx_database_status.deposit_site                    RCSB 
_pdbx_database_status.process_site                    PDBJ 
_pdbx_database_status.status_code_sf                  ? 
_pdbx_database_status.status_code_mr                  ? 
_pdbx_database_status.SG_entry                        ? 
_pdbx_database_status.pdb_format_compatible           Y 
_pdbx_database_status.status_code_cs                  ? 
_pdbx_database_status.status_code_nmr_data            ? 
_pdbx_database_status.methods_development_category    ? 
# 
_pdbx_database_related.db_name        PDB 
_pdbx_database_related.db_id          1FB2 
_pdbx_database_related.details        . 
_pdbx_database_related.content_type   unspecified 
# 
loop_
_audit_author.name 
_audit_author.pdbx_ordinal 
'Singh, N.'          1 
'Prahathees, E.'     2 
'Jabeen, T.'         3 
'Pal, A.'            4 
'Ethayathulla, A.S.' 5 
'Prem kumar, R.'     6 
'Sharma, S.'         7 
'Singh, T.P.'        8 
# 
_citation.id                        primary 
_citation.title                     
;Crystal structures of the complexes of a group IIA phospholipase A2 with two natural anti-inflammatory agents, anisic acid, and atropine reveal a similar mode of binding
;
_citation.journal_abbrev            Proteins 
_citation.journal_volume            64 
_citation.page_first                89 
_citation.page_last                 100 
_citation.year                      2006 
_citation.journal_id_ASTM           PSFGEY 
_citation.country                   US 
_citation.journal_id_ISSN           0887-3585 
_citation.journal_id_CSD            0867 
_citation.book_publisher            ? 
_citation.pdbx_database_id_PubMed   16596639 
_citation.pdbx_database_id_DOI      10.1002/prot.20970 
# 
loop_
_citation_author.citation_id 
_citation_author.name 
_citation_author.ordinal 
_citation_author.identifier_ORCID 
primary 'Singh, N.'    1 ? 
primary 'Jabeen, T.'   2 ? 
primary 'Pal, A.'      3 ? 
primary 'Sharma, S.'   4 ? 
primary 'Perbandt, M.' 5 ? 
primary 'Betzel, C.'   6 ? 
primary 'Singh, T.P.'  7 ? 
# 
loop_
_entity.id 
_entity.type 
_entity.src_method 
_entity.pdbx_description 
_entity.formula_weight 
_entity.pdbx_number_of_molecules 
_entity.pdbx_ec 
_entity.pdbx_mutation 
_entity.pdbx_fragment 
_entity.details 
1 polymer     nat 'Phospholipase A2'      13629.767 1   3.1.1.4 ? ? ? 
2 non-polymer syn 'SULFATE ION'           96.063    5   ?       ? ? ? 
3 non-polymer syn '4-METHOXYBENZOIC ACID' 152.147   1   ?       ? ? ? 
4 water       nat water                   18.015    209 ?       ? ? ? 
# 
_entity_name_com.entity_id   1 
_entity_name_com.name        'Phospholipase A2, Phosphatidylcholine 2- acylhydrolase' 
# 
_entity_poly.entity_id                      1 
_entity_poly.type                           'polypeptide(L)' 
_entity_poly.nstd_linkage                   no 
_entity_poly.nstd_monomer                   no 
_entity_poly.pdbx_seq_one_letter_code       
;SLLEFGKMILEETGKLAIPSYSSYGCYCGWGGKGTPKDATDRCCFVHDCCYGNLPDCNPKSDRYKYKRVNGAIVCEKGTS
CENRICECDKAAAICFRQNLNTYSKKYMLYPDFLCKGELKC
;
_entity_poly.pdbx_seq_one_letter_code_can   
;SLLEFGKMILEETGKLAIPSYSSYGCYCGWGGKGTPKDATDRCCFVHDCCYGNLPDCNPKSDRYKYKRVNGAIVCEKGTS
CENRICECDKAAAICFRQNLNTYSKKYMLYPDFLCKGELKC
;
_entity_poly.pdbx_strand_id                 A 
_entity_poly.pdbx_target_identifier         ? 
# 
loop_
_pdbx_entity_nonpoly.entity_id 
_pdbx_entity_nonpoly.name 
_pdbx_entity_nonpoly.comp_id 
2 'SULFATE ION'           SO4 
3 '4-METHOXYBENZOIC ACID' ANN 
4 water                   HOH 
# 
loop_
_entity_poly_seq.entity_id 
_entity_poly_seq.num 
_entity_poly_seq.mon_id 
_entity_poly_seq.hetero 
1 1   SER n 
1 2   LEU n 
1 3   LEU n 
1 4   GLU n 
1 5   PHE n 
1 6   GLY n 
1 7   LYS n 
1 8   MET n 
1 9   ILE n 
1 10  LEU n 
1 11  GLU n 
1 12  GLU n 
1 13  THR n 
1 14  GLY n 
1 15  LYS n 
1 16  LEU n 
1 17  ALA n 
1 18  ILE n 
1 19  PRO n 
1 20  SER n 
1 21  TYR n 
1 22  SER n 
1 23  SER n 
1 24  TYR n 
1 25  GLY n 
1 26  CYS n 
1 27  TYR n 
1 28  CYS n 
1 29  GLY n 
1 30  TRP n 
1 31  GLY n 
1 32  GLY n 
1 33  LYS n 
1 34  GLY n 
1 35  THR n 
1 36  PRO n 
1 37  LYS n 
1 38  ASP n 
1 39  ALA n 
1 40  THR n 
1 41  ASP n 
1 42  ARG n 
1 43  CYS n 
1 44  CYS n 
1 45  PHE n 
1 46  VAL n 
1 47  HIS n 
1 48  ASP n 
1 49  CYS n 
1 50  CYS n 
1 51  TYR n 
1 52  GLY n 
1 53  ASN n 
1 54  LEU n 
1 55  PRO n 
1 56  ASP n 
1 57  CYS n 
1 58  ASN n 
1 59  PRO n 
1 60  LYS n 
1 61  SER n 
1 62  ASP n 
1 63  ARG n 
1 64  TYR n 
1 65  LYS n 
1 66  TYR n 
1 67  LYS n 
1 68  ARG n 
1 69  VAL n 
1 70  ASN n 
1 71  GLY n 
1 72  ALA n 
1 73  ILE n 
1 74  VAL n 
1 75  CYS n 
1 76  GLU n 
1 77  LYS n 
1 78  GLY n 
1 79  THR n 
1 80  SER n 
1 81  CYS n 
1 82  GLU n 
1 83  ASN n 
1 84  ARG n 
1 85  ILE n 
1 86  CYS n 
1 87  GLU n 
1 88  CYS n 
1 89  ASP n 
1 90  LYS n 
1 91  ALA n 
1 92  ALA n 
1 93  ALA n 
1 94  ILE n 
1 95  CYS n 
1 96  PHE n 
1 97  ARG n 
1 98  GLN n 
1 99  ASN n 
1 100 LEU n 
1 101 ASN n 
1 102 THR n 
1 103 TYR n 
1 104 SER n 
1 105 LYS n 
1 106 LYS n 
1 107 TYR n 
1 108 MET n 
1 109 LEU n 
1 110 TYR n 
1 111 PRO n 
1 112 ASP n 
1 113 PHE n 
1 114 LEU n 
1 115 CYS n 
1 116 LYS n 
1 117 GLY n 
1 118 GLU n 
1 119 LEU n 
1 120 LYS n 
1 121 CYS n 
# 
_entity_src_nat.entity_id                  1 
_entity_src_nat.pdbx_src_id                1 
_entity_src_nat.pdbx_alt_source_flag       sample 
_entity_src_nat.pdbx_beg_seq_num           ? 
_entity_src_nat.pdbx_end_seq_num           ? 
_entity_src_nat.common_name                ? 
_entity_src_nat.pdbx_organism_scientific   'Daboia russellii pulchella' 
_entity_src_nat.pdbx_ncbi_taxonomy_id      97228 
_entity_src_nat.genus                      Daboia 
_entity_src_nat.species                    'Daboia russellii' 
_entity_src_nat.strain                     pulchella 
_entity_src_nat.tissue                     ? 
_entity_src_nat.tissue_fraction            ? 
_entity_src_nat.pdbx_secretion             ? 
_entity_src_nat.pdbx_fragment              ? 
_entity_src_nat.pdbx_variant               ? 
_entity_src_nat.pdbx_cell_line             ? 
_entity_src_nat.pdbx_atcc                  ? 
_entity_src_nat.pdbx_cellular_location     ? 
_entity_src_nat.pdbx_organ                 ? 
_entity_src_nat.pdbx_organelle             ? 
_entity_src_nat.pdbx_cell                  ? 
_entity_src_nat.pdbx_plasmid_name          ? 
_entity_src_nat.pdbx_plasmid_details       ? 
_entity_src_nat.details                    ? 
# 
loop_
_chem_comp.id 
_chem_comp.type 
_chem_comp.mon_nstd_flag 
_chem_comp.name 
_chem_comp.pdbx_synonyms 
_chem_comp.formula 
_chem_comp.formula_weight 
ALA 'L-peptide linking' y ALANINE                 ?               'C3 H7 N O2'     89.093  
ANN non-polymer         . '4-METHOXYBENZOIC ACID' 'P-ANISIC ACID' 'C8 H8 O3'       152.147 
ARG 'L-peptide linking' y ARGININE                ?               'C6 H15 N4 O2 1' 175.209 
ASN 'L-peptide linking' y ASPARAGINE              ?               'C4 H8 N2 O3'    132.118 
ASP 'L-peptide linking' y 'ASPARTIC ACID'         ?               'C4 H7 N O4'     133.103 
CYS 'L-peptide linking' y CYSTEINE                ?               'C3 H7 N O2 S'   121.158 
GLN 'L-peptide linking' y GLUTAMINE               ?               'C5 H10 N2 O3'   146.144 
GLU 'L-peptide linking' y 'GLUTAMIC ACID'         ?               'C5 H9 N O4'     147.129 
GLY 'peptide linking'   y GLYCINE                 ?               'C2 H5 N O2'     75.067  
HIS 'L-peptide linking' y HISTIDINE               ?               'C6 H10 N3 O2 1' 156.162 
HOH non-polymer         . WATER                   ?               'H2 O'           18.015  
ILE 'L-peptide linking' y ISOLEUCINE              ?               'C6 H13 N O2'    131.173 
LEU 'L-peptide linking' y LEUCINE                 ?               'C6 H13 N O2'    131.173 
LYS 'L-peptide linking' y LYSINE                  ?               'C6 H15 N2 O2 1' 147.195 
MET 'L-peptide linking' y METHIONINE              ?               'C5 H11 N O2 S'  149.211 
PHE 'L-peptide linking' y PHENYLALANINE           ?               'C9 H11 N O2'    165.189 
PRO 'L-peptide linking' y PROLINE                 ?               'C5 H9 N O2'     115.130 
SER 'L-peptide linking' y SERINE                  ?               'C3 H7 N O3'     105.093 
SO4 non-polymer         . 'SULFATE ION'           ?               'O4 S -2'        96.063  
THR 'L-peptide linking' y THREONINE               ?               'C4 H9 N O3'     119.119 
TRP 'L-peptide linking' y TRYPTOPHAN              ?               'C11 H12 N2 O2'  204.225 
TYR 'L-peptide linking' y TYROSINE                ?               'C9 H11 N O3'    181.189 
VAL 'L-peptide linking' y VALINE                  ?               'C5 H11 N O2'    117.146 
# 
loop_
_pdbx_poly_seq_scheme.asym_id 
_pdbx_poly_seq_scheme.entity_id 
_pdbx_poly_seq_scheme.seq_id 
_pdbx_poly_seq_scheme.mon_id 
_pdbx_poly_seq_scheme.ndb_seq_num 
_pdbx_poly_seq_scheme.pdb_seq_num 
_pdbx_poly_seq_scheme.auth_seq_num 
_pdbx_poly_seq_scheme.pdb_mon_id 
_pdbx_poly_seq_scheme.auth_mon_id 
_pdbx_poly_seq_scheme.pdb_strand_id 
_pdbx_poly_seq_scheme.pdb_ins_code 
_pdbx_poly_seq_scheme.hetero 
A 1 1   SER 1   1   1   SER SER A . n 
A 1 2   LEU 2   2   2   LEU LEU A . n 
A 1 3   LEU 3   3   3   LEU LEU A . n 
A 1 4   GLU 4   4   4   GLU GLU A . n 
A 1 5   PHE 5   5   5   PHE PHE A . n 
A 1 6   GLY 6   6   6   GLY GLY A . n 
A 1 7   LYS 7   7   7   LYS LYS A . n 
A 1 8   MET 8   8   8   MET MET A . n 
A 1 9   ILE 9   9   9   ILE ILE A . n 
A 1 10  LEU 10  10  10  LEU LEU A . n 
A 1 11  GLU 11  11  11  GLU GLU A . n 
A 1 12  GLU 12  12  12  GLU GLU A . n 
A 1 13  THR 13  13  13  THR THR A . n 
A 1 14  GLY 14  14  14  GLY GLY A . n 
A 1 15  LYS 15  16  16  LYS LYS A . n 
A 1 16  LEU 16  17  17  LEU LEU A . n 
A 1 17  ALA 17  18  18  ALA ALA A . n 
A 1 18  ILE 18  19  19  ILE ILE A . n 
A 1 19  PRO 19  20  20  PRO PRO A . n 
A 1 20  SER 20  21  21  SER SER A . n 
A 1 21  TYR 21  22  22  TYR TYR A . n 
A 1 22  SER 22  23  23  SER SER A . n 
A 1 23  SER 23  24  24  SER SER A . n 
A 1 24  TYR 24  25  25  TYR TYR A . n 
A 1 25  GLY 25  26  26  GLY GLY A . n 
A 1 26  CYS 26  27  27  CYS CYS A . n 
A 1 27  TYR 27  28  28  TYR TYR A . n 
A 1 28  CYS 28  29  29  CYS CYS A . n 
A 1 29  GLY 29  30  30  GLY GLY A . n 
A 1 30  TRP 30  31  31  TRP TRP A . n 
A 1 31  GLY 31  32  32  GLY GLY A . n 
A 1 32  GLY 32  33  33  GLY GLY A . n 
A 1 33  LYS 33  34  34  LYS LYS A . n 
A 1 34  GLY 34  35  35  GLY GLY A . n 
A 1 35  THR 35  36  36  THR THR A . n 
A 1 36  PRO 36  37  37  PRO PRO A . n 
A 1 37  LYS 37  38  38  LYS LYS A . n 
A 1 38  ASP 38  39  39  ASP ASP A . n 
A 1 39  ALA 39  40  40  ALA ALA A . n 
A 1 40  THR 40  41  41  THR THR A . n 
A 1 41  ASP 41  42  42  ASP ASP A . n 
A 1 42  ARG 42  43  43  ARG ARG A . n 
A 1 43  CYS 43  44  44  CYS CYS A . n 
A 1 44  CYS 44  45  45  CYS CYS A . n 
A 1 45  PHE 45  46  46  PHE PHE A . n 
A 1 46  VAL 46  47  47  VAL VAL A . n 
A 1 47  HIS 47  48  48  HIS HIS A . n 
A 1 48  ASP 48  49  49  ASP ASP A . n 
A 1 49  CYS 49  50  50  CYS CYS A . n 
A 1 50  CYS 50  51  51  CYS CYS A . n 
A 1 51  TYR 51  52  52  TYR TYR A . n 
A 1 52  GLY 52  53  53  GLY GLY A . n 
A 1 53  ASN 53  54  54  ASN ASN A . n 
A 1 54  LEU 54  55  55  LEU LEU A . n 
A 1 55  PRO 55  56  56  PRO PRO A . n 
A 1 56  ASP 56  59  59  ASP ASP A . n 
A 1 57  CYS 57  61  61  CYS CYS A . n 
A 1 58  ASN 58  67  67  ASN ASN A . n 
A 1 59  PRO 59  68  68  PRO PRO A . n 
A 1 60  LYS 60  69  69  LYS LYS A . n 
A 1 61  SER 61  70  70  SER SER A . n 
A 1 62  ASP 62  71  71  ASP ASP A . n 
A 1 63  ARG 63  72  72  ARG ARG A . n 
A 1 64  TYR 64  73  73  TYR TYR A . n 
A 1 65  LYS 65  74  74  LYS LYS A . n 
A 1 66  TYR 66  75  75  TYR TYR A . n 
A 1 67  LYS 67  76  76  LYS LYS A . n 
A 1 68  ARG 68  77  77  ARG ARG A . n 
A 1 69  VAL 69  78  78  VAL VAL A . n 
A 1 70  ASN 70  79  79  ASN ASN A . n 
A 1 71  GLY 71  80  80  GLY GLY A . n 
A 1 72  ALA 72  81  81  ALA ALA A . n 
A 1 73  ILE 73  82  82  ILE ILE A . n 
A 1 74  VAL 74  83  83  VAL VAL A . n 
A 1 75  CYS 75  84  84  CYS CYS A . n 
A 1 76  GLU 76  85  85  GLU GLU A . n 
A 1 77  LYS 77  86  86  LYS LYS A . n 
A 1 78  GLY 78  88  88  GLY GLY A . n 
A 1 79  THR 79  89  89  THR THR A . n 
A 1 80  SER 80  90  90  SER SER A . n 
A 1 81  CYS 81  91  91  CYS CYS A . n 
A 1 82  GLU 82  92  92  GLU GLU A . n 
A 1 83  ASN 83  93  93  ASN ASN A . n 
A 1 84  ARG 84  94  94  ARG ARG A . n 
A 1 85  ILE 85  95  95  ILE ILE A . n 
A 1 86  CYS 86  96  96  CYS CYS A . n 
A 1 87  GLU 87  97  97  GLU GLU A . n 
A 1 88  CYS 88  98  98  CYS CYS A . n 
A 1 89  ASP 89  99  99  ASP ASP A . n 
A 1 90  LYS 90  100 100 LYS LYS A . n 
A 1 91  ALA 91  101 101 ALA ALA A . n 
A 1 92  ALA 92  102 102 ALA ALA A . n 
A 1 93  ALA 93  103 103 ALA ALA A . n 
A 1 94  ILE 94  104 104 ILE ILE A . n 
A 1 95  CYS 95  105 105 CYS CYS A . n 
A 1 96  PHE 96  106 106 PHE PHE A . n 
A 1 97  ARG 97  107 107 ARG ARG A . n 
A 1 98  GLN 98  108 108 GLN GLN A . n 
A 1 99  ASN 99  109 109 ASN ASN A . n 
A 1 100 LEU 100 110 110 LEU LEU A . n 
A 1 101 ASN 101 111 111 ASN ASN A . n 
A 1 102 THR 102 112 112 THR THR A . n 
A 1 103 TYR 103 113 113 TYR TYR A . n 
A 1 104 SER 104 114 114 SER SER A . n 
A 1 105 LYS 105 115 115 LYS LYS A . n 
A 1 106 LYS 106 116 116 LYS LYS A . n 
A 1 107 TYR 107 117 117 TYR TYR A . n 
A 1 108 MET 108 118 118 MET MET A . n 
A 1 109 LEU 109 119 119 LEU LEU A . n 
A 1 110 TYR 110 120 120 TYR TYR A . n 
A 1 111 PRO 111 121 121 PRO PRO A . n 
A 1 112 ASP 112 122 122 ASP ASP A . n 
A 1 113 PHE 113 124 124 PHE PHE A . n 
A 1 114 LEU 114 125 125 LEU LEU A . n 
A 1 115 CYS 115 126 126 CYS CYS A . n 
A 1 116 LYS 116 127 127 LYS LYS A . n 
A 1 117 GLY 117 128 128 GLY GLY A . n 
A 1 118 GLU 118 129 129 GLU GLU A . n 
A 1 119 LEU 119 130 130 LEU LEU A . n 
A 1 120 LYS 120 131 131 LYS LYS A . n 
A 1 121 CYS 121 133 133 CYS CYS A . n 
# 
loop_
_pdbx_nonpoly_scheme.asym_id 
_pdbx_nonpoly_scheme.entity_id 
_pdbx_nonpoly_scheme.mon_id 
_pdbx_nonpoly_scheme.ndb_seq_num 
_pdbx_nonpoly_scheme.pdb_seq_num 
_pdbx_nonpoly_scheme.auth_seq_num 
_pdbx_nonpoly_scheme.pdb_mon_id 
_pdbx_nonpoly_scheme.auth_mon_id 
_pdbx_nonpoly_scheme.pdb_strand_id 
_pdbx_nonpoly_scheme.pdb_ins_code 
B 2 SO4 1   342 342 SO4 SO4 A . 
C 2 SO4 1   343 343 SO4 SO4 A . 
D 2 SO4 1   344 344 SO4 SO4 A . 
E 2 SO4 1   345 345 SO4 SO4 A . 
F 2 SO4 1   346 346 SO4 SO4 A . 
G 3 ANN 1   347 347 ANN ANN A . 
H 4 HOH 1   348 1   HOH HOH A . 
H 4 HOH 2   349 2   HOH HOH A . 
H 4 HOH 3   350 3   HOH HOH A . 
H 4 HOH 4   351 4   HOH HOH A . 
H 4 HOH 5   352 5   HOH HOH A . 
H 4 HOH 6   353 6   HOH HOH A . 
H 4 HOH 7   354 7   HOH HOH A . 
H 4 HOH 8   355 8   HOH HOH A . 
H 4 HOH 9   356 9   HOH HOH A . 
H 4 HOH 10  357 10  HOH HOH A . 
H 4 HOH 11  358 11  HOH HOH A . 
H 4 HOH 12  359 12  HOH HOH A . 
H 4 HOH 13  360 13  HOH HOH A . 
H 4 HOH 14  361 14  HOH HOH A . 
H 4 HOH 15  362 15  HOH HOH A . 
H 4 HOH 16  363 16  HOH HOH A . 
H 4 HOH 17  364 17  HOH HOH A . 
H 4 HOH 18  365 18  HOH HOH A . 
H 4 HOH 19  366 19  HOH HOH A . 
H 4 HOH 20  367 20  HOH HOH A . 
H 4 HOH 21  368 21  HOH HOH A . 
H 4 HOH 22  369 22  HOH HOH A . 
H 4 HOH 23  370 23  HOH HOH A . 
H 4 HOH 24  371 24  HOH HOH A . 
H 4 HOH 25  372 25  HOH HOH A . 
H 4 HOH 26  373 26  HOH HOH A . 
H 4 HOH 27  374 27  HOH HOH A . 
H 4 HOH 28  375 28  HOH HOH A . 
H 4 HOH 29  376 29  HOH HOH A . 
H 4 HOH 30  377 30  HOH HOH A . 
H 4 HOH 31  378 31  HOH HOH A . 
H 4 HOH 32  379 32  HOH HOH A . 
H 4 HOH 33  380 33  HOH HOH A . 
H 4 HOH 34  381 34  HOH HOH A . 
H 4 HOH 35  382 35  HOH HOH A . 
H 4 HOH 36  383 36  HOH HOH A . 
H 4 HOH 37  384 37  HOH HOH A . 
H 4 HOH 38  385 38  HOH HOH A . 
H 4 HOH 39  386 39  HOH HOH A . 
H 4 HOH 40  387 40  HOH HOH A . 
H 4 HOH 41  388 41  HOH HOH A . 
H 4 HOH 42  389 42  HOH HOH A . 
H 4 HOH 43  390 43  HOH HOH A . 
H 4 HOH 44  391 44  HOH HOH A . 
H 4 HOH 45  392 45  HOH HOH A . 
H 4 HOH 46  393 46  HOH HOH A . 
H 4 HOH 47  394 47  HOH HOH A . 
H 4 HOH 48  395 48  HOH HOH A . 
H 4 HOH 49  396 49  HOH HOH A . 
H 4 HOH 50  397 50  HOH HOH A . 
H 4 HOH 51  398 51  HOH HOH A . 
H 4 HOH 52  399 52  HOH HOH A . 
H 4 HOH 53  400 53  HOH HOH A . 
H 4 HOH 54  401 54  HOH HOH A . 
H 4 HOH 55  402 55  HOH HOH A . 
H 4 HOH 56  403 56  HOH HOH A . 
H 4 HOH 57  404 57  HOH HOH A . 
H 4 HOH 58  405 58  HOH HOH A . 
H 4 HOH 59  406 59  HOH HOH A . 
H 4 HOH 60  407 60  HOH HOH A . 
H 4 HOH 61  408 61  HOH HOH A . 
H 4 HOH 62  409 62  HOH HOH A . 
H 4 HOH 63  410 63  HOH HOH A . 
H 4 HOH 64  411 64  HOH HOH A . 
H 4 HOH 65  412 65  HOH HOH A . 
H 4 HOH 66  413 66  HOH HOH A . 
H 4 HOH 67  414 67  HOH HOH A . 
H 4 HOH 68  415 68  HOH HOH A . 
H 4 HOH 69  416 69  HOH HOH A . 
H 4 HOH 70  417 70  HOH HOH A . 
H 4 HOH 71  418 71  HOH HOH A . 
H 4 HOH 72  419 72  HOH HOH A . 
H 4 HOH 73  420 73  HOH HOH A . 
H 4 HOH 74  421 74  HOH HOH A . 
H 4 HOH 75  422 75  HOH HOH A . 
H 4 HOH 76  423 76  HOH HOH A . 
H 4 HOH 77  424 77  HOH HOH A . 
H 4 HOH 78  425 78  HOH HOH A . 
H 4 HOH 79  426 79  HOH HOH A . 
H 4 HOH 80  427 80  HOH HOH A . 
H 4 HOH 81  428 81  HOH HOH A . 
H 4 HOH 82  429 82  HOH HOH A . 
H 4 HOH 83  430 83  HOH HOH A . 
H 4 HOH 84  431 84  HOH HOH A . 
H 4 HOH 85  432 85  HOH HOH A . 
H 4 HOH 86  433 86  HOH HOH A . 
H 4 HOH 87  434 87  HOH HOH A . 
H 4 HOH 88  435 88  HOH HOH A . 
H 4 HOH 89  436 89  HOH HOH A . 
H 4 HOH 90  437 90  HOH HOH A . 
H 4 HOH 91  438 91  HOH HOH A . 
H 4 HOH 92  439 92  HOH HOH A . 
H 4 HOH 93  440 93  HOH HOH A . 
H 4 HOH 94  441 94  HOH HOH A . 
H 4 HOH 95  442 95  HOH HOH A . 
H 4 HOH 96  443 96  HOH HOH A . 
H 4 HOH 97  444 97  HOH HOH A . 
H 4 HOH 98  445 98  HOH HOH A . 
H 4 HOH 99  446 99  HOH HOH A . 
H 4 HOH 100 447 100 HOH HOH A . 
H 4 HOH 101 448 101 HOH HOH A . 
H 4 HOH 102 449 102 HOH HOH A . 
H 4 HOH 103 450 103 HOH HOH A . 
H 4 HOH 104 451 104 HOH HOH A . 
H 4 HOH 105 452 105 HOH HOH A . 
H 4 HOH 106 453 106 HOH HOH A . 
H 4 HOH 107 454 107 HOH HOH A . 
H 4 HOH 108 455 108 HOH HOH A . 
H 4 HOH 109 456 109 HOH HOH A . 
H 4 HOH 110 457 110 HOH HOH A . 
H 4 HOH 111 458 111 HOH HOH A . 
H 4 HOH 112 459 112 HOH HOH A . 
H 4 HOH 113 460 113 HOH HOH A . 
H 4 HOH 114 461 114 HOH HOH A . 
H 4 HOH 115 462 115 HOH HOH A . 
H 4 HOH 116 463 116 HOH HOH A . 
H 4 HOH 117 464 117 HOH HOH A . 
H 4 HOH 118 465 118 HOH HOH A . 
H 4 HOH 119 466 119 HOH HOH A . 
H 4 HOH 120 467 120 HOH HOH A . 
H 4 HOH 121 468 121 HOH HOH A . 
H 4 HOH 122 469 122 HOH HOH A . 
H 4 HOH 123 470 123 HOH HOH A . 
H 4 HOH 124 471 124 HOH HOH A . 
H 4 HOH 125 472 125 HOH HOH A . 
H 4 HOH 126 473 126 HOH HOH A . 
H 4 HOH 127 474 127 HOH HOH A . 
H 4 HOH 128 475 128 HOH HOH A . 
H 4 HOH 129 476 129 HOH HOH A . 
H 4 HOH 130 477 130 HOH HOH A . 
H 4 HOH 131 478 131 HOH HOH A . 
H 4 HOH 132 479 132 HOH HOH A . 
H 4 HOH 133 480 133 HOH HOH A . 
H 4 HOH 134 481 134 HOH HOH A . 
H 4 HOH 135 482 135 HOH HOH A . 
H 4 HOH 136 483 136 HOH HOH A . 
H 4 HOH 137 484 137 HOH HOH A . 
H 4 HOH 138 485 138 HOH HOH A . 
H 4 HOH 139 486 139 HOH HOH A . 
H 4 HOH 140 487 140 HOH HOH A . 
H 4 HOH 141 488 141 HOH HOH A . 
H 4 HOH 142 489 142 HOH HOH A . 
H 4 HOH 143 490 143 HOH HOH A . 
H 4 HOH 144 491 144 HOH HOH A . 
H 4 HOH 145 492 145 HOH HOH A . 
H 4 HOH 146 493 146 HOH HOH A . 
H 4 HOH 147 494 147 HOH HOH A . 
H 4 HOH 148 495 148 HOH HOH A . 
H 4 HOH 149 496 149 HOH HOH A . 
H 4 HOH 150 497 150 HOH HOH A . 
H 4 HOH 151 498 151 HOH HOH A . 
H 4 HOH 152 499 152 HOH HOH A . 
H 4 HOH 153 500 153 HOH HOH A . 
H 4 HOH 154 501 154 HOH HOH A . 
H 4 HOH 155 502 155 HOH HOH A . 
H 4 HOH 156 503 156 HOH HOH A . 
H 4 HOH 157 504 157 HOH HOH A . 
H 4 HOH 158 505 158 HOH HOH A . 
H 4 HOH 159 506 159 HOH HOH A . 
H 4 HOH 160 507 160 HOH HOH A . 
H 4 HOH 161 508 161 HOH HOH A . 
H 4 HOH 162 509 162 HOH HOH A . 
H 4 HOH 163 510 163 HOH HOH A . 
H 4 HOH 164 511 164 HOH HOH A . 
H 4 HOH 165 512 165 HOH HOH A . 
H 4 HOH 166 513 166 HOH HOH A . 
H 4 HOH 167 514 167 HOH HOH A . 
H 4 HOH 168 515 168 HOH HOH A . 
H 4 HOH 169 516 169 HOH HOH A . 
H 4 HOH 170 517 170 HOH HOH A . 
H 4 HOH 171 518 171 HOH HOH A . 
H 4 HOH 172 519 172 HOH HOH A . 
H 4 HOH 173 520 173 HOH HOH A . 
H 4 HOH 174 521 174 HOH HOH A . 
H 4 HOH 175 522 175 HOH HOH A . 
H 4 HOH 176 523 176 HOH HOH A . 
H 4 HOH 177 524 177 HOH HOH A . 
H 4 HOH 178 525 178 HOH HOH A . 
H 4 HOH 179 526 179 HOH HOH A . 
H 4 HOH 180 527 180 HOH HOH A . 
H 4 HOH 181 528 181 HOH HOH A . 
H 4 HOH 182 529 182 HOH HOH A . 
H 4 HOH 183 530 183 HOH HOH A . 
H 4 HOH 184 531 184 HOH HOH A . 
H 4 HOH 185 532 185 HOH HOH A . 
H 4 HOH 186 533 186 HOH HOH A . 
H 4 HOH 187 534 187 HOH HOH A . 
H 4 HOH 188 535 188 HOH HOH A . 
H 4 HOH 189 536 189 HOH HOH A . 
H 4 HOH 190 537 190 HOH HOH A . 
H 4 HOH 191 538 191 HOH HOH A . 
H 4 HOH 192 539 192 HOH HOH A . 
H 4 HOH 193 540 193 HOH HOH A . 
H 4 HOH 194 541 194 HOH HOH A . 
H 4 HOH 195 542 195 HOH HOH A . 
H 4 HOH 196 543 196 HOH HOH A . 
H 4 HOH 197 544 197 HOH HOH A . 
H 4 HOH 198 545 198 HOH HOH A . 
H 4 HOH 199 546 199 HOH HOH A . 
H 4 HOH 200 547 200 HOH HOH A . 
H 4 HOH 201 548 201 HOH HOH A . 
H 4 HOH 202 549 202 HOH HOH A . 
H 4 HOH 203 550 203 HOH HOH A . 
H 4 HOH 204 551 204 HOH HOH A . 
H 4 HOH 205 552 205 HOH HOH A . 
H 4 HOH 206 553 206 HOH HOH A . 
H 4 HOH 207 554 207 HOH HOH A . 
H 4 HOH 208 555 208 HOH HOH A . 
H 4 HOH 209 556 209 HOH HOH A . 
# 
loop_
_software.name 
_software.classification 
_software.version 
_software.citation_id 
_software.pdbx_ordinal 
REFMAC    refinement       5.0 ? 1 
HKL-2000  'data reduction' .   ? 2 
SCALEPACK 'data scaling'   .   ? 3 
AMoRE     phasing          .   ? 4 
# 
_cell.entry_id           1SV3 
_cell.length_a           52.570 
_cell.length_b           52.570 
_cell.length_c           47.823 
_cell.angle_alpha        90.00 
_cell.angle_beta         90.00 
_cell.angle_gamma        90.00 
_cell.Z_PDB              4 
_cell.pdbx_unique_axis   ? 
_cell.length_a_esd       ? 
_cell.length_b_esd       ? 
_cell.length_c_esd       ? 
_cell.angle_alpha_esd    ? 
_cell.angle_beta_esd     ? 
_cell.angle_gamma_esd    ? 
# 
_symmetry.entry_id                         1SV3 
_symmetry.space_group_name_H-M             'P 43' 
_symmetry.pdbx_full_space_group_name_H-M   ? 
_symmetry.cell_setting                     ? 
_symmetry.Int_Tables_number                78 
_symmetry.space_group_name_Hall            ? 
# 
_exptl.entry_id          1SV3 
_exptl.method            'X-RAY DIFFRACTION' 
_exptl.crystals_number   1 
# 
_exptl_crystal.id                    1 
_exptl_crystal.density_meas          ? 
_exptl_crystal.density_Matthews      2.4 
_exptl_crystal.density_percent_sol   48.0 
_exptl_crystal.description           ? 
_exptl_crystal.F_000                 ? 
_exptl_crystal.preparation           ? 
# 
_exptl_crystal_grow.crystal_id      1 
_exptl_crystal_grow.method          'VAPOR DIFFUSION, HANGING DROP' 
_exptl_crystal_grow.temp            297 
_exptl_crystal_grow.temp_details    ? 
_exptl_crystal_grow.pH              7.8 
_exptl_crystal_grow.pdbx_details    '0.2M Ammonium sulphate, 50% PEG, pH 7.8, VAPOR DIFFUSION, HANGING DROP, temperature 297K' 
_exptl_crystal_grow.pdbx_pH_range   . 
# 
_diffrn.id                     1 
_diffrn.ambient_temp           203 
_diffrn.ambient_temp_details   ? 
_diffrn.crystal_id             1 
# 
_diffrn_detector.diffrn_id              1 
_diffrn_detector.detector               CCD 
_diffrn_detector.type                   MARRESEARCH 
_diffrn_detector.pdbx_collection_date   2003-09-29 
_diffrn_detector.details                MIRROR 
# 
_diffrn_radiation.diffrn_id                        1 
_diffrn_radiation.wavelength_id                    1 
_diffrn_radiation.pdbx_monochromatic_or_laue_m_l   M 
_diffrn_radiation.monochromator                    GRAPHITE 
_diffrn_radiation.pdbx_diffrn_protocol             'SINGLE WAVELENGTH' 
_diffrn_radiation.pdbx_scattering_type             x-ray 
# 
_diffrn_radiation_wavelength.id           1 
_diffrn_radiation_wavelength.wavelength   0.803 
_diffrn_radiation_wavelength.wt           1.0 
# 
_diffrn_source.diffrn_id                   1 
_diffrn_source.source                      SYNCHROTRON 
_diffrn_source.type                        'EMBL/DESY, HAMBURG BEAMLINE X31' 
_diffrn_source.pdbx_synchrotron_site       'EMBL/DESY, HAMBURG' 
_diffrn_source.pdbx_synchrotron_beamline   X31 
_diffrn_source.pdbx_wavelength             0.803 
_diffrn_source.pdbx_wavelength_list        ? 
# 
_reflns.entry_id                     1SV3 
_reflns.observed_criterion_sigma_I   0.0 
_reflns.observed_criterion_sigma_F   0.0 
_reflns.d_resolution_low             20.0 
_reflns.d_resolution_high            1.3 
_reflns.number_obs                   28771 
_reflns.number_all                   28771 
_reflns.percent_possible_obs         94.1 
_reflns.pdbx_Rmerge_I_obs            ? 
_reflns.pdbx_Rsym_value              0.119 
_reflns.pdbx_netI_over_sigmaI        8.8 
_reflns.B_iso_Wilson_estimate        19.4 
_reflns.pdbx_redundancy              8.7 
_reflns.R_free_details               ? 
_reflns.limit_h_max                  ? 
_reflns.limit_h_min                  ? 
_reflns.limit_k_max                  ? 
_reflns.limit_k_min                  ? 
_reflns.limit_l_max                  ? 
_reflns.limit_l_min                  ? 
_reflns.observed_criterion_F_max     ? 
_reflns.observed_criterion_F_min     ? 
_reflns.pdbx_chi_squared             ? 
_reflns.pdbx_scaling_rejects         ? 
_reflns.pdbx_diffrn_id               1 
_reflns.pdbx_ordinal                 1 
# 
_reflns_shell.d_res_high             1.3 
_reflns_shell.d_res_low              1.36 
_reflns_shell.percent_possible_all   99.4 
_reflns_shell.Rmerge_I_obs           ? 
_reflns_shell.pdbx_Rsym_value        0.42 
_reflns_shell.meanI_over_sigI_obs    2.1 
_reflns_shell.pdbx_redundancy        ? 
_reflns_shell.percent_possible_obs   ? 
_reflns_shell.number_unique_all      ? 
_reflns_shell.number_measured_all    ? 
_reflns_shell.number_measured_obs    ? 
_reflns_shell.number_unique_obs      ? 
_reflns_shell.pdbx_chi_squared       ? 
_reflns_shell.pdbx_diffrn_id         ? 
_reflns_shell.pdbx_ordinal           1 
# 
_refine.entry_id                                 1SV3 
_refine.ls_number_reflns_obs                     25474 
_refine.ls_number_reflns_all                     28771 
_refine.pdbx_ls_sigma_I                          ? 
_refine.pdbx_ls_sigma_F                          ? 
_refine.pdbx_data_cutoff_high_absF               ? 
_refine.pdbx_data_cutoff_low_absF                ? 
_refine.pdbx_data_cutoff_high_rms_absF           ? 
_refine.ls_d_res_low                             20.0 
_refine.ls_d_res_high                            1.35 
_refine.ls_percent_reflns_obs                    93.28 
_refine.ls_R_factor_obs                          0.20986 
_refine.ls_R_factor_all                          0.2147 
_refine.ls_R_factor_R_work                       0.20822 
_refine.ls_R_factor_R_free                       0.24267 
_refine.ls_R_factor_R_free_error                 ? 
_refine.ls_R_factor_R_free_error_details         ? 
_refine.ls_percent_reflns_R_free                 5.1 
_refine.ls_number_reflns_R_free                  1364 
_refine.ls_number_parameters                     ? 
_refine.ls_number_restraints                     ? 
_refine.occupancy_min                            ? 
_refine.occupancy_max                            ? 
_refine.correlation_coeff_Fo_to_Fc               0.965 
_refine.correlation_coeff_Fo_to_Fc_free          0.948 
_refine.B_iso_mean                               20.353 
_refine.aniso_B[1][1]                            0.34 
_refine.aniso_B[2][2]                            0.34 
_refine.aniso_B[3][3]                            -0.68 
_refine.aniso_B[1][2]                            0.00 
_refine.aniso_B[1][3]                            0.00 
_refine.aniso_B[2][3]                            0.00 
_refine.solvent_model_details                    'BABINET MODEL WITH MASK' 
_refine.solvent_model_param_ksol                 ? 
_refine.solvent_model_param_bsol                 ? 
_refine.pdbx_solvent_vdw_probe_radii             1.40 
_refine.pdbx_solvent_ion_probe_radii             0.80 
_refine.pdbx_solvent_shrinkage_radii             0.80 
_refine.pdbx_ls_cross_valid_method               THROUGHOUT 
_refine.details                                  'HYDROGENS HAVE BEEN ADDED IN THE RIDING POSITIONS' 
_refine.pdbx_starting_model                      1FB2 
_refine.pdbx_method_to_determine_struct          'MOLECULAR REPLACEMENT' 
_refine.pdbx_isotropic_thermal_model             ? 
_refine.pdbx_stereochemistry_target_values       'MAXIMUM LIKELIHOOD' 
_refine.pdbx_stereochem_target_val_spec_case     ? 
_refine.pdbx_R_Free_selection_details            RANDOM 
_refine.pdbx_overall_ESU_R                       0.070 
_refine.pdbx_overall_ESU_R_Free                  0.074 
_refine.overall_SU_ML                            0.068 
_refine.overall_SU_B                             1.651 
_refine.ls_redundancy_reflns_obs                 ? 
_refine.B_iso_min                                ? 
_refine.B_iso_max                                ? 
_refine.overall_SU_R_Cruickshank_DPI             ? 
_refine.overall_SU_R_free                        ? 
_refine.ls_wR_factor_R_free                      ? 
_refine.ls_wR_factor_R_work                      ? 
_refine.overall_FOM_free_R_set                   ? 
_refine.overall_FOM_work_R_set                   ? 
_refine.pdbx_refine_id                           'X-RAY DIFFRACTION' 
_refine.pdbx_diffrn_id                           1 
_refine.pdbx_TLS_residual_ADP_flag               ? 
_refine.pdbx_overall_phase_error                 ? 
_refine.pdbx_overall_SU_R_free_Cruickshank_DPI   ? 
_refine.pdbx_overall_SU_R_Blow_DPI               ? 
_refine.pdbx_overall_SU_R_free_Blow_DPI          ? 
# 
_refine_analyze.entry_id                        1SV3 
_refine_analyze.Luzzati_coordinate_error_obs    0.1971 
_refine_analyze.Luzzati_sigma_a_obs             ? 
_refine_analyze.Luzzati_d_res_low_obs           ? 
_refine_analyze.Luzzati_coordinate_error_free   ? 
_refine_analyze.Luzzati_sigma_a_free            ? 
_refine_analyze.Luzzati_d_res_low_free          ? 
_refine_analyze.number_disordered_residues      ? 
_refine_analyze.occupancy_sum_non_hydrogen      ? 
_refine_analyze.occupancy_sum_hydrogen          ? 
_refine_analyze.pdbx_Luzzati_d_res_high_obs     ? 
_refine_analyze.pdbx_refine_id                  'X-RAY DIFFRACTION' 
# 
_refine_hist.pdbx_refine_id                   'X-RAY DIFFRACTION' 
_refine_hist.cycle_id                         LAST 
_refine_hist.pdbx_number_atoms_protein        944 
_refine_hist.pdbx_number_atoms_nucleic_acid   0 
_refine_hist.pdbx_number_atoms_ligand         36 
_refine_hist.number_atoms_solvent             209 
_refine_hist.number_atoms_total               1189 
_refine_hist.d_res_high                       1.35 
_refine_hist.d_res_low                        20.0 
# 
loop_
_refine_ls_restr.type 
_refine_ls_restr.dev_ideal 
_refine_ls_restr.dev_ideal_target 
_refine_ls_restr.weight 
_refine_ls_restr.number 
_refine_ls_restr.pdbx_refine_id 
_refine_ls_restr.pdbx_restraint_function 
r_bond_refined_d         0.016  0.021  ? 992  'X-RAY DIFFRACTION' ? 
r_bond_other_d           0.001  0.020  ? 823  'X-RAY DIFFRACTION' ? 
r_angle_refined_deg      1.781  2.022  ? 1327 'X-RAY DIFFRACTION' ? 
r_angle_other_deg        0.906  3.000  ? 1941 'X-RAY DIFFRACTION' ? 
r_dihedral_angle_1_deg   3.417  3.000  ? 113  'X-RAY DIFFRACTION' ? 
r_dihedral_angle_3_deg   17.632 15.000 ? 181  'X-RAY DIFFRACTION' ? 
r_chiral_restr           0.096  0.200  ? 132  'X-RAY DIFFRACTION' ? 
r_gen_planes_refined     0.009  0.020  ? 1035 'X-RAY DIFFRACTION' ? 
r_gen_planes_other       0.005  0.020  ? 195  'X-RAY DIFFRACTION' ? 
r_nbd_refined            0.438  0.300  ? 283  'X-RAY DIFFRACTION' ? 
r_nbd_other              0.210  0.300  ? 849  'X-RAY DIFFRACTION' ? 
r_xyhbond_nbd_refined    0.177  0.500  ? 151  'X-RAY DIFFRACTION' ? 
r_xyhbond_nbd_other      0.156  0.500  ? 1    'X-RAY DIFFRACTION' ? 
r_symmetry_vdw_refined   0.196  0.300  ? 10   'X-RAY DIFFRACTION' ? 
r_symmetry_vdw_other     0.176  0.300  ? 40   'X-RAY DIFFRACTION' ? 
r_symmetry_hbond_refined 0.243  0.500  ? 22   'X-RAY DIFFRACTION' ? 
r_mcbond_it              1.032  1.500  ? 592  'X-RAY DIFFRACTION' ? 
r_mcangle_it             1.771  2.000  ? 934  'X-RAY DIFFRACTION' ? 
r_scbond_it              2.150  3.000  ? 400  'X-RAY DIFFRACTION' ? 
r_scangle_it             3.112  4.500  ? 393  'X-RAY DIFFRACTION' ? 
# 
_refine_ls_shell.pdbx_total_number_of_bins_used   20 
_refine_ls_shell.d_res_high                       1.349 
_refine_ls_shell.d_res_low                        1.384 
_refine_ls_shell.number_reflns_R_work             1928 
_refine_ls_shell.R_factor_R_work                  0.283 
_refine_ls_shell.percent_reflns_obs               ? 
_refine_ls_shell.R_factor_R_free                  0.286 
_refine_ls_shell.R_factor_R_free_error            ? 
_refine_ls_shell.percent_reflns_R_free            ? 
_refine_ls_shell.number_reflns_R_free             104 
_refine_ls_shell.number_reflns_obs                ? 
_refine_ls_shell.redundancy_reflns_obs            ? 
_refine_ls_shell.number_reflns_all                ? 
_refine_ls_shell.R_factor_all                     ? 
_refine_ls_shell.pdbx_refine_id                   'X-RAY DIFFRACTION' 
# 
_struct.entry_id                  1SV3 
_struct.title                     
'Structure of the complex formed between Phospholipase A2 and 4-methoxybenzoic acid at 1.3A resolution.' 
_struct.pdbx_model_details        ? 
_struct.pdbx_CASP_flag            ? 
_struct.pdbx_model_type_details   ? 
# 
_struct_keywords.entry_id        1SV3 
_struct_keywords.pdbx_keywords   HYDROLASE 
_struct_keywords.text            'Phospholipase A2, complex, 4-methoxybenzoic acid, 1.3A resolution, hydrolase' 
# 
loop_
_struct_asym.id 
_struct_asym.pdbx_blank_PDB_chainid_flag 
_struct_asym.pdbx_modified 
_struct_asym.entity_id 
_struct_asym.details 
A N N 1 ? 
B N N 2 ? 
C N N 2 ? 
D N N 2 ? 
E N N 2 ? 
F N N 2 ? 
G N N 3 ? 
H N N 4 ? 
# 
_struct_ref.id                         1 
_struct_ref.db_code                    PA28_DABRP 
_struct_ref.db_name                    UNP 
_struct_ref.entity_id                  1 
_struct_ref.pdbx_db_accession          P59071 
_struct_ref.pdbx_align_begin           1 
_struct_ref.pdbx_seq_one_letter_code   ? 
_struct_ref.pdbx_db_isoform            ? 
# 
_struct_ref_seq.align_id                      1 
_struct_ref_seq.ref_id                        1 
_struct_ref_seq.pdbx_PDB_id_code              1SV3 
_struct_ref_seq.pdbx_strand_id                A 
_struct_ref_seq.seq_align_beg                 1 
_struct_ref_seq.pdbx_seq_align_beg_ins_code   ? 
_struct_ref_seq.seq_align_end                 50 
_struct_ref_seq.pdbx_seq_align_end_ins_code   ? 
_struct_ref_seq.pdbx_db_accession             P59071 
_struct_ref_seq.db_align_beg                  1 
_struct_ref_seq.pdbx_db_align_beg_ins_code    ? 
_struct_ref_seq.db_align_end                  50 
_struct_ref_seq.pdbx_db_align_end_ins_code    ? 
_struct_ref_seq.pdbx_auth_seq_align_beg       1 
_struct_ref_seq.pdbx_auth_seq_align_end       51 
# 
_pdbx_struct_assembly.id                   1 
_pdbx_struct_assembly.details              author_defined_assembly 
_pdbx_struct_assembly.method_details       ? 
_pdbx_struct_assembly.oligomeric_details   monomeric 
_pdbx_struct_assembly.oligomeric_count     1 
# 
_pdbx_struct_assembly_gen.assembly_id       1 
_pdbx_struct_assembly_gen.oper_expression   1 
_pdbx_struct_assembly_gen.asym_id_list      A,B,C,D,E,F,G,H 
# 
_pdbx_struct_oper_list.id                   1 
_pdbx_struct_oper_list.type                 'identity operation' 
_pdbx_struct_oper_list.name                 1_555 
_pdbx_struct_oper_list.symmetry_operation   x,y,z 
_pdbx_struct_oper_list.matrix[1][1]         1.0000000000 
_pdbx_struct_oper_list.matrix[1][2]         0.0000000000 
_pdbx_struct_oper_list.matrix[1][3]         0.0000000000 
_pdbx_struct_oper_list.vector[1]            0.0000000000 
_pdbx_struct_oper_list.matrix[2][1]         0.0000000000 
_pdbx_struct_oper_list.matrix[2][2]         1.0000000000 
_pdbx_struct_oper_list.matrix[2][3]         0.0000000000 
_pdbx_struct_oper_list.vector[2]            0.0000000000 
_pdbx_struct_oper_list.matrix[3][1]         0.0000000000 
_pdbx_struct_oper_list.matrix[3][2]         0.0000000000 
_pdbx_struct_oper_list.matrix[3][3]         1.0000000000 
_pdbx_struct_oper_list.vector[3]            0.0000000000 
# 
_struct_biol.id                    1 
_struct_biol.details               'The biological Unit is Monomer' 
_struct_biol.pdbx_parent_biol_id   ? 
# 
loop_
_struct_conf.conf_type_id 
_struct_conf.id 
_struct_conf.pdbx_PDB_helix_id 
_struct_conf.beg_label_comp_id 
_struct_conf.beg_label_asym_id 
_struct_conf.beg_label_seq_id 
_struct_conf.pdbx_beg_PDB_ins_code 
_struct_conf.end_label_comp_id 
_struct_conf.end_label_asym_id 
_struct_conf.end_label_seq_id 
_struct_conf.pdbx_end_PDB_ins_code 
_struct_conf.beg_auth_comp_id 
_struct_conf.beg_auth_asym_id 
_struct_conf.beg_auth_seq_id 
_struct_conf.end_auth_comp_id 
_struct_conf.end_auth_asym_id 
_struct_conf.end_auth_seq_id 
_struct_conf.pdbx_PDB_helix_class 
_struct_conf.details 
_struct_conf.pdbx_PDB_helix_length 
HELX_P HELX_P1 1 SER A 1   ? GLY A 14  ? SER A 1   GLY A 14  1 ? 14 
HELX_P HELX_P2 2 LEU A 16  ? TYR A 21  ? LEU A 17  TYR A 22  1 ? 6  
HELX_P HELX_P3 3 ASP A 38  ? ASN A 53  ? ASP A 39  ASN A 54  1 ? 16 
HELX_P HELX_P4 4 THR A 79  ? ASN A 99  ? THR A 89  ASN A 109 1 ? 21 
HELX_P HELX_P5 5 LEU A 100 ? TYR A 103 ? LEU A 110 TYR A 113 5 ? 4  
HELX_P HELX_P6 6 SER A 104 ? MET A 108 ? SER A 114 MET A 118 5 ? 5  
HELX_P HELX_P7 7 PRO A 111 ? CYS A 115 ? PRO A 121 CYS A 126 5 ? 5  
# 
_struct_conf_type.id          HELX_P 
_struct_conf_type.criteria    ? 
_struct_conf_type.reference   ? 
# 
loop_
_struct_conn.id 
_struct_conn.conn_type_id 
_struct_conn.pdbx_leaving_atom_flag 
_struct_conn.pdbx_PDB_id 
_struct_conn.ptnr1_label_asym_id 
_struct_conn.ptnr1_label_comp_id 
_struct_conn.ptnr1_label_seq_id 
_struct_conn.ptnr1_label_atom_id 
_struct_conn.pdbx_ptnr1_label_alt_id 
_struct_conn.pdbx_ptnr1_PDB_ins_code 
_struct_conn.pdbx_ptnr1_standard_comp_id 
_struct_conn.ptnr1_symmetry 
_struct_conn.ptnr2_label_asym_id 
_struct_conn.ptnr2_label_comp_id 
_struct_conn.ptnr2_label_seq_id 
_struct_conn.ptnr2_label_atom_id 
_struct_conn.pdbx_ptnr2_label_alt_id 
_struct_conn.pdbx_ptnr2_PDB_ins_code 
_struct_conn.ptnr1_auth_asym_id 
_struct_conn.ptnr1_auth_comp_id 
_struct_conn.ptnr1_auth_seq_id 
_struct_conn.ptnr2_auth_asym_id 
_struct_conn.ptnr2_auth_comp_id 
_struct_conn.ptnr2_auth_seq_id 
_struct_conn.ptnr2_symmetry 
_struct_conn.pdbx_ptnr3_label_atom_id 
_struct_conn.pdbx_ptnr3_label_seq_id 
_struct_conn.pdbx_ptnr3_label_comp_id 
_struct_conn.pdbx_ptnr3_label_asym_id 
_struct_conn.pdbx_ptnr3_label_alt_id 
_struct_conn.pdbx_ptnr3_PDB_ins_code 
_struct_conn.details 
_struct_conn.pdbx_dist_value 
_struct_conn.pdbx_value_order 
_struct_conn.pdbx_role 
disulf1 disulf ? ? A CYS 26 SG ? ? ? 1_555 A CYS 115 SG ? ? A CYS 27 A CYS 126 1_555 ? ? ? ? ? ? ? 2.049 ? ? 
disulf2 disulf ? ? A CYS 28 SG ? ? ? 1_555 A CYS 44  SG ? ? A CYS 29 A CYS 45  1_555 ? ? ? ? ? ? ? 2.088 ? ? 
disulf3 disulf ? ? A CYS 43 SG ? ? ? 1_555 A CYS 95  SG ? ? A CYS 44 A CYS 105 1_555 ? ? ? ? ? ? ? 2.036 ? ? 
disulf4 disulf ? ? A CYS 49 SG ? ? ? 1_555 A CYS 121 SG ? ? A CYS 50 A CYS 133 1_555 ? ? ? ? ? ? ? 2.015 ? ? 
disulf5 disulf ? ? A CYS 50 SG ? ? ? 1_555 A CYS 88  SG ? ? A CYS 51 A CYS 98  1_555 ? ? ? ? ? ? ? 2.055 ? ? 
disulf6 disulf ? ? A CYS 57 SG ? ? ? 1_555 A CYS 81  SG ? ? A CYS 61 A CYS 91  1_555 ? ? ? ? ? ? ? 2.037 ? ? 
disulf7 disulf ? ? A CYS 75 SG ? ? ? 1_555 A CYS 86  SG ? ? A CYS 84 A CYS 96  1_555 ? ? ? ? ? ? ? 2.065 ? ? 
# 
_struct_conn_type.id          disulf 
_struct_conn_type.criteria    ? 
_struct_conn_type.reference   ? 
# 
loop_
_pdbx_modification_feature.ordinal 
_pdbx_modification_feature.label_comp_id 
_pdbx_modification_feature.label_asym_id 
_pdbx_modification_feature.label_seq_id 
_pdbx_modification_feature.label_alt_id 
_pdbx_modification_feature.modified_residue_label_comp_id 
_pdbx_modification_feature.modified_residue_label_asym_id 
_pdbx_modification_feature.modified_residue_label_seq_id 
_pdbx_modification_feature.modified_residue_label_alt_id 
_pdbx_modification_feature.auth_comp_id 
_pdbx_modification_feature.auth_asym_id 
_pdbx_modification_feature.auth_seq_id 
_pdbx_modification_feature.PDB_ins_code 
_pdbx_modification_feature.symmetry 
_pdbx_modification_feature.modified_residue_auth_comp_id 
_pdbx_modification_feature.modified_residue_auth_asym_id 
_pdbx_modification_feature.modified_residue_auth_seq_id 
_pdbx_modification_feature.modified_residue_PDB_ins_code 
_pdbx_modification_feature.modified_residue_symmetry 
_pdbx_modification_feature.comp_id_linking_atom 
_pdbx_modification_feature.modified_residue_id_linking_atom 
_pdbx_modification_feature.modified_residue_id 
_pdbx_modification_feature.ref_pcm_id 
_pdbx_modification_feature.ref_comp_id 
_pdbx_modification_feature.type 
_pdbx_modification_feature.category 
1 CYS A 26 ? CYS A 115 ? CYS A 27 ? 1_555 CYS A 126 ? 1_555 SG SG . . . None 'Disulfide bridge' 
2 CYS A 28 ? CYS A 44  ? CYS A 29 ? 1_555 CYS A 45  ? 1_555 SG SG . . . None 'Disulfide bridge' 
3 CYS A 43 ? CYS A 95  ? CYS A 44 ? 1_555 CYS A 105 ? 1_555 SG SG . . . None 'Disulfide bridge' 
4 CYS A 49 ? CYS A 121 ? CYS A 50 ? 1_555 CYS A 133 ? 1_555 SG SG . . . None 'Disulfide bridge' 
5 CYS A 50 ? CYS A 88  ? CYS A 51 ? 1_555 CYS A 98  ? 1_555 SG SG . . . None 'Disulfide bridge' 
6 CYS A 57 ? CYS A 81  ? CYS A 61 ? 1_555 CYS A 91  ? 1_555 SG SG . . . None 'Disulfide bridge' 
7 CYS A 75 ? CYS A 86  ? CYS A 84 ? 1_555 CYS A 96  ? 1_555 SG SG . . . None 'Disulfide bridge' 
# 
_struct_mon_prot_cis.pdbx_id                1 
_struct_mon_prot_cis.label_comp_id          ILE 
_struct_mon_prot_cis.label_seq_id           18 
_struct_mon_prot_cis.label_asym_id          A 
_struct_mon_prot_cis.label_alt_id           . 
_struct_mon_prot_cis.pdbx_PDB_ins_code      ? 
_struct_mon_prot_cis.auth_comp_id           ILE 
_struct_mon_prot_cis.auth_seq_id            19 
_struct_mon_prot_cis.auth_asym_id           A 
_struct_mon_prot_cis.pdbx_label_comp_id_2   PRO 
_struct_mon_prot_cis.pdbx_label_seq_id_2    19 
_struct_mon_prot_cis.pdbx_label_asym_id_2   A 
_struct_mon_prot_cis.pdbx_PDB_ins_code_2    ? 
_struct_mon_prot_cis.pdbx_auth_comp_id_2    PRO 
_struct_mon_prot_cis.pdbx_auth_seq_id_2     20 
_struct_mon_prot_cis.pdbx_auth_asym_id_2    A 
_struct_mon_prot_cis.pdbx_PDB_model_num     1 
_struct_mon_prot_cis.pdbx_omega_angle       5.05 
# 
_struct_sheet.id               A 
_struct_sheet.type             ? 
_struct_sheet.number_strands   2 
_struct_sheet.details          ? 
# 
_struct_sheet_order.sheet_id     A 
_struct_sheet_order.range_id_1   1 
_struct_sheet_order.range_id_2   2 
_struct_sheet_order.offset       ? 
_struct_sheet_order.sense        anti-parallel 
# 
loop_
_struct_sheet_range.sheet_id 
_struct_sheet_range.id 
_struct_sheet_range.beg_label_comp_id 
_struct_sheet_range.beg_label_asym_id 
_struct_sheet_range.beg_label_seq_id 
_struct_sheet_range.pdbx_beg_PDB_ins_code 
_struct_sheet_range.end_label_comp_id 
_struct_sheet_range.end_label_asym_id 
_struct_sheet_range.end_label_seq_id 
_struct_sheet_range.pdbx_end_PDB_ins_code 
_struct_sheet_range.beg_auth_comp_id 
_struct_sheet_range.beg_auth_asym_id 
_struct_sheet_range.beg_auth_seq_id 
_struct_sheet_range.end_auth_comp_id 
_struct_sheet_range.end_auth_asym_id 
_struct_sheet_range.end_auth_seq_id 
A 1 TYR A 66 ? VAL A 69 ? TYR A 75 VAL A 78 
A 2 ALA A 72 ? CYS A 75 ? ALA A 81 CYS A 84 
# 
_pdbx_struct_sheet_hbond.sheet_id                A 
_pdbx_struct_sheet_hbond.range_id_1              1 
_pdbx_struct_sheet_hbond.range_id_2              2 
_pdbx_struct_sheet_hbond.range_1_label_atom_id   N 
_pdbx_struct_sheet_hbond.range_1_label_comp_id   LYS 
_pdbx_struct_sheet_hbond.range_1_label_asym_id   A 
_pdbx_struct_sheet_hbond.range_1_label_seq_id    67 
_pdbx_struct_sheet_hbond.range_1_PDB_ins_code    ? 
_pdbx_struct_sheet_hbond.range_1_auth_atom_id    N 
_pdbx_struct_sheet_hbond.range_1_auth_comp_id    LYS 
_pdbx_struct_sheet_hbond.range_1_auth_asym_id    A 
_pdbx_struct_sheet_hbond.range_1_auth_seq_id     76 
_pdbx_struct_sheet_hbond.range_2_label_atom_id   O 
_pdbx_struct_sheet_hbond.range_2_label_comp_id   VAL 
_pdbx_struct_sheet_hbond.range_2_label_asym_id   A 
_pdbx_struct_sheet_hbond.range_2_label_seq_id    74 
_pdbx_struct_sheet_hbond.range_2_PDB_ins_code    ? 
_pdbx_struct_sheet_hbond.range_2_auth_atom_id    O 
_pdbx_struct_sheet_hbond.range_2_auth_comp_id    VAL 
_pdbx_struct_sheet_hbond.range_2_auth_asym_id    A 
_pdbx_struct_sheet_hbond.range_2_auth_seq_id     83 
# 
loop_
_struct_site.id 
_struct_site.pdbx_evidence_code 
_struct_site.pdbx_auth_asym_id 
_struct_site.pdbx_auth_comp_id 
_struct_site.pdbx_auth_seq_id 
_struct_site.pdbx_auth_ins_code 
_struct_site.pdbx_num_residues 
_struct_site.details 
AC1 Software A SO4 342 ? 9 'BINDING SITE FOR RESIDUE SO4 A 342' 
AC2 Software A SO4 343 ? 4 'BINDING SITE FOR RESIDUE SO4 A 343' 
AC3 Software A SO4 344 ? 5 'BINDING SITE FOR RESIDUE SO4 A 344' 
AC4 Software A SO4 345 ? 7 'BINDING SITE FOR RESIDUE SO4 A 345' 
AC5 Software A SO4 346 ? 4 'BINDING SITE FOR RESIDUE SO4 A 346' 
AC6 Software A ANN 347 ? 7 'BINDING SITE FOR RESIDUE ANN A 347' 
# 
loop_
_struct_site_gen.id 
_struct_site_gen.site_id 
_struct_site_gen.pdbx_num_res 
_struct_site_gen.label_comp_id 
_struct_site_gen.label_asym_id 
_struct_site_gen.label_seq_id 
_struct_site_gen.pdbx_auth_ins_code 
_struct_site_gen.auth_comp_id 
_struct_site_gen.auth_asym_id 
_struct_site_gen.auth_seq_id 
_struct_site_gen.label_atom_id 
_struct_site_gen.label_alt_id 
_struct_site_gen.symmetry 
_struct_site_gen.details 
1  AC1 9 GLU A 4   ? GLU A 4   . ? 1_555 ? 
2  AC1 9 ARG A 63  ? ARG A 72  . ? 1_555 ? 
3  AC1 9 LYS A 65  ? LYS A 74  . ? 1_555 ? 
4  AC1 9 HOH H .   ? HOH A 361 . ? 1_555 ? 
5  AC1 9 HOH H .   ? HOH A 363 . ? 1_555 ? 
6  AC1 9 HOH H .   ? HOH A 405 . ? 1_555 ? 
7  AC1 9 HOH H .   ? HOH A 441 . ? 1_555 ? 
8  AC1 9 HOH H .   ? HOH A 494 . ? 1_555 ? 
9  AC1 9 HOH H .   ? HOH A 525 . ? 1_555 ? 
10 AC2 4 ARG A 42  ? ARG A 43  . ? 1_555 ? 
11 AC2 4 HOH H .   ? HOH A 422 . ? 1_555 ? 
12 AC2 4 HOH H .   ? HOH A 467 . ? 1_555 ? 
13 AC2 4 HOH H .   ? HOH A 522 . ? 3_754 ? 
14 AC3 5 TYR A 103 ? TYR A 113 . ? 1_555 ? 
15 AC3 5 SER A 104 ? SER A 114 . ? 1_555 ? 
16 AC3 5 LYS A 105 ? LYS A 115 . ? 1_555 ? 
17 AC3 5 LYS A 120 ? LYS A 131 . ? 3_744 ? 
18 AC3 5 HOH H .   ? HOH A 526 . ? 1_555 ? 
19 AC4 7 ALA A 72  ? ALA A 81  . ? 1_555 ? 
20 AC4 7 LYS A 77  ? LYS A 86  . ? 3_754 ? 
21 AC4 7 LYS A 90  ? LYS A 100 . ? 1_555 ? 
22 AC4 7 SO4 F .   ? SO4 A 346 . ? 1_555 ? 
23 AC4 7 HOH H .   ? HOH A 357 . ? 1_555 ? 
24 AC4 7 HOH H .   ? HOH A 456 . ? 1_555 ? 
25 AC4 7 HOH H .   ? HOH A 475 . ? 1_555 ? 
26 AC5 4 LYS A 77  ? LYS A 86  . ? 3_754 ? 
27 AC5 4 SER A 80  ? SER A 90  . ? 3_754 ? 
28 AC5 4 ASN A 83  ? ASN A 93  . ? 3_754 ? 
29 AC5 4 SO4 E .   ? SO4 A 345 . ? 1_555 ? 
30 AC6 7 LEU A 2   ? LEU A 2   . ? 1_555 ? 
31 AC6 7 TYR A 21  ? TYR A 22  . ? 1_555 ? 
32 AC6 7 GLY A 29  ? GLY A 30  . ? 1_555 ? 
33 AC6 7 PHE A 96  ? PHE A 106 . ? 1_555 ? 
34 AC6 7 HOH H .   ? HOH A 511 . ? 1_555 ? 
35 AC6 7 HOH H .   ? HOH A 548 . ? 1_555 ? 
36 AC6 7 HOH H .   ? HOH A 554 . ? 1_555 ? 
# 
_pdbx_entry_details.entry_id                   1SV3 
_pdbx_entry_details.compound_details           ? 
_pdbx_entry_details.source_details             ? 
_pdbx_entry_details.nonpolymer_details         ? 
_pdbx_entry_details.sequence_details           ? 
_pdbx_entry_details.has_ligand_of_interest     ? 
_pdbx_entry_details.has_protein_modification   Y 
# 
_pdbx_validate_rmsd_angle.id                         1 
_pdbx_validate_rmsd_angle.PDB_model_num              1 
_pdbx_validate_rmsd_angle.auth_atom_id_1             CB 
_pdbx_validate_rmsd_angle.auth_asym_id_1             A 
_pdbx_validate_rmsd_angle.auth_comp_id_1             ASP 
_pdbx_validate_rmsd_angle.auth_seq_id_1              59 
_pdbx_validate_rmsd_angle.PDB_ins_code_1             ? 
_pdbx_validate_rmsd_angle.label_alt_id_1             ? 
_pdbx_validate_rmsd_angle.auth_atom_id_2             CG 
_pdbx_validate_rmsd_angle.auth_asym_id_2             A 
_pdbx_validate_rmsd_angle.auth_comp_id_2             ASP 
_pdbx_validate_rmsd_angle.auth_seq_id_2              59 
_pdbx_validate_rmsd_angle.PDB_ins_code_2             ? 
_pdbx_validate_rmsd_angle.label_alt_id_2             ? 
_pdbx_validate_rmsd_angle.auth_atom_id_3             OD2 
_pdbx_validate_rmsd_angle.auth_asym_id_3             A 
_pdbx_validate_rmsd_angle.auth_comp_id_3             ASP 
_pdbx_validate_rmsd_angle.auth_seq_id_3              59 
_pdbx_validate_rmsd_angle.PDB_ins_code_3             ? 
_pdbx_validate_rmsd_angle.label_alt_id_3             ? 
_pdbx_validate_rmsd_angle.angle_value                124.86 
_pdbx_validate_rmsd_angle.angle_target_value         118.30 
_pdbx_validate_rmsd_angle.angle_deviation            6.56 
_pdbx_validate_rmsd_angle.angle_standard_deviation   0.90 
_pdbx_validate_rmsd_angle.linker_flag                N 
# 
loop_
_pdbx_validate_torsion.id 
_pdbx_validate_torsion.PDB_model_num 
_pdbx_validate_torsion.auth_comp_id 
_pdbx_validate_torsion.auth_asym_id 
_pdbx_validate_torsion.auth_seq_id 
_pdbx_validate_torsion.PDB_ins_code 
_pdbx_validate_torsion.label_alt_id 
_pdbx_validate_torsion.phi 
_pdbx_validate_torsion.psi 
1 1 SER A 24 ? ? -146.91 34.49   
2 1 TRP A 31 ? ? 172.41  53.15   
3 1 ASN A 79 ? ? 78.26   -122.16 
# 
loop_
_chem_comp_atom.comp_id 
_chem_comp_atom.atom_id 
_chem_comp_atom.type_symbol 
_chem_comp_atom.pdbx_aromatic_flag 
_chem_comp_atom.pdbx_stereo_config 
_chem_comp_atom.pdbx_ordinal 
ALA N    N N N 1   
ALA CA   C N S 2   
ALA C    C N N 3   
ALA O    O N N 4   
ALA CB   C N N 5   
ALA OXT  O N N 6   
ALA H    H N N 7   
ALA H2   H N N 8   
ALA HA   H N N 9   
ALA HB1  H N N 10  
ALA HB2  H N N 11  
ALA HB3  H N N 12  
ALA HXT  H N N 13  
ANN C8   C N N 14  
ANN O3   O N N 15  
ANN C5   C Y N 16  
ANN C6   C Y N 17  
ANN C7   C Y N 18  
ANN C2   C Y N 19  
ANN C3   C Y N 20  
ANN C4   C Y N 21  
ANN C1   C N N 22  
ANN O1   O N N 23  
ANN O2   O N N 24  
ANN H81  H N N 25  
ANN H82  H N N 26  
ANN H83  H N N 27  
ANN H6   H N N 28  
ANN H7   H N N 29  
ANN H3   H N N 30  
ANN H4   H N N 31  
ANN HO1  H N N 32  
ARG N    N N N 33  
ARG CA   C N S 34  
ARG C    C N N 35  
ARG O    O N N 36  
ARG CB   C N N 37  
ARG CG   C N N 38  
ARG CD   C N N 39  
ARG NE   N N N 40  
ARG CZ   C N N 41  
ARG NH1  N N N 42  
ARG NH2  N N N 43  
ARG OXT  O N N 44  
ARG H    H N N 45  
ARG H2   H N N 46  
ARG HA   H N N 47  
ARG HB2  H N N 48  
ARG HB3  H N N 49  
ARG HG2  H N N 50  
ARG HG3  H N N 51  
ARG HD2  H N N 52  
ARG HD3  H N N 53  
ARG HE   H N N 54  
ARG HH11 H N N 55  
ARG HH12 H N N 56  
ARG HH21 H N N 57  
ARG HH22 H N N 58  
ARG HXT  H N N 59  
ASN N    N N N 60  
ASN CA   C N S 61  
ASN C    C N N 62  
ASN O    O N N 63  
ASN CB   C N N 64  
ASN CG   C N N 65  
ASN OD1  O N N 66  
ASN ND2  N N N 67  
ASN OXT  O N N 68  
ASN H    H N N 69  
ASN H2   H N N 70  
ASN HA   H N N 71  
ASN HB2  H N N 72  
ASN HB3  H N N 73  
ASN HD21 H N N 74  
ASN HD22 H N N 75  
ASN HXT  H N N 76  
ASP N    N N N 77  
ASP CA   C N S 78  
ASP C    C N N 79  
ASP O    O N N 80  
ASP CB   C N N 81  
ASP CG   C N N 82  
ASP OD1  O N N 83  
ASP OD2  O N N 84  
ASP OXT  O N N 85  
ASP H    H N N 86  
ASP H2   H N N 87  
ASP HA   H N N 88  
ASP HB2  H N N 89  
ASP HB3  H N N 90  
ASP HD2  H N N 91  
ASP HXT  H N N 92  
CYS N    N N N 93  
CYS CA   C N R 94  
CYS C    C N N 95  
CYS O    O N N 96  
CYS CB   C N N 97  
CYS SG   S N N 98  
CYS OXT  O N N 99  
CYS H    H N N 100 
CYS H2   H N N 101 
CYS HA   H N N 102 
CYS HB2  H N N 103 
CYS HB3  H N N 104 
CYS HG   H N N 105 
CYS HXT  H N N 106 
GLN N    N N N 107 
GLN CA   C N S 108 
GLN C    C N N 109 
GLN O    O N N 110 
GLN CB   C N N 111 
GLN CG   C N N 112 
GLN CD   C N N 113 
GLN OE1  O N N 114 
GLN NE2  N N N 115 
GLN OXT  O N N 116 
GLN H    H N N 117 
GLN H2   H N N 118 
GLN HA   H N N 119 
GLN HB2  H N N 120 
GLN HB3  H N N 121 
GLN HG2  H N N 122 
GLN HG3  H N N 123 
GLN HE21 H N N 124 
GLN HE22 H N N 125 
GLN HXT  H N N 126 
GLU N    N N N 127 
GLU CA   C N S 128 
GLU C    C N N 129 
GLU O    O N N 130 
GLU CB   C N N 131 
GLU CG   C N N 132 
GLU CD   C N N 133 
GLU OE1  O N N 134 
GLU OE2  O N N 135 
GLU OXT  O N N 136 
GLU H    H N N 137 
GLU H2   H N N 138 
GLU HA   H N N 139 
GLU HB2  H N N 140 
GLU HB3  H N N 141 
GLU HG2  H N N 142 
GLU HG3  H N N 143 
GLU HE2  H N N 144 
GLU HXT  H N N 145 
GLY N    N N N 146 
GLY CA   C N N 147 
GLY C    C N N 148 
GLY O    O N N 149 
GLY OXT  O N N 150 
GLY H    H N N 151 
GLY H2   H N N 152 
GLY HA2  H N N 153 
GLY HA3  H N N 154 
GLY HXT  H N N 155 
HIS N    N N N 156 
HIS CA   C N S 157 
HIS C    C N N 158 
HIS O    O N N 159 
HIS CB   C N N 160 
HIS CG   C Y N 161 
HIS ND1  N Y N 162 
HIS CD2  C Y N 163 
HIS CE1  C Y N 164 
HIS NE2  N Y N 165 
HIS OXT  O N N 166 
HIS H    H N N 167 
HIS H2   H N N 168 
HIS HA   H N N 169 
HIS HB2  H N N 170 
HIS HB3  H N N 171 
HIS HD1  H N N 172 
HIS HD2  H N N 173 
HIS HE1  H N N 174 
HIS HE2  H N N 175 
HIS HXT  H N N 176 
HOH O    O N N 177 
HOH H1   H N N 178 
HOH H2   H N N 179 
ILE N    N N N 180 
ILE CA   C N S 181 
ILE C    C N N 182 
ILE O    O N N 183 
ILE CB   C N S 184 
ILE CG1  C N N 185 
ILE CG2  C N N 186 
ILE CD1  C N N 187 
ILE OXT  O N N 188 
ILE H    H N N 189 
ILE H2   H N N 190 
ILE HA   H N N 191 
ILE HB   H N N 192 
ILE HG12 H N N 193 
ILE HG13 H N N 194 
ILE HG21 H N N 195 
ILE HG22 H N N 196 
ILE HG23 H N N 197 
ILE HD11 H N N 198 
ILE HD12 H N N 199 
ILE HD13 H N N 200 
ILE HXT  H N N 201 
LEU N    N N N 202 
LEU CA   C N S 203 
LEU C    C N N 204 
LEU O    O N N 205 
LEU CB   C N N 206 
LEU CG   C N N 207 
LEU CD1  C N N 208 
LEU CD2  C N N 209 
LEU OXT  O N N 210 
LEU H    H N N 211 
LEU H2   H N N 212 
LEU HA   H N N 213 
LEU HB2  H N N 214 
LEU HB3  H N N 215 
LEU HG   H N N 216 
LEU HD11 H N N 217 
LEU HD12 H N N 218 
LEU HD13 H N N 219 
LEU HD21 H N N 220 
LEU HD22 H N N 221 
LEU HD23 H N N 222 
LEU HXT  H N N 223 
LYS N    N N N 224 
LYS CA   C N S 225 
LYS C    C N N 226 
LYS O    O N N 227 
LYS CB   C N N 228 
LYS CG   C N N 229 
LYS CD   C N N 230 
LYS CE   C N N 231 
LYS NZ   N N N 232 
LYS OXT  O N N 233 
LYS H    H N N 234 
LYS H2   H N N 235 
LYS HA   H N N 236 
LYS HB2  H N N 237 
LYS HB3  H N N 238 
LYS HG2  H N N 239 
LYS HG3  H N N 240 
LYS HD2  H N N 241 
LYS HD3  H N N 242 
LYS HE2  H N N 243 
LYS HE3  H N N 244 
LYS HZ1  H N N 245 
LYS HZ2  H N N 246 
LYS HZ3  H N N 247 
LYS HXT  H N N 248 
MET N    N N N 249 
MET CA   C N S 250 
MET C    C N N 251 
MET O    O N N 252 
MET CB   C N N 253 
MET CG   C N N 254 
MET SD   S N N 255 
MET CE   C N N 256 
MET OXT  O N N 257 
MET H    H N N 258 
MET H2   H N N 259 
MET HA   H N N 260 
MET HB2  H N N 261 
MET HB3  H N N 262 
MET HG2  H N N 263 
MET HG3  H N N 264 
MET HE1  H N N 265 
MET HE2  H N N 266 
MET HE3  H N N 267 
MET HXT  H N N 268 
PHE N    N N N 269 
PHE CA   C N S 270 
PHE C    C N N 271 
PHE O    O N N 272 
PHE CB   C N N 273 
PHE CG   C Y N 274 
PHE CD1  C Y N 275 
PHE CD2  C Y N 276 
PHE CE1  C Y N 277 
PHE CE2  C Y N 278 
PHE CZ   C Y N 279 
PHE OXT  O N N 280 
PHE H    H N N 281 
PHE H2   H N N 282 
PHE HA   H N N 283 
PHE HB2  H N N 284 
PHE HB3  H N N 285 
PHE HD1  H N N 286 
PHE HD2  H N N 287 
PHE HE1  H N N 288 
PHE HE2  H N N 289 
PHE HZ   H N N 290 
PHE HXT  H N N 291 
PRO N    N N N 292 
PRO CA   C N S 293 
PRO C    C N N 294 
PRO O    O N N 295 
PRO CB   C N N 296 
PRO CG   C N N 297 
PRO CD   C N N 298 
PRO OXT  O N N 299 
PRO H    H N N 300 
PRO HA   H N N 301 
PRO HB2  H N N 302 
PRO HB3  H N N 303 
PRO HG2  H N N 304 
PRO HG3  H N N 305 
PRO HD2  H N N 306 
PRO HD3  H N N 307 
PRO HXT  H N N 308 
SER N    N N N 309 
SER CA   C N S 310 
SER C    C N N 311 
SER O    O N N 312 
SER CB   C N N 313 
SER OG   O N N 314 
SER OXT  O N N 315 
SER H    H N N 316 
SER H2   H N N 317 
SER HA   H N N 318 
SER HB2  H N N 319 
SER HB3  H N N 320 
SER HG   H N N 321 
SER HXT  H N N 322 
SO4 S    S N N 323 
SO4 O1   O N N 324 
SO4 O2   O N N 325 
SO4 O3   O N N 326 
SO4 O4   O N N 327 
THR N    N N N 328 
THR CA   C N S 329 
THR C    C N N 330 
THR O    O N N 331 
THR CB   C N R 332 
THR OG1  O N N 333 
THR CG2  C N N 334 
THR OXT  O N N 335 
THR H    H N N 336 
THR H2   H N N 337 
THR HA   H N N 338 
THR HB   H N N 339 
THR HG1  H N N 340 
THR HG21 H N N 341 
THR HG22 H N N 342 
THR HG23 H N N 343 
THR HXT  H N N 344 
TRP N    N N N 345 
TRP CA   C N S 346 
TRP C    C N N 347 
TRP O    O N N 348 
TRP CB   C N N 349 
TRP CG   C Y N 350 
TRP CD1  C Y N 351 
TRP CD2  C Y N 352 
TRP NE1  N Y N 353 
TRP CE2  C Y N 354 
TRP CE3  C Y N 355 
TRP CZ2  C Y N 356 
TRP CZ3  C Y N 357 
TRP CH2  C Y N 358 
TRP OXT  O N N 359 
TRP H    H N N 360 
TRP H2   H N N 361 
TRP HA   H N N 362 
TRP HB2  H N N 363 
TRP HB3  H N N 364 
TRP HD1  H N N 365 
TRP HE1  H N N 366 
TRP HE3  H N N 367 
TRP HZ2  H N N 368 
TRP HZ3  H N N 369 
TRP HH2  H N N 370 
TRP HXT  H N N 371 
TYR N    N N N 372 
TYR CA   C N S 373 
TYR C    C N N 374 
TYR O    O N N 375 
TYR CB   C N N 376 
TYR CG   C Y N 377 
TYR CD1  C Y N 378 
TYR CD2  C Y N 379 
TYR CE1  C Y N 380 
TYR CE2  C Y N 381 
TYR CZ   C Y N 382 
TYR OH   O N N 383 
TYR OXT  O N N 384 
TYR H    H N N 385 
TYR H2   H N N 386 
TYR HA   H N N 387 
TYR HB2  H N N 388 
TYR HB3  H N N 389 
TYR HD1  H N N 390 
TYR HD2  H N N 391 
TYR HE1  H N N 392 
TYR HE2  H N N 393 
TYR HH   H N N 394 
TYR HXT  H N N 395 
VAL N    N N N 396 
VAL CA   C N S 397 
VAL C    C N N 398 
VAL O    O N N 399 
VAL CB   C N N 400 
VAL CG1  C N N 401 
VAL CG2  C N N 402 
VAL OXT  O N N 403 
VAL H    H N N 404 
VAL H2   H N N 405 
VAL HA   H N N 406 
VAL HB   H N N 407 
VAL HG11 H N N 408 
VAL HG12 H N N 409 
VAL HG13 H N N 410 
VAL HG21 H N N 411 
VAL HG22 H N N 412 
VAL HG23 H N N 413 
VAL HXT  H N N 414 
# 
loop_
_chem_comp_bond.comp_id 
_chem_comp_bond.atom_id_1 
_chem_comp_bond.atom_id_2 
_chem_comp_bond.value_order 
_chem_comp_bond.pdbx_aromatic_flag 
_chem_comp_bond.pdbx_stereo_config 
_chem_comp_bond.pdbx_ordinal 
ALA N   CA   sing N N 1   
ALA N   H    sing N N 2   
ALA N   H2   sing N N 3   
ALA CA  C    sing N N 4   
ALA CA  CB   sing N N 5   
ALA CA  HA   sing N N 6   
ALA C   O    doub N N 7   
ALA C   OXT  sing N N 8   
ALA CB  HB1  sing N N 9   
ALA CB  HB2  sing N N 10  
ALA CB  HB3  sing N N 11  
ALA OXT HXT  sing N N 12  
ANN C8  O3   sing N N 13  
ANN C8  H81  sing N N 14  
ANN C8  H82  sing N N 15  
ANN C8  H83  sing N N 16  
ANN O3  C5   sing N N 17  
ANN C5  C6   doub Y N 18  
ANN C5  C4   sing Y N 19  
ANN C6  C7   sing Y N 20  
ANN C6  H6   sing N N 21  
ANN C7  C2   doub Y N 22  
ANN C7  H7   sing N N 23  
ANN C2  C3   sing Y N 24  
ANN C2  C1   sing N N 25  
ANN C3  C4   doub Y N 26  
ANN C3  H3   sing N N 27  
ANN C4  H4   sing N N 28  
ANN C1  O1   sing N N 29  
ANN C1  O2   doub N N 30  
ANN O1  HO1  sing N N 31  
ARG N   CA   sing N N 32  
ARG N   H    sing N N 33  
ARG N   H2   sing N N 34  
ARG CA  C    sing N N 35  
ARG CA  CB   sing N N 36  
ARG CA  HA   sing N N 37  
ARG C   O    doub N N 38  
ARG C   OXT  sing N N 39  
ARG CB  CG   sing N N 40  
ARG CB  HB2  sing N N 41  
ARG CB  HB3  sing N N 42  
ARG CG  CD   sing N N 43  
ARG CG  HG2  sing N N 44  
ARG CG  HG3  sing N N 45  
ARG CD  NE   sing N N 46  
ARG CD  HD2  sing N N 47  
ARG CD  HD3  sing N N 48  
ARG NE  CZ   sing N N 49  
ARG NE  HE   sing N N 50  
ARG CZ  NH1  sing N N 51  
ARG CZ  NH2  doub N N 52  
ARG NH1 HH11 sing N N 53  
ARG NH1 HH12 sing N N 54  
ARG NH2 HH21 sing N N 55  
ARG NH2 HH22 sing N N 56  
ARG OXT HXT  sing N N 57  
ASN N   CA   sing N N 58  
ASN N   H    sing N N 59  
ASN N   H2   sing N N 60  
ASN CA  C    sing N N 61  
ASN CA  CB   sing N N 62  
ASN CA  HA   sing N N 63  
ASN C   O    doub N N 64  
ASN C   OXT  sing N N 65  
ASN CB  CG   sing N N 66  
ASN CB  HB2  sing N N 67  
ASN CB  HB3  sing N N 68  
ASN CG  OD1  doub N N 69  
ASN CG  ND2  sing N N 70  
ASN ND2 HD21 sing N N 71  
ASN ND2 HD22 sing N N 72  
ASN OXT HXT  sing N N 73  
ASP N   CA   sing N N 74  
ASP N   H    sing N N 75  
ASP N   H2   sing N N 76  
ASP CA  C    sing N N 77  
ASP CA  CB   sing N N 78  
ASP CA  HA   sing N N 79  
ASP C   O    doub N N 80  
ASP C   OXT  sing N N 81  
ASP CB  CG   sing N N 82  
ASP CB  HB2  sing N N 83  
ASP CB  HB3  sing N N 84  
ASP CG  OD1  doub N N 85  
ASP CG  OD2  sing N N 86  
ASP OD2 HD2  sing N N 87  
ASP OXT HXT  sing N N 88  
CYS N   CA   sing N N 89  
CYS N   H    sing N N 90  
CYS N   H2   sing N N 91  
CYS CA  C    sing N N 92  
CYS CA  CB   sing N N 93  
CYS CA  HA   sing N N 94  
CYS C   O    doub N N 95  
CYS C   OXT  sing N N 96  
CYS CB  SG   sing N N 97  
CYS CB  HB2  sing N N 98  
CYS CB  HB3  sing N N 99  
CYS SG  HG   sing N N 100 
CYS OXT HXT  sing N N 101 
GLN N   CA   sing N N 102 
GLN N   H    sing N N 103 
GLN N   H2   sing N N 104 
GLN CA  C    sing N N 105 
GLN CA  CB   sing N N 106 
GLN CA  HA   sing N N 107 
GLN C   O    doub N N 108 
GLN C   OXT  sing N N 109 
GLN CB  CG   sing N N 110 
GLN CB  HB2  sing N N 111 
GLN CB  HB3  sing N N 112 
GLN CG  CD   sing N N 113 
GLN CG  HG2  sing N N 114 
GLN CG  HG3  sing N N 115 
GLN CD  OE1  doub N N 116 
GLN CD  NE2  sing N N 117 
GLN NE2 HE21 sing N N 118 
GLN NE2 HE22 sing N N 119 
GLN OXT HXT  sing N N 120 
GLU N   CA   sing N N 121 
GLU N   H    sing N N 122 
GLU N   H2   sing N N 123 
GLU CA  C    sing N N 124 
GLU CA  CB   sing N N 125 
GLU CA  HA   sing N N 126 
GLU C   O    doub N N 127 
GLU C   OXT  sing N N 128 
GLU CB  CG   sing N N 129 
GLU CB  HB2  sing N N 130 
GLU CB  HB3  sing N N 131 
GLU CG  CD   sing N N 132 
GLU CG  HG2  sing N N 133 
GLU CG  HG3  sing N N 134 
GLU CD  OE1  doub N N 135 
GLU CD  OE2  sing N N 136 
GLU OE2 HE2  sing N N 137 
GLU OXT HXT  sing N N 138 
GLY N   CA   sing N N 139 
GLY N   H    sing N N 140 
GLY N   H2   sing N N 141 
GLY CA  C    sing N N 142 
GLY CA  HA2  sing N N 143 
GLY CA  HA3  sing N N 144 
GLY C   O    doub N N 145 
GLY C   OXT  sing N N 146 
GLY OXT HXT  sing N N 147 
HIS N   CA   sing N N 148 
HIS N   H    sing N N 149 
HIS N   H2   sing N N 150 
HIS CA  C    sing N N 151 
HIS CA  CB   sing N N 152 
HIS CA  HA   sing N N 153 
HIS C   O    doub N N 154 
HIS C   OXT  sing N N 155 
HIS CB  CG   sing N N 156 
HIS CB  HB2  sing N N 157 
HIS CB  HB3  sing N N 158 
HIS CG  ND1  sing Y N 159 
HIS CG  CD2  doub Y N 160 
HIS ND1 CE1  doub Y N 161 
HIS ND1 HD1  sing N N 162 
HIS CD2 NE2  sing Y N 163 
HIS CD2 HD2  sing N N 164 
HIS CE1 NE2  sing Y N 165 
HIS CE1 HE1  sing N N 166 
HIS NE2 HE2  sing N N 167 
HIS OXT HXT  sing N N 168 
HOH O   H1   sing N N 169 
HOH O   H2   sing N N 170 
ILE N   CA   sing N N 171 
ILE N   H    sing N N 172 
ILE N   H2   sing N N 173 
ILE CA  C    sing N N 174 
ILE CA  CB   sing N N 175 
ILE CA  HA   sing N N 176 
ILE C   O    doub N N 177 
ILE C   OXT  sing N N 178 
ILE CB  CG1  sing N N 179 
ILE CB  CG2  sing N N 180 
ILE CB  HB   sing N N 181 
ILE CG1 CD1  sing N N 182 
ILE CG1 HG12 sing N N 183 
ILE CG1 HG13 sing N N 184 
ILE CG2 HG21 sing N N 185 
ILE CG2 HG22 sing N N 186 
ILE CG2 HG23 sing N N 187 
ILE CD1 HD11 sing N N 188 
ILE CD1 HD12 sing N N 189 
ILE CD1 HD13 sing N N 190 
ILE OXT HXT  sing N N 191 
LEU N   CA   sing N N 192 
LEU N   H    sing N N 193 
LEU N   H2   sing N N 194 
LEU CA  C    sing N N 195 
LEU CA  CB   sing N N 196 
LEU CA  HA   sing N N 197 
LEU C   O    doub N N 198 
LEU C   OXT  sing N N 199 
LEU CB  CG   sing N N 200 
LEU CB  HB2  sing N N 201 
LEU CB  HB3  sing N N 202 
LEU CG  CD1  sing N N 203 
LEU CG  CD2  sing N N 204 
LEU CG  HG   sing N N 205 
LEU CD1 HD11 sing N N 206 
LEU CD1 HD12 sing N N 207 
LEU CD1 HD13 sing N N 208 
LEU CD2 HD21 sing N N 209 
LEU CD2 HD22 sing N N 210 
LEU CD2 HD23 sing N N 211 
LEU OXT HXT  sing N N 212 
LYS N   CA   sing N N 213 
LYS N   H    sing N N 214 
LYS N   H2   sing N N 215 
LYS CA  C    sing N N 216 
LYS CA  CB   sing N N 217 
LYS CA  HA   sing N N 218 
LYS C   O    doub N N 219 
LYS C   OXT  sing N N 220 
LYS CB  CG   sing N N 221 
LYS CB  HB2  sing N N 222 
LYS CB  HB3  sing N N 223 
LYS CG  CD   sing N N 224 
LYS CG  HG2  sing N N 225 
LYS CG  HG3  sing N N 226 
LYS CD  CE   sing N N 227 
LYS CD  HD2  sing N N 228 
LYS CD  HD3  sing N N 229 
LYS CE  NZ   sing N N 230 
LYS CE  HE2  sing N N 231 
LYS CE  HE3  sing N N 232 
LYS NZ  HZ1  sing N N 233 
LYS NZ  HZ2  sing N N 234 
LYS NZ  HZ3  sing N N 235 
LYS OXT HXT  sing N N 236 
MET N   CA   sing N N 237 
MET N   H    sing N N 238 
MET N   H2   sing N N 239 
MET CA  C    sing N N 240 
MET CA  CB   sing N N 241 
MET CA  HA   sing N N 242 
MET C   O    doub N N 243 
MET C   OXT  sing N N 244 
MET CB  CG   sing N N 245 
MET CB  HB2  sing N N 246 
MET CB  HB3  sing N N 247 
MET CG  SD   sing N N 248 
MET CG  HG2  sing N N 249 
MET CG  HG3  sing N N 250 
MET SD  CE   sing N N 251 
MET CE  HE1  sing N N 252 
MET CE  HE2  sing N N 253 
MET CE  HE3  sing N N 254 
MET OXT HXT  sing N N 255 
PHE N   CA   sing N N 256 
PHE N   H    sing N N 257 
PHE N   H2   sing N N 258 
PHE CA  C    sing N N 259 
PHE CA  CB   sing N N 260 
PHE CA  HA   sing N N 261 
PHE C   O    doub N N 262 
PHE C   OXT  sing N N 263 
PHE CB  CG   sing N N 264 
PHE CB  HB2  sing N N 265 
PHE CB  HB3  sing N N 266 
PHE CG  CD1  doub Y N 267 
PHE CG  CD2  sing Y N 268 
PHE CD1 CE1  sing Y N 269 
PHE CD1 HD1  sing N N 270 
PHE CD2 CE2  doub Y N 271 
PHE CD2 HD2  sing N N 272 
PHE CE1 CZ   doub Y N 273 
PHE CE1 HE1  sing N N 274 
PHE CE2 CZ   sing Y N 275 
PHE CE2 HE2  sing N N 276 
PHE CZ  HZ   sing N N 277 
PHE OXT HXT  sing N N 278 
PRO N   CA   sing N N 279 
PRO N   CD   sing N N 280 
PRO N   H    sing N N 281 
PRO CA  C    sing N N 282 
PRO CA  CB   sing N N 283 
PRO CA  HA   sing N N 284 
PRO C   O    doub N N 285 
PRO C   OXT  sing N N 286 
PRO CB  CG   sing N N 287 
PRO CB  HB2  sing N N 288 
PRO CB  HB3  sing N N 289 
PRO CG  CD   sing N N 290 
PRO CG  HG2  sing N N 291 
PRO CG  HG3  sing N N 292 
PRO CD  HD2  sing N N 293 
PRO CD  HD3  sing N N 294 
PRO OXT HXT  sing N N 295 
SER N   CA   sing N N 296 
SER N   H    sing N N 297 
SER N   H2   sing N N 298 
SER CA  C    sing N N 299 
SER CA  CB   sing N N 300 
SER CA  HA   sing N N 301 
SER C   O    doub N N 302 
SER C   OXT  sing N N 303 
SER CB  OG   sing N N 304 
SER CB  HB2  sing N N 305 
SER CB  HB3  sing N N 306 
SER OG  HG   sing N N 307 
SER OXT HXT  sing N N 308 
SO4 S   O1   doub N N 309 
SO4 S   O2   doub N N 310 
SO4 S   O3   sing N N 311 
SO4 S   O4   sing N N 312 
THR N   CA   sing N N 313 
THR N   H    sing N N 314 
THR N   H2   sing N N 315 
THR CA  C    sing N N 316 
THR CA  CB   sing N N 317 
THR CA  HA   sing N N 318 
THR C   O    doub N N 319 
THR C   OXT  sing N N 320 
THR CB  OG1  sing N N 321 
THR CB  CG2  sing N N 322 
THR CB  HB   sing N N 323 
THR OG1 HG1  sing N N 324 
THR CG2 HG21 sing N N 325 
THR CG2 HG22 sing N N 326 
THR CG2 HG23 sing N N 327 
THR OXT HXT  sing N N 328 
TRP N   CA   sing N N 329 
TRP N   H    sing N N 330 
TRP N   H2   sing N N 331 
TRP CA  C    sing N N 332 
TRP CA  CB   sing N N 333 
TRP CA  HA   sing N N 334 
TRP C   O    doub N N 335 
TRP C   OXT  sing N N 336 
TRP CB  CG   sing N N 337 
TRP CB  HB2  sing N N 338 
TRP CB  HB3  sing N N 339 
TRP CG  CD1  doub Y N 340 
TRP CG  CD2  sing Y N 341 
TRP CD1 NE1  sing Y N 342 
TRP CD1 HD1  sing N N 343 
TRP CD2 CE2  doub Y N 344 
TRP CD2 CE3  sing Y N 345 
TRP NE1 CE2  sing Y N 346 
TRP NE1 HE1  sing N N 347 
TRP CE2 CZ2  sing Y N 348 
TRP CE3 CZ3  doub Y N 349 
TRP CE3 HE3  sing N N 350 
TRP CZ2 CH2  doub Y N 351 
TRP CZ2 HZ2  sing N N 352 
TRP CZ3 CH2  sing Y N 353 
TRP CZ3 HZ3  sing N N 354 
TRP CH2 HH2  sing N N 355 
TRP OXT HXT  sing N N 356 
TYR N   CA   sing N N 357 
TYR N   H    sing N N 358 
TYR N   H2   sing N N 359 
TYR CA  C    sing N N 360 
TYR CA  CB   sing N N 361 
TYR CA  HA   sing N N 362 
TYR C   O    doub N N 363 
TYR C   OXT  sing N N 364 
TYR CB  CG   sing N N 365 
TYR CB  HB2  sing N N 366 
TYR CB  HB3  sing N N 367 
TYR CG  CD1  doub Y N 368 
TYR CG  CD2  sing Y N 369 
TYR CD1 CE1  sing Y N 370 
TYR CD1 HD1  sing N N 371 
TYR CD2 CE2  doub Y N 372 
TYR CD2 HD2  sing N N 373 
TYR CE1 CZ   doub Y N 374 
TYR CE1 HE1  sing N N 375 
TYR CE2 CZ   sing Y N 376 
TYR CE2 HE2  sing N N 377 
TYR CZ  OH   sing N N 378 
TYR OH  HH   sing N N 379 
TYR OXT HXT  sing N N 380 
VAL N   CA   sing N N 381 
VAL N   H    sing N N 382 
VAL N   H2   sing N N 383 
VAL CA  C    sing N N 384 
VAL CA  CB   sing N N 385 
VAL CA  HA   sing N N 386 
VAL C   O    doub N N 387 
VAL C   OXT  sing N N 388 
VAL CB  CG1  sing N N 389 
VAL CB  CG2  sing N N 390 
VAL CB  HB   sing N N 391 
VAL CG1 HG11 sing N N 392 
VAL CG1 HG12 sing N N 393 
VAL CG1 HG13 sing N N 394 
VAL CG2 HG21 sing N N 395 
VAL CG2 HG22 sing N N 396 
VAL CG2 HG23 sing N N 397 
VAL OXT HXT  sing N N 398 
# 
_pdbx_initial_refinement_model.id               1 
_pdbx_initial_refinement_model.entity_id_list   ? 
_pdbx_initial_refinement_model.type             'experimental model' 
_pdbx_initial_refinement_model.source_name      PDB 
_pdbx_initial_refinement_model.accession_code   1FB2 
_pdbx_initial_refinement_model.details          ? 
# 
_atom_sites.entry_id                    1SV3 
_atom_sites.fract_transf_matrix[1][1]   0.00402729 
_atom_sites.fract_transf_matrix[1][2]   -0.01791699 
_atom_sites.fract_transf_matrix[1][3]   -0.00495974 
_atom_sites.fract_transf_matrix[2][1]   -0.01467426 
_atom_sites.fract_transf_matrix[2][2]   -0.00617940 
_atom_sites.fract_transf_matrix[2][3]   0.01040757 
_atom_sites.fract_transf_matrix[3][1]   -0.01254708 
_atom_sites.fract_transf_matrix[3][2]   0.00178371 
_atom_sites.fract_transf_matrix[3][3]   -0.01663181 
_atom_sites.fract_transf_vector[1]      0.972951 
_atom_sites.fract_transf_vector[2]      0.661687 
_atom_sites.fract_transf_vector[3]      0.002814 
# 
loop_
_atom_type.symbol 
C 
N 
O 
S 
# 
loop_
_atom_site.group_PDB 
_atom_site.id 
_atom_site.type_symbol 
_atom_site.label_atom_id 
_atom_site.label_alt_id 
_atom_site.label_comp_id 
_atom_site.label_asym_id 
_atom_site.label_entity_id 
_atom_site.label_seq_id 
_atom_site.pdbx_PDB_ins_code 
_atom_site.Cartn_x 
_atom_site.Cartn_y 
_atom_site.Cartn_z 
_atom_site.occupancy 
_atom_site.B_iso_or_equiv 
_atom_site.pdbx_formal_charge 
_atom_site.auth_seq_id 
_atom_site.auth_comp_id 
_atom_site.auth_asym_id 
_atom_site.auth_atom_id 
_atom_site.pdbx_PDB_model_num 
ATOM   1    N N   . SER A 1 1   ? -7.936  7.620   2.473   1.00 20.23 ? 1   SER A N   1 
ATOM   2    C CA  . SER A 1 1   ? -8.003  7.929   1.024   1.00 21.22 ? 1   SER A CA  1 
ATOM   3    C C   . SER A 1 1   ? -6.669  7.710   0.337   1.00 21.27 ? 1   SER A C   1 
ATOM   4    O O   . SER A 1 1   ? -5.639  7.644   1.012   1.00 21.40 ? 1   SER A O   1 
ATOM   5    C CB  . SER A 1 1   ? -8.441  9.373   0.843   1.00 21.42 ? 1   SER A CB  1 
ATOM   6    O OG  . SER A 1 1   ? -7.368  10.237  1.153   1.00 21.93 ? 1   SER A OG  1 
ATOM   7    N N   . LEU A 1 2   ? -6.692  7.558   -0.963  1.00 22.04 ? 2   LEU A N   1 
ATOM   8    C CA  . LEU A 1 2   ? -5.489  7.401   -1.748  1.00 23.44 ? 2   LEU A CA  1 
ATOM   9    C C   . LEU A 1 2   ? -4.482  8.531   -1.580  1.00 23.75 ? 2   LEU A C   1 
ATOM   10   O O   . LEU A 1 2   ? -3.286  8.286   -1.458  1.00 22.46 ? 2   LEU A O   1 
ATOM   11   C CB  . LEU A 1 2   ? -5.865  7.303   -3.214  1.00 25.31 ? 2   LEU A CB  1 
ATOM   12   C CG  . LEU A 1 2   ? -4.773  6.982   -4.205  1.00 27.91 ? 2   LEU A CG  1 
ATOM   13   C CD1 . LEU A 1 2   ? -4.112  5.669   -3.859  1.00 30.65 ? 2   LEU A CD1 1 
ATOM   14   C CD2 . LEU A 1 2   ? -5.409  6.963   -5.583  1.00 29.76 ? 2   LEU A CD2 1 
ATOM   15   N N   . LEU A 1 3   ? -4.939  9.767   -1.527  1.00 23.61 ? 3   LEU A N   1 
ATOM   16   C CA  . LEU A 1 3   ? -4.011  10.883  -1.340  1.00 23.85 ? 3   LEU A CA  1 
ATOM   17   C C   . LEU A 1 3   ? -3.354  10.850  0.026   1.00 23.52 ? 3   LEU A C   1 
ATOM   18   O O   . LEU A 1 3   ? -2.173  11.159  0.167   1.00 23.24 ? 3   LEU A O   1 
ATOM   19   C CB  . LEU A 1 3   ? -4.719  12.219  -1.545  1.00 25.68 ? 3   LEU A CB  1 
ATOM   20   C CG  . LEU A 1 3   ? -4.937  12.544  -3.012  1.00 29.38 ? 3   LEU A CG  1 
ATOM   21   C CD1 . LEU A 1 3   ? -5.652  13.866  -3.129  1.00 30.84 ? 3   LEU A CD1 1 
ATOM   22   C CD2 . LEU A 1 3   ? -3.617  12.578  -3.763  1.00 32.08 ? 3   LEU A CD2 1 
ATOM   23   N N   . GLU A 1 4   ? -4.096  10.455  1.050   1.00 22.02 ? 4   GLU A N   1 
ATOM   24   C CA  . GLU A 1 4   ? -3.571  10.372  2.397   1.00 21.55 ? 4   GLU A CA  1 
ATOM   25   C C   . GLU A 1 4   ? -2.545  9.218   2.476   1.00 20.08 ? 4   GLU A C   1 
ATOM   26   O O   . GLU A 1 4   ? -1.536  9.311   3.124   1.00 22.17 ? 4   GLU A O   1 
ATOM   27   C CB  . GLU A 1 4   ? -4.649  10.079  3.432   1.00 22.14 ? 4   GLU A CB  1 
ATOM   28   C CG  . GLU A 1 4   ? -5.515  11.241  3.774   1.00 23.48 ? 4   GLU A CG  1 
ATOM   29   C CD  . GLU A 1 4   ? -6.865  10.881  4.382   1.00 22.58 ? 4   GLU A CD  1 
ATOM   30   O OE1 . GLU A 1 4   ? -7.201  9.689   4.681   1.00 21.73 ? 4   GLU A OE1 1 
ATOM   31   O OE2 . GLU A 1 4   ? -7.587  11.877  4.672   1.00 23.84 ? 4   GLU A OE2 1 
ATOM   32   N N   . PHE A 1 5   ? -2.868  8.125   1.859   1.00 18.78 ? 5   PHE A N   1 
ATOM   33   C CA  . PHE A 1 5   ? -1.945  7.007   1.786   1.00 18.13 ? 5   PHE A CA  1 
ATOM   34   C C   . PHE A 1 5   ? -0.628  7.392   1.103   1.00 19.04 ? 5   PHE A C   1 
ATOM   35   O O   . PHE A 1 5   ? 0.432   7.096   1.615   1.00 18.93 ? 5   PHE A O   1 
ATOM   36   C CB  . PHE A 1 5   ? -2.621  5.843   1.042   1.00 17.79 ? 5   PHE A CB  1 
ATOM   37   C CG  . PHE A 1 5   ? -1.808  4.520   0.943   1.00 17.83 ? 5   PHE A CG  1 
ATOM   38   C CD1 . PHE A 1 5   ? -1.010  4.063   1.955   1.00 17.47 ? 5   PHE A CD1 1 
ATOM   39   C CD2 . PHE A 1 5   ? -1.891  3.806   -0.200  1.00 19.14 ? 5   PHE A CD2 1 
ATOM   40   C CE1 . PHE A 1 5   ? -0.339  2.901   1.874   1.00 18.61 ? 5   PHE A CE1 1 
ATOM   41   C CE2 . PHE A 1 5   ? -1.245  2.631   -0.343  1.00 20.04 ? 5   PHE A CE2 1 
ATOM   42   C CZ  . PHE A 1 5   ? -0.402  2.157   0.725   1.00 19.04 ? 5   PHE A CZ  1 
ATOM   43   N N   . GLY A 1 6   ? -0.753  8.187   0.072   1.00 19.88 ? 6   GLY A N   1 
ATOM   44   C CA  . GLY A 1 6   ? 0.387   8.700   -0.676  1.00 20.86 ? 6   GLY A CA  1 
ATOM   45   C C   . GLY A 1 6   ? 1.228   9.592   0.198   1.00 20.56 ? 6   GLY A C   1 
ATOM   46   O O   . GLY A 1 6   ? 2.456   9.488   0.171   1.00 19.56 ? 6   GLY A O   1 
ATOM   47   N N   . LYS A 1 7   ? 0.623   10.401  1.057   1.00 20.34 ? 7   LYS A N   1 
ATOM   48   C CA  . LYS A 1 7   ? 1.343   11.278  1.977   1.00 21.17 ? 7   LYS A CA  1 
ATOM   49   C C   . LYS A 1 7   ? 2.031   10.422  3.030   1.00 21.86 ? 7   LYS A C   1 
ATOM   50   O O   . LYS A 1 7   ? 3.203   10.636  3.369   1.00 21.80 ? 7   LYS A O   1 
ATOM   51   C CB  . LYS A 1 7   ? 0.366   12.275  2.644   1.00 22.70 ? 7   LYS A CB  1 
ATOM   52   C CG  . LYS A 1 7   ? 0.946   13.019  3.824   1.00 26.01 ? 7   LYS A CG  1 
ATOM   53   C CD  . LYS A 1 7   ? -0.026  14.080  4.340   1.00 26.88 ? 7   LYS A CD  1 
ATOM   54   C CE  . LYS A 1 7   ? 0.543   14.852  5.531   1.00 31.07 ? 7   LYS A CE  1 
ATOM   55   N NZ  . LYS A 1 7   ? 0.358   14.159  6.862   1.00 35.35 ? 7   LYS A NZ  1 
ATOM   56   N N   . MET A 1 8   ? 1.327   9.417   3.547   1.00 21.01 ? 8   MET A N   1 
ATOM   57   C CA  . MET A 1 8   ? 1.885   8.501   4.501   1.00 19.62 ? 8   MET A CA  1 
ATOM   58   C C   . MET A 1 8   ? 3.146   7.778   3.943   1.00 18.78 ? 8   MET A C   1 
ATOM   59   O O   . MET A 1 8   ? 4.160   7.606   4.641   1.00 19.18 ? 8   MET A O   1 
ATOM   60   C CB  . MET A 1 8   ? 0.825   7.484   4.888   1.00 20.90 ? 8   MET A CB  1 
ATOM   61   C CG  . MET A 1 8   ? 1.149   6.754   6.104   1.00 20.67 ? 8   MET A CG  1 
ATOM   62   S SD  . MET A 1 8   ? -0.083  5.470   6.495   1.00 20.21 ? 8   MET A SD  1 
ATOM   63   C CE  . MET A 1 8   ? -1.341  6.366   7.333   1.00 21.17 ? 8   MET A CE  1 
ATOM   64   N N   . ILE A 1 9   ? 3.035   7.319   2.714   1.00 17.96 ? 9   ILE A N   1 
ATOM   65   C CA  . ILE A 1 9   ? 4.149   6.675   2.005   1.00 17.81 ? 9   ILE A CA  1 
ATOM   66   C C   . ILE A 1 9   ? 5.349   7.606   1.902   1.00 17.98 ? 9   ILE A C   1 
ATOM   67   O O   . ILE A 1 9   ? 6.478   7.189   2.155   1.00 18.82 ? 9   ILE A O   1 
ATOM   68   C CB  . ILE A 1 9   ? 3.726   6.212   0.604   1.00 17.87 ? 9   ILE A CB  1 
ATOM   69   C CG1 . ILE A 1 9   ? 2.690   5.075   0.743   1.00 18.32 ? 9   ILE A CG1 1 
ATOM   70   C CG2 . ILE A 1 9   ? 4.928   5.734   -0.204  1.00 18.07 ? 9   ILE A CG2 1 
ATOM   71   C CD1 . ILE A 1 9   ? 1.987   4.760   -0.516  1.00 18.51 ? 9   ILE A CD1 1 
ATOM   72   N N   . LEU A 1 10  ? 5.115   8.847   1.503   1.00 19.89 ? 10  LEU A N   1 
ATOM   73   C CA  . LEU A 1 10  ? 6.206   9.810   1.362   1.00 20.78 ? 10  LEU A CA  1 
ATOM   74   C C   . LEU A 1 10  ? 6.835   10.072  2.713   1.00 21.19 ? 10  LEU A C   1 
ATOM   75   O O   . LEU A 1 10  ? 8.059   10.082  2.849   1.00 21.43 ? 10  LEU A O   1 
ATOM   76   C CB  . LEU A 1 10  ? 5.678   11.096  0.743   1.00 21.66 ? 10  LEU A CB  1 
ATOM   77   C CG  . LEU A 1 10  ? 6.712   12.262  0.650   1.00 23.00 ? 10  LEU A CG  1 
ATOM   78   C CD1 . LEU A 1 10  ? 7.865   11.856  -0.228  1.00 24.44 ? 10  LEU A CD1 1 
ATOM   79   C CD2 . LEU A 1 10  ? 5.999   13.488  0.096   1.00 26.78 ? 10  LEU A CD2 1 
ATOM   80   N N   . GLU A 1 11  ? 6.027   10.276  3.740   1.00 21.47 ? 11  GLU A N   1 
ATOM   81   C CA  . GLU A 1 11  ? 6.550   10.509  5.078   1.00 22.08 ? 11  GLU A CA  1 
ATOM   82   C C   . GLU A 1 11  ? 7.416   9.379   5.534   1.00 20.70 ? 11  GLU A C   1 
ATOM   83   O O   . GLU A 1 11  ? 8.461   9.551   6.150   1.00 21.39 ? 11  GLU A O   1 
ATOM   84   C CB  . GLU A 1 11  ? 5.432   10.622  6.106   1.00 23.20 ? 11  GLU A CB  1 
ATOM   85   C CG  . GLU A 1 11  ? 4.667   11.893  6.078   1.00 25.93 ? 11  GLU A CG  1 
ATOM   86   C CD  . GLU A 1 11  ? 3.378   11.814  6.893   1.00 27.99 ? 11  GLU A CD  1 
ATOM   87   O OE1 . GLU A 1 11  ? 2.955   10.705  7.386   1.00 24.93 ? 11  GLU A OE1 1 
ATOM   88   O OE2 . GLU A 1 11  ? 2.774   12.888  7.006   1.00 30.90 ? 11  GLU A OE2 1 
ATOM   89   N N   . GLU A 1 12  ? 6.949   8.173   5.303   1.00 20.38 ? 12  GLU A N   1 
ATOM   90   C CA  . GLU A 1 12  ? 7.665   7.003   5.760   1.00 20.10 ? 12  GLU A CA  1 
ATOM   91   C C   . GLU A 1 12  ? 8.966   6.713   4.990   1.00 20.22 ? 12  GLU A C   1 
ATOM   92   O O   . GLU A 1 12  ? 10.020  6.387   5.578   1.00 20.88 ? 12  GLU A O   1 
ATOM   93   C CB  . GLU A 1 12  ? 6.693   5.828   5.637   1.00 21.62 ? 12  GLU A CB  1 
ATOM   94   C CG  . GLU A 1 12  ? 6.972   4.682   6.536   1.00 26.19 ? 12  GLU A CG  1 
ATOM   95   C CD  . GLU A 1 12  ? 6.762   4.953   8.023   1.00 23.67 ? 12  GLU A CD  1 
ATOM   96   O OE1 . GLU A 1 12  ? 7.240   4.110   8.779   1.00 31.37 ? 12  GLU A OE1 1 
ATOM   97   O OE2 . GLU A 1 12  ? 6.175   5.959   8.466   1.00 23.26 ? 12  GLU A OE2 1 
ATOM   98   N N   . THR A 1 13  ? 8.879   6.786   3.663   1.00 19.18 ? 13  THR A N   1 
ATOM   99   C CA  . THR A 1 13  ? 9.962   6.372   2.778   1.00 20.05 ? 13  THR A CA  1 
ATOM   100  C C   . THR A 1 13  ? 10.774  7.451   2.103   1.00 20.02 ? 13  THR A C   1 
ATOM   101  O O   . THR A 1 13  ? 11.859  7.127   1.642   1.00 22.26 ? 13  THR A O   1 
ATOM   102  C CB  . THR A 1 13  ? 9.429   5.478   1.629   1.00 19.72 ? 13  THR A CB  1 
ATOM   103  O OG1 . THR A 1 13  ? 8.692   6.277   0.692   1.00 20.62 ? 13  THR A OG1 1 
ATOM   104  C CG2 . THR A 1 13  ? 8.467   4.394   2.146   1.00 21.28 ? 13  THR A CG2 1 
ATOM   105  N N   . GLY A 1 14  ? 10.252  8.673   1.983   1.00 20.59 ? 14  GLY A N   1 
ATOM   106  C CA  . GLY A 1 14  ? 10.955  9.721   1.269   1.00 21.25 ? 14  GLY A CA  1 
ATOM   107  C C   . GLY A 1 14  ? 10.777  9.554   -0.226  1.00 22.74 ? 14  GLY A C   1 
ATOM   108  O O   . GLY A 1 14  ? 11.258  10.343  -1.076  1.00 24.38 ? 14  GLY A O   1 
ATOM   109  N N   . LYS A 1 15  ? 10.003  8.570   -0.705  1.00 22.81 ? 16  LYS A N   1 
ATOM   110  C CA  . LYS A 1 15  ? 9.631   8.387   -2.096  1.00 22.47 ? 16  LYS A CA  1 
ATOM   111  C C   . LYS A 1 15  ? 8.219   8.883   -2.354  1.00 23.39 ? 16  LYS A C   1 
ATOM   112  O O   . LYS A 1 15  ? 7.331   8.710   -1.533  1.00 23.58 ? 16  LYS A O   1 
ATOM   113  C CB  . LYS A 1 15  ? 9.753   6.897   -2.509  1.00 22.65 ? 16  LYS A CB  1 
ATOM   114  C CG  . LYS A 1 15  ? 11.168  6.313   -2.528  1.00 24.16 ? 16  LYS A CG  1 
ATOM   115  C CD  . LYS A 1 15  ? 11.129  4.905   -3.012  1.00 24.31 ? 16  LYS A CD  1 
ATOM   116  C CE  . LYS A 1 15  ? 12.493  4.296   -3.200  1.00 26.38 ? 16  LYS A CE  1 
ATOM   117  N NZ  . LYS A 1 15  ? 13.266  4.932   -4.325  1.00 29.25 ? 16  LYS A NZ  1 
ATOM   118  N N   . LEU A 1 16  ? 8.015   9.445   -3.533  1.00 23.55 ? 17  LEU A N   1 
ATOM   119  C CA  . LEU A 1 16  ? 6.705   9.858   -3.967  1.00 24.17 ? 17  LEU A CA  1 
ATOM   120  C C   . LEU A 1 16  ? 5.887   8.634   -4.350  1.00 23.40 ? 17  LEU A C   1 
ATOM   121  O O   . LEU A 1 16  ? 6.349   7.804   -5.125  1.00 22.90 ? 17  LEU A O   1 
ATOM   122  C CB  . LEU A 1 16  ? 6.848   10.783  -5.178  1.00 25.13 ? 17  LEU A CB  1 
ATOM   123  C CG  . LEU A 1 16  ? 7.513   12.098  -4.836  1.00 26.73 ? 17  LEU A CG  1 
ATOM   124  C CD1 . LEU A 1 16  ? 7.990   12.825  -6.083  1.00 29.81 ? 17  LEU A CD1 1 
ATOM   125  C CD2 . LEU A 1 16  ? 6.520   12.994  -4.057  1.00 29.60 ? 17  LEU A CD2 1 
ATOM   126  N N   . ALA A 1 17  ? 4.681   8.499   -3.810  1.00 22.26 ? 18  ALA A N   1 
ATOM   127  C CA  . ALA A 1 17  ? 3.848   7.334   -4.076  1.00 23.13 ? 18  ALA A CA  1 
ATOM   128  C C   . ALA A 1 17  ? 3.699   7.181   -5.553  1.00 23.51 ? 18  ALA A C   1 
ATOM   129  O O   . ALA A 1 17  ? 3.847   6.086   -6.072  1.00 23.19 ? 18  ALA A O   1 
ATOM   130  C CB  . ALA A 1 17  ? 2.473   7.493   -3.406  1.00 23.42 ? 18  ALA A CB  1 
ATOM   131  N N   . ILE A 1 18  ? 3.456   8.309   -6.238  1.00 24.17 ? 19  ILE A N   1 
ATOM   132  C CA  . ILE A 1 18  ? 3.450   8.358   -7.690  1.00 26.10 ? 19  ILE A CA  1 
ATOM   133  C C   . ILE A 1 18  ? 4.776   9.092   -7.988  1.00 25.90 ? 19  ILE A C   1 
ATOM   134  O O   . ILE A 1 18  ? 4.951   10.232  -7.568  1.00 27.11 ? 19  ILE A O   1 
ATOM   135  C CB  . ILE A 1 18  ? 2.276   9.204   -8.225  1.00 25.48 ? 19  ILE A CB  1 
ATOM   136  C CG1 . ILE A 1 18  ? 0.940   8.646   -7.723  1.00 29.53 ? 19  ILE A CG1 1 
ATOM   137  C CG2 . ILE A 1 18  ? 2.323   9.231   -9.776  1.00 25.84 ? 19  ILE A CG2 1 
ATOM   138  C CD1 . ILE A 1 18  ? -0.254  9.521   -8.031  1.00 30.83 ? 19  ILE A CD1 1 
ATOM   139  N N   . PRO A 1 19  ? 5.725   8.536   -8.713  1.00 25.80 ? 20  PRO A N   1 
ATOM   140  C CA  . PRO A 1 19  ? 5.696   7.275   -9.416  1.00 25.95 ? 20  PRO A CA  1 
ATOM   141  C C   . PRO A 1 19  ? 6.389   6.085   -8.758  1.00 24.92 ? 20  PRO A C   1 
ATOM   142  O O   . PRO A 1 19  ? 6.520   5.061   -9.434  1.00 26.34 ? 20  PRO A O   1 
ATOM   143  C CB  . PRO A 1 19  ? 6.485   7.633   -10.662 1.00 27.03 ? 20  PRO A CB  1 
ATOM   144  C CG  . PRO A 1 19  ? 7.573   8.450   -10.110 1.00 26.54 ? 20  PRO A CG  1 
ATOM   145  C CD  . PRO A 1 19  ? 6.939   9.313   -9.042  1.00 25.62 ? 20  PRO A CD  1 
ATOM   146  N N   . SER A 1 20  ? 6.837   6.191   -7.515  1.00 23.62 ? 21  SER A N   1 
ATOM   147  C CA  . SER A 1 20  ? 7.568   5.071   -6.909  1.00 22.93 ? 21  SER A CA  1 
ATOM   148  C C   . SER A 1 20  ? 6.744   3.798   -6.609  1.00 22.66 ? 21  SER A C   1 
ATOM   149  O O   . SER A 1 20  ? 7.278   2.657   -6.707  1.00 22.70 ? 21  SER A O   1 
ATOM   150  C CB  . SER A 1 20  ? 8.318   5.526   -5.655  1.00 22.62 ? 21  SER A CB  1 
ATOM   151  O OG  . SER A 1 20  ? 9.292   6.518   -6.033  1.00 23.91 ? 21  SER A OG  1 
ATOM   152  N N   . TYR A 1 21  ? 5.471   3.969   -6.258  1.00 22.18 ? 22  TYR A N   1 
ATOM   153  C CA  . TYR A 1 21  ? 4.646   2.841   -5.853  1.00 22.85 ? 22  TYR A CA  1 
ATOM   154  C C   . TYR A 1 21  ? 3.294   2.750   -6.569  1.00 23.89 ? 22  TYR A C   1 
ATOM   155  O O   . TYR A 1 21  ? 2.380   2.014   -6.145  1.00 24.71 ? 22  TYR A O   1 
ATOM   156  C CB  . TYR A 1 21  ? 4.387   2.897   -4.357  1.00 21.95 ? 22  TYR A CB  1 
ATOM   157  C CG  . TYR A 1 21  ? 5.638   2.802   -3.483  1.00 20.95 ? 22  TYR A CG  1 
ATOM   158  C CD1 . TYR A 1 21  ? 6.237   1.579   -3.217  1.00 22.69 ? 22  TYR A CD1 1 
ATOM   159  C CD2 . TYR A 1 21  ? 6.201   3.916   -2.916  1.00 21.28 ? 22  TYR A CD2 1 
ATOM   160  C CE1 . TYR A 1 21  ? 7.359   1.479   -2.416  1.00 19.91 ? 22  TYR A CE1 1 
ATOM   161  C CE2 . TYR A 1 21  ? 7.314   3.819   -2.124  1.00 19.45 ? 22  TYR A CE2 1 
ATOM   162  C CZ  . TYR A 1 21  ? 7.916   2.585   -1.861  1.00 17.42 ? 22  TYR A CZ  1 
ATOM   163  O OH  . TYR A 1 21  ? 9.017   2.435   -1.053  1.00 21.54 ? 22  TYR A OH  1 
ATOM   164  N N   . SER A 1 22  ? 3.134   3.513   -7.639  1.00 23.15 ? 23  SER A N   1 
ATOM   165  C CA  . SER A 1 22  ? 1.863   3.526   -8.359  1.00 23.83 ? 23  SER A CA  1 
ATOM   166  C C   . SER A 1 22  ? 1.796   2.526   -9.493  1.00 22.74 ? 23  SER A C   1 
ATOM   167  O O   . SER A 1 22  ? 0.718   2.242   -10.021 1.00 23.39 ? 23  SER A O   1 
ATOM   168  C CB  . SER A 1 22  ? 1.579   4.938   -8.898  1.00 23.12 ? 23  SER A CB  1 
ATOM   169  O OG  . SER A 1 22  ? 2.628   5.379   -9.717  1.00 27.51 ? 23  SER A OG  1 
ATOM   170  N N   . SER A 1 23  ? 2.948   2.018   -9.916  1.00 23.18 ? 24  SER A N   1 
ATOM   171  C CA  . SER A 1 23  ? 3.024   1.054   -11.002 1.00 23.88 ? 24  SER A CA  1 
ATOM   172  C C   . SER A 1 23  ? 4.168   0.058   -10.804 1.00 24.47 ? 24  SER A C   1 
ATOM   173  O O   . SER A 1 23  ? 4.762   -0.433  -11.770 1.00 25.61 ? 24  SER A O   1 
ATOM   174  C CB  . SER A 1 23  ? 3.236   1.789   -12.314 1.00 23.88 ? 24  SER A CB  1 
ATOM   175  O OG  . SER A 1 23  ? 4.508   2.442   -12.362 1.00 26.39 ? 24  SER A OG  1 
ATOM   176  N N   . TYR A 1 24  ? 4.422   -0.285  -9.549  1.00 22.07 ? 25  TYR A N   1 
ATOM   177  C CA  . TYR A 1 24  ? 5.532   -1.149  -9.190  1.00 20.62 ? 25  TYR A CA  1 
ATOM   178  C C   . TYR A 1 24  ? 5.144   -2.620  -9.135  1.00 19.83 ? 25  TYR A C   1 
ATOM   179  O O   . TYR A 1 24  ? 4.161   -2.979  -8.494  1.00 19.98 ? 25  TYR A O   1 
ATOM   180  C CB  . TYR A 1 24  ? 6.076   -0.707  -7.839  1.00 19.36 ? 25  TYR A CB  1 
ATOM   181  C CG  . TYR A 1 24  ? 7.349   -1.393  -7.395  1.00 20.45 ? 25  TYR A CG  1 
ATOM   182  C CD1 . TYR A 1 24  ? 7.339   -2.634  -6.800  1.00 20.47 ? 25  TYR A CD1 1 
ATOM   183  C CD2 . TYR A 1 24  ? 8.558   -0.734  -7.470  1.00 20.57 ? 25  TYR A CD2 1 
ATOM   184  C CE1 . TYR A 1 24  ? 8.508   -3.249  -6.360  1.00 19.44 ? 25  TYR A CE1 1 
ATOM   185  C CE2 . TYR A 1 24  ? 9.727   -1.331  -6.996  1.00 22.01 ? 25  TYR A CE2 1 
ATOM   186  C CZ  . TYR A 1 24  ? 9.674   -2.572  -6.449  1.00 20.26 ? 25  TYR A CZ  1 
ATOM   187  O OH  . TYR A 1 24  ? 10.842  -3.138  -5.986  1.00 20.91 ? 25  TYR A OH  1 
ATOM   188  N N   . GLY A 1 25  ? 5.866   -3.476  -9.841  1.00 19.15 ? 26  GLY A N   1 
ATOM   189  C CA  . GLY A 1 25  ? 5.592   -4.894  -9.812  1.00 18.21 ? 26  GLY A CA  1 
ATOM   190  C C   . GLY A 1 25  ? 4.214   -5.269  -10.271 1.00 18.29 ? 26  GLY A C   1 
ATOM   191  O O   . GLY A 1 25  ? 3.623   -4.605  -11.137 1.00 20.38 ? 26  GLY A O   1 
ATOM   192  N N   . CYS A 1 26  ? 3.694   -6.344  -9.690  1.00 18.72 ? 27  CYS A N   1 
ATOM   193  C CA  . CYS A 1 26  ? 2.407   -6.869  -10.034 1.00 19.58 ? 27  CYS A CA  1 
ATOM   194  C C   . CYS A 1 26  ? 1.237   -6.343  -9.228  1.00 19.07 ? 27  CYS A C   1 
ATOM   195  O O   . CYS A 1 26  ? 0.107   -6.403  -9.687  1.00 20.45 ? 27  CYS A O   1 
ATOM   196  C CB  . CYS A 1 26  ? 2.417   -8.385  -9.936  1.00 19.40 ? 27  CYS A CB  1 
ATOM   197  S SG  . CYS A 1 26  ? 3.497   -9.125  -11.158 1.00 23.04 ? 27  CYS A SG  1 
ATOM   198  N N   . TYR A 1 27  ? 1.497   -5.843  -8.029  1.00 18.75 ? 28  TYR A N   1 
ATOM   199  C CA  . TYR A 1 27  ? 0.441   -5.406  -7.122  1.00 19.59 ? 28  TYR A CA  1 
ATOM   200  C C   . TYR A 1 27  ? 0.433   -3.947  -6.683  1.00 20.61 ? 28  TYR A C   1 
ATOM   201  O O   . TYR A 1 27  ? -0.565  -3.516  -6.094  1.00 22.86 ? 28  TYR A O   1 
ATOM   202  C CB  . TYR A 1 27  ? 0.417   -6.339  -5.888  1.00 19.78 ? 28  TYR A CB  1 
ATOM   203  C CG  . TYR A 1 27  ? 0.009   -7.742  -6.280  1.00 19.07 ? 28  TYR A CG  1 
ATOM   204  C CD1 . TYR A 1 27  ? 0.946   -8.680  -6.661  1.00 19.97 ? 28  TYR A CD1 1 
ATOM   205  C CD2 . TYR A 1 27  ? -1.314  -8.093  -6.373  1.00 20.21 ? 28  TYR A CD2 1 
ATOM   206  C CE1 . TYR A 1 27  ? 0.585   -9.917  -7.074  1.00 21.72 ? 28  TYR A CE1 1 
ATOM   207  C CE2 . TYR A 1 27  ? -1.679  -9.344  -6.781  1.00 18.86 ? 28  TYR A CE2 1 
ATOM   208  C CZ  . TYR A 1 27  ? -0.726  -10.257 -7.154  1.00 19.70 ? 28  TYR A CZ  1 
ATOM   209  O OH  . TYR A 1 27  ? -1.194  -11.512 -7.541  1.00 22.35 ? 28  TYR A OH  1 
ATOM   210  N N   . CYS A 1 28  ? 1.488   -3.197  -6.944  1.00 21.80 ? 29  CYS A N   1 
ATOM   211  C CA  . CYS A 1 28  ? 1.569   -1.798  -6.468  1.00 23.59 ? 29  CYS A CA  1 
ATOM   212  C C   . CYS A 1 28  ? 0.984   -0.786  -7.407  1.00 27.22 ? 29  CYS A C   1 
ATOM   213  O O   . CYS A 1 28  ? 1.557   -0.504  -8.479  1.00 28.17 ? 29  CYS A O   1 
ATOM   214  C CB  . CYS A 1 28  ? 2.993   -1.347  -6.236  1.00 24.02 ? 29  CYS A CB  1 
ATOM   215  S SG  . CYS A 1 28  ? 3.775   -2.269  -4.954  1.00 21.34 ? 29  CYS A SG  1 
ATOM   216  N N   . GLY A 1 29  ? -0.080  -0.160  -6.930  1.00 30.96 ? 30  GLY A N   1 
ATOM   217  C CA  . GLY A 1 29  ? -0.715  0.928   -7.627  1.00 33.88 ? 30  GLY A CA  1 
ATOM   218  C C   . GLY A 1 29  ? -1.730  0.406   -8.590  1.00 36.57 ? 30  GLY A C   1 
ATOM   219  O O   . GLY A 1 29  ? -2.442  1.195   -9.231  1.00 38.12 ? 30  GLY A O   1 
ATOM   220  N N   . TRP A 1 30  ? -1.848  -0.913  -8.674  1.00 39.46 ? 31  TRP A N   1 
ATOM   221  C CA  . TRP A 1 30  ? -2.766  -1.493  -9.619  1.00 41.17 ? 31  TRP A CA  1 
ATOM   222  C C   . TRP A 1 30  ? -2.646  -3.018  -9.718  1.00 41.65 ? 31  TRP A C   1 
ATOM   223  O O   . TRP A 1 30  ? -2.701  -3.577  -10.808 1.00 43.10 ? 31  TRP A O   1 
ATOM   224  C CB  . TRP A 1 30  ? -2.446  -0.861  -10.958 1.00 41.85 ? 31  TRP A CB  1 
ATOM   225  C CG  . TRP A 1 30  ? -3.583  -0.440  -11.750 1.00 44.84 ? 31  TRP A CG  1 
ATOM   226  C CD1 . TRP A 1 30  ? -4.345  0.679   -11.583 1.00 46.96 ? 31  TRP A CD1 1 
ATOM   227  C CD2 . TRP A 1 30  ? -4.077  -1.100  -12.903 1.00 47.07 ? 31  TRP A CD2 1 
ATOM   228  N NE1 . TRP A 1 30  ? -5.308  0.732   -12.560 1.00 47.34 ? 31  TRP A NE1 1 
ATOM   229  C CE2 . TRP A 1 30  ? -5.161  -0.351  -13.385 1.00 48.18 ? 31  TRP A CE2 1 
ATOM   230  C CE3 . TRP A 1 30  ? -3.723  -2.273  -13.572 1.00 47.94 ? 31  TRP A CE3 1 
ATOM   231  C CZ2 . TRP A 1 30  ? -5.886  -0.730  -14.513 1.00 47.96 ? 31  TRP A CZ2 1 
ATOM   232  C CZ3 . TRP A 1 30  ? -4.437  -2.644  -14.679 1.00 49.01 ? 31  TRP A CZ3 1 
ATOM   233  C CH2 . TRP A 1 30  ? -5.508  -1.875  -15.142 1.00 48.52 ? 31  TRP A CH2 1 
ATOM   234  N N   . GLY A 1 31  ? -2.740  -3.626  -8.534  1.00 42.07 ? 32  GLY A N   1 
ATOM   235  C CA  . GLY A 1 31  ? -2.649  -5.046  -8.368  1.00 41.43 ? 32  GLY A CA  1 
ATOM   236  C C   . GLY A 1 31  ? -3.610  -5.823  -9.238  1.00 40.73 ? 32  GLY A C   1 
ATOM   237  O O   . GLY A 1 31  ? -4.271  -5.261  -10.104 1.00 41.47 ? 32  GLY A O   1 
ATOM   238  N N   . GLY A 1 32  ? -3.672  -7.134  -8.960  1.00 39.48 ? 33  GLY A N   1 
ATOM   239  C CA  . GLY A 1 32  ? -4.523  -8.056  -9.686  1.00 37.53 ? 33  GLY A CA  1 
ATOM   240  C C   . GLY A 1 32  ? -4.070  -9.515  -9.733  1.00 36.02 ? 33  GLY A C   1 
ATOM   241  O O   . GLY A 1 32  ? -4.766  -10.412 -9.269  1.00 36.65 ? 33  GLY A O   1 
ATOM   242  N N   . LYS A 1 33  ? -2.921  -9.814  -10.374 1.00 33.76 ? 34  LYS A N   1 
ATOM   243  C CA  . LYS A 1 33  ? -2.484  -11.193 -10.549 1.00 31.76 ? 34  LYS A CA  1 
ATOM   244  C C   . LYS A 1 33  ? -0.992  -11.335 -10.551 1.00 29.20 ? 34  LYS A C   1 
ATOM   245  O O   . LYS A 1 33  ? -0.268  -10.351 -10.521 1.00 26.90 ? 34  LYS A O   1 
ATOM   246  C CB  . LYS A 1 33  ? -3.022  -11.789 -11.878 1.00 32.46 ? 34  LYS A CB  1 
ATOM   247  C CG  . LYS A 1 33  ? -2.293  -11.390 -13.161 1.00 28.21 ? 34  LYS A CG  1 
ATOM   248  C CD  . LYS A 1 33  ? -3.202  -11.524 -14.389 1.00 26.40 ? 34  LYS A CD  1 
ATOM   249  C CE  . LYS A 1 33  ? -2.713  -12.587 -15.365 1.00 25.34 ? 34  LYS A CE  1 
ATOM   250  N NZ  . LYS A 1 33  ? -3.783  -13.017 -16.298 1.00 26.78 ? 34  LYS A NZ  1 
ATOM   251  N N   . GLY A 1 34  ? -0.541  -12.563 -10.573 1.00 27.35 ? 35  GLY A N   1 
ATOM   252  C CA  . GLY A 1 34  ? 0.866   -12.860 -10.603 1.00 26.74 ? 35  GLY A CA  1 
ATOM   253  C C   . GLY A 1 34  ? 1.544   -13.097 -9.263  1.00 24.90 ? 35  GLY A C   1 
ATOM   254  O O   . GLY A 1 34  ? 0.981   -12.824 -8.169  1.00 23.73 ? 35  GLY A O   1 
ATOM   255  N N   . THR A 1 35  ? 2.779   -13.553 -9.329  1.00 24.72 ? 36  THR A N   1 
ATOM   256  C CA  . THR A 1 35  ? 3.570   -13.752 -8.136  1.00 25.04 ? 36  THR A CA  1 
ATOM   257  C C   . THR A 1 35  ? 4.260   -12.431 -7.815  1.00 23.60 ? 36  THR A C   1 
ATOM   258  O O   . THR A 1 35  ? 4.944   -11.872 -8.654  1.00 24.22 ? 36  THR A O   1 
ATOM   259  C CB  . THR A 1 35  ? 4.598   -14.842 -8.383  1.00 25.40 ? 36  THR A CB  1 
ATOM   260  O OG1 . THR A 1 35  ? 3.919   -16.097 -8.571  1.00 29.08 ? 36  THR A OG1 1 
ATOM   261  C CG2 . THR A 1 35  ? 5.538   -14.985 -7.155  1.00 28.60 ? 36  THR A CG2 1 
ATOM   262  N N   . PRO A 1 36  ? 4.073   -11.882 -6.614  1.00 21.64 ? 37  PRO A N   1 
ATOM   263  C CA  . PRO A 1 36  ? 4.726   -10.606 -6.331  1.00 20.71 ? 37  PRO A CA  1 
ATOM   264  C C   . PRO A 1 36  ? 6.207   -10.666 -6.640  1.00 20.96 ? 37  PRO A C   1 
ATOM   265  O O   . PRO A 1 36  ? 6.844   -11.685 -6.368  1.00 21.54 ? 37  PRO A O   1 
ATOM   266  C CB  . PRO A 1 36  ? 4.410   -10.363 -4.849  1.00 20.79 ? 37  PRO A CB  1 
ATOM   267  C CG  . PRO A 1 36  ? 3.138   -11.078 -4.625  1.00 21.62 ? 37  PRO A CG  1 
ATOM   268  C CD  . PRO A 1 36  ? 3.204   -12.339 -5.515  1.00 22.27 ? 37  PRO A CD  1 
ATOM   269  N N   . LYS A 1 37  ? 6.748   -9.592  -7.200  1.00 20.81 ? 38  LYS A N   1 
ATOM   270  C CA  . LYS A 1 37  ? 8.131   -9.581  -7.649  1.00 21.76 ? 38  LYS A CA  1 
ATOM   271  C C   . LYS A 1 37  ? 9.183   -9.592  -6.553  1.00 20.62 ? 38  LYS A C   1 
ATOM   272  O O   . LYS A 1 37  ? 10.249  -10.137 -6.739  1.00 22.96 ? 38  LYS A O   1 
ATOM   273  C CB  . LYS A 1 37  ? 8.415   -8.393  -8.559  1.00 21.56 ? 38  LYS A CB  1 
ATOM   274  C CG  . LYS A 1 37  ? 7.520   -8.322  -9.797  1.00 23.61 ? 38  LYS A CG  1 
ATOM   275  C CD  . LYS A 1 37  ? 7.457   -9.649  -10.550 1.00 22.06 ? 38  LYS A CD  1 
ATOM   276  C CE  . LYS A 1 37  ? 8.788   -10.171 -10.967 1.00 24.97 ? 38  LYS A CE  1 
ATOM   277  N NZ  . LYS A 1 37  ? 8.653   -11.429 -11.760 1.00 27.32 ? 38  LYS A NZ  1 
ATOM   278  N N   . ASP A 1 38  ? 8.901   -8.965  -5.424  1.00 18.87 ? 39  ASP A N   1 
ATOM   279  C CA  . ASP A 1 38  ? 9.834   -8.811  -4.326  1.00 17.83 ? 39  ASP A CA  1 
ATOM   280  C C   . ASP A 1 38  ? 9.075   -8.429  -3.052  1.00 18.61 ? 39  ASP A C   1 
ATOM   281  O O   . ASP A 1 38  ? 7.834   -8.427  -3.048  1.00 17.52 ? 39  ASP A O   1 
ATOM   282  C CB  . ASP A 1 38  ? 10.925  -7.781  -4.649  1.00 19.60 ? 39  ASP A CB  1 
ATOM   283  C CG  . ASP A 1 38  ? 10.394  -6.394  -4.859  1.00 18.97 ? 39  ASP A CG  1 
ATOM   284  O OD1 . ASP A 1 38  ? 9.181   -6.172  -4.702  1.00 18.75 ? 39  ASP A OD1 1 
ATOM   285  O OD2 . ASP A 1 38  ? 11.192  -5.462  -5.126  1.00 19.93 ? 39  ASP A OD2 1 
ATOM   286  N N   . ALA A 1 39  ? 9.818   -8.114  -1.995  1.00 17.67 ? 40  ALA A N   1 
ATOM   287  C CA  . ALA A 1 39  ? 9.170   -7.788  -0.723  1.00 18.24 ? 40  ALA A CA  1 
ATOM   288  C C   . ALA A 1 39  ? 8.274   -6.538  -0.835  1.00 17.86 ? 40  ALA A C   1 
ATOM   289  O O   . ALA A 1 39  ? 7.207   -6.519  -0.246  1.00 18.02 ? 40  ALA A O   1 
ATOM   290  C CB  . ALA A 1 39  ? 10.200  -7.634  0.341   1.00 19.03 ? 40  ALA A CB  1 
ATOM   291  N N   . THR A 1 40  ? 8.708   -5.520  -1.568  1.00 17.46 ? 41  THR A N   1 
ATOM   292  C CA  . THR A 1 40  ? 7.913   -4.325  -1.733  1.00 16.25 ? 41  THR A CA  1 
ATOM   293  C C   . THR A 1 40  ? 6.631   -4.677  -2.406  1.00 16.85 ? 41  THR A C   1 
ATOM   294  O O   . THR A 1 40  ? 5.570   -4.228  -1.997  1.00 16.61 ? 41  THR A O   1 
ATOM   295  C CB  . THR A 1 40  ? 8.695   -3.295  -2.556  1.00 16.41 ? 41  THR A CB  1 
ATOM   296  O OG1 . THR A 1 40  ? 9.697   -2.702  -1.725  1.00 17.98 ? 41  THR A OG1 1 
ATOM   297  C CG2 . THR A 1 40  ? 7.806   -2.163  -2.980  1.00 17.00 ? 41  THR A CG2 1 
ATOM   298  N N   . ASP A 1 41  ? 6.703   -5.454  -3.473  1.00 16.46 ? 42  ASP A N   1 
ATOM   299  C CA  . ASP A 1 41  ? 5.494   -5.854  -4.186  1.00 17.15 ? 42  ASP A CA  1 
ATOM   300  C C   . ASP A 1 41  ? 4.539   -6.681  -3.230  1.00 17.42 ? 42  ASP A C   1 
ATOM   301  O O   . ASP A 1 41  ? 3.302   -6.571  -3.254  1.00 17.57 ? 42  ASP A O   1 
ATOM   302  C CB  . ASP A 1 41  ? 5.869   -6.673  -5.440  1.00 17.08 ? 42  ASP A CB  1 
ATOM   303  C CG  . ASP A 1 41  ? 4.780   -6.723  -6.499  1.00 19.25 ? 42  ASP A CG  1 
ATOM   304  O OD1 . ASP A 1 41  ? 3.817   -5.944  -6.409  1.00 18.59 ? 42  ASP A OD1 1 
ATOM   305  O OD2 . ASP A 1 41  ? 4.904   -7.498  -7.452  1.00 18.94 ? 42  ASP A OD2 1 
ATOM   306  N N   . ARG A 1 42  ? 5.153   -7.471  -2.357  1.00 17.44 ? 43  ARG A N   1 
ATOM   307  C CA  . ARG A 1 42  ? 4.371   -8.228  -1.397  1.00 17.72 ? 43  ARG A CA  1 
ATOM   308  C C   . ARG A 1 42  ? 3.668   -7.269  -0.429  1.00 16.74 ? 43  ARG A C   1 
ATOM   309  O O   . ARG A 1 42  ? 2.565   -7.549  0.015   1.00 16.25 ? 43  ARG A O   1 
ATOM   310  C CB  . ARG A 1 42  ? 5.177   -9.287  -0.646  1.00 18.07 ? 43  ARG A CB  1 
ATOM   311  C CG  . ARG A 1 42  ? 5.604   -10.463 -1.517  1.00 17.99 ? 43  ARG A CG  1 
ATOM   312  C CD  . ARG A 1 42  ? 6.158   -11.628 -0.728  1.00 18.74 ? 43  ARG A CD  1 
ATOM   313  N NE  . ARG A 1 42  ? 7.467   -11.343 -0.190  1.00 20.08 ? 43  ARG A NE  1 
ATOM   314  C CZ  . ARG A 1 42  ? 8.623   -11.490 -0.837  1.00 20.03 ? 43  ARG A CZ  1 
ATOM   315  N NH1 . ARG A 1 42  ? 8.636   -11.829 -2.107  1.00 20.65 ? 43  ARG A NH1 1 
ATOM   316  N NH2 . ARG A 1 42  ? 9.755   -11.212 -0.227  1.00 21.44 ? 43  ARG A NH2 1 
ATOM   317  N N   . CYS A 1 43  ? 4.263   -6.121  -0.123  1.00 16.52 ? 44  CYS A N   1 
ATOM   318  C CA  . CYS A 1 43  ? 3.571   -5.156  0.701   1.00 17.09 ? 44  CYS A CA  1 
ATOM   319  C C   . CYS A 1 43  ? 2.270   -4.791  0.016   1.00 17.02 ? 44  CYS A C   1 
ATOM   320  O O   . CYS A 1 43  ? 1.211   -4.656  0.632   1.00 17.40 ? 44  CYS A O   1 
ATOM   321  C CB  . CYS A 1 43  ? 4.405   -3.898  0.821   1.00 17.26 ? 44  CYS A CB  1 
ATOM   322  S SG  . CYS A 1 43  ? 5.945   -4.054  1.698   1.00 18.47 ? 44  CYS A SG  1 
ATOM   323  N N   . CYS A 1 44  ? 2.330   -4.559  -1.288  1.00 16.88 ? 45  CYS A N   1 
ATOM   324  C CA  . CYS A 1 44  ? 1.128   -4.164  -2.005  1.00 17.82 ? 45  CYS A CA  1 
ATOM   325  C C   . CYS A 1 44  ? 0.156   -5.280  -2.172  1.00 18.14 ? 45  CYS A C   1 
ATOM   326  O O   . CYS A 1 44  ? -1.032  -5.041  -2.154  1.00 18.49 ? 45  CYS A O   1 
ATOM   327  C CB  . CYS A 1 44  ? 1.527   -3.661  -3.367  1.00 18.73 ? 45  CYS A CB  1 
ATOM   328  S SG  . CYS A 1 44  ? 2.510   -2.157  -3.296  1.00 21.08 ? 45  CYS A SG  1 
ATOM   329  N N   . PHE A 1 45  ? 0.647   -6.511  -2.296  1.00 17.22 ? 46  PHE A N   1 
ATOM   330  C CA  . PHE A 1 45  ? -0.243  -7.650  -2.317  1.00 16.94 ? 46  PHE A CA  1 
ATOM   331  C C   . PHE A 1 45  ? -1.062  -7.744  -1.043  1.00 17.49 ? 46  PHE A C   1 
ATOM   332  O O   . PHE A 1 45  ? -2.296  -7.883  -1.063  1.00 17.34 ? 46  PHE A O   1 
ATOM   333  C CB  . PHE A 1 45  ? 0.517   -8.958  -2.528  1.00 17.41 ? 46  PHE A CB  1 
ATOM   334  C CG  . PHE A 1 45  ? -0.351  -10.170 -2.496  1.00 18.99 ? 46  PHE A CG  1 
ATOM   335  C CD1 . PHE A 1 45  ? -0.928  -10.625 -3.649  1.00 22.99 ? 46  PHE A CD1 1 
ATOM   336  C CD2 . PHE A 1 45  ? -0.569  -10.868 -1.323  1.00 22.50 ? 46  PHE A CD2 1 
ATOM   337  C CE1 . PHE A 1 45  ? -1.796  -11.719 -3.646  1.00 23.32 ? 46  PHE A CE1 1 
ATOM   338  C CE2 . PHE A 1 45  ? -1.433  -11.991 -1.340  1.00 21.91 ? 46  PHE A CE2 1 
ATOM   339  C CZ  . PHE A 1 45  ? -2.023  -12.399 -2.504  1.00 23.08 ? 46  PHE A CZ  1 
ATOM   340  N N   . VAL A 1 46  ? -0.392  -7.660  0.096   1.00 16.18 ? 47  VAL A N   1 
ATOM   341  C CA  . VAL A 1 46  ? -1.088  -7.709  1.375   1.00 15.82 ? 47  VAL A CA  1 
ATOM   342  C C   . VAL A 1 46  ? -2.044  -6.522  1.579   1.00 17.15 ? 47  VAL A C   1 
ATOM   343  O O   . VAL A 1 46  ? -3.167  -6.664  2.088   1.00 18.56 ? 47  VAL A O   1 
ATOM   344  C CB  . VAL A 1 46  ? -0.076  -7.831  2.527   1.00 16.15 ? 47  VAL A CB  1 
ATOM   345  C CG1 . VAL A 1 46  ? -0.732  -7.658  3.861   1.00 16.89 ? 47  VAL A CG1 1 
ATOM   346  C CG2 . VAL A 1 46  ? 0.657   -9.189  2.476   1.00 16.98 ? 47  VAL A CG2 1 
ATOM   347  N N   . HIS A 1 47  ? -1.635  -5.350  1.119   1.00 17.04 ? 48  HIS A N   1 
ATOM   348  C CA  . HIS A 1 47  ? -2.432  -4.151  1.181   1.00 17.36 ? 48  HIS A CA  1 
ATOM   349  C C   . HIS A 1 47  ? -3.699  -4.393  0.363   1.00 16.66 ? 48  HIS A C   1 
ATOM   350  O O   . HIS A 1 47  ? -4.784  -3.956  0.792   1.00 17.09 ? 48  HIS A O   1 
ATOM   351  C CB  . HIS A 1 47  ? -1.619  -2.945  0.693   1.00 16.41 ? 48  HIS A CB  1 
ATOM   352  C CG  . HIS A 1 47  ? -2.319  -1.645  0.837   1.00 16.95 ? 48  HIS A CG  1 
ATOM   353  N ND1 . HIS A 1 47  ? -2.779  -0.943  -0.246  1.00 17.77 ? 48  HIS A ND1 1 
ATOM   354  C CD2 . HIS A 1 47  ? -2.676  -0.955  1.938   1.00 18.02 ? 48  HIS A CD2 1 
ATOM   355  C CE1 . HIS A 1 47  ? -3.383  0.157   0.184   1.00 17.05 ? 48  HIS A CE1 1 
ATOM   356  N NE2 . HIS A 1 47  ? -3.300  0.199   1.501   1.00 17.58 ? 48  HIS A NE2 1 
ATOM   357  N N   . ASP A 1 48  ? -3.574  -4.947  -0.796  1.00 17.38 ? 49  ASP A N   1 
ATOM   358  C CA  . ASP A 1 48  ? -4.725  -5.226  -1.634  1.00 17.91 ? 49  ASP A CA  1 
ATOM   359  C C   . ASP A 1 48  ? -5.668  -6.203  -0.919  1.00 18.34 ? 49  ASP A C   1 
ATOM   360  O O   . ASP A 1 48  ? -6.867  -6.000  -0.918  1.00 19.42 ? 49  ASP A O   1 
ATOM   361  C CB  . ASP A 1 48  ? -4.310  -5.861  -2.943  1.00 18.52 ? 49  ASP A CB  1 
ATOM   362  C CG  . ASP A 1 48  ? -3.648  -4.895  -3.909  1.00 21.32 ? 49  ASP A CG  1 
ATOM   363  O OD1 . ASP A 1 48  ? -3.572  -3.672  -3.669  1.00 24.29 ? 49  ASP A OD1 1 
ATOM   364  O OD2 . ASP A 1 48  ? -3.086  -5.362  -4.935  1.00 27.29 ? 49  ASP A OD2 1 
ATOM   365  N N   . CYS A 1 49  ? -5.128  -7.226  -0.278  1.00 17.91 ? 50  CYS A N   1 
ATOM   366  C CA  . CYS A 1 49  ? -5.918  -8.180  0.471   1.00 18.53 ? 50  CYS A CA  1 
ATOM   367  C C   . CYS A 1 49  ? -6.582  -7.465  1.620   1.00 19.10 ? 50  CYS A C   1 
ATOM   368  O O   . CYS A 1 49  ? -7.725  -7.748  1.944   1.00 20.69 ? 50  CYS A O   1 
ATOM   369  C CB  . CYS A 1 49  ? -5.025  -9.270  1.016   1.00 19.04 ? 50  CYS A CB  1 
ATOM   370  S SG  . CYS A 1 49  ? -4.293  -10.376 -0.208  1.00 20.89 ? 50  CYS A SG  1 
ATOM   371  N N   . CYS A 1 50  ? -5.844  -6.581  2.275   1.00 18.78 ? 51  CYS A N   1 
ATOM   372  C CA  . CYS A 1 50  ? -6.337  -5.829  3.400   1.00 18.06 ? 51  CYS A CA  1 
ATOM   373  C C   . CYS A 1 50  ? -7.591  -5.013  2.983   1.00 19.09 ? 51  CYS A C   1 
ATOM   374  O O   . CYS A 1 50  ? -8.620  -5.001  3.685   1.00 19.81 ? 51  CYS A O   1 
ATOM   375  C CB  . CYS A 1 50  ? -5.263  -4.950  3.986   1.00 18.45 ? 51  CYS A CB  1 
ATOM   376  S SG  . CYS A 1 50  ? -5.520  -4.384  5.670   1.00 18.61 ? 51  CYS A SG  1 
ATOM   377  N N   . TYR A 1 51  ? -7.513  -4.301  1.877   1.00 18.27 ? 52  TYR A N   1 
ATOM   378  C CA  . TYR A 1 51  ? -8.656  -3.586  1.349   1.00 19.35 ? 52  TYR A CA  1 
ATOM   379  C C   . TYR A 1 51  ? -9.758  -4.559  0.973   1.00 20.63 ? 52  TYR A C   1 
ATOM   380  O O   . TYR A 1 51  ? -10.923 -4.265  1.122   1.00 21.31 ? 52  TYR A O   1 
ATOM   381  C CB  . TYR A 1 51  ? -8.243  -2.772  0.130   1.00 18.61 ? 52  TYR A CB  1 
ATOM   382  C CG  . TYR A 1 51  ? -7.577  -1.438  0.400   1.00 18.77 ? 52  TYR A CG  1 
ATOM   383  C CD1 . TYR A 1 51  ? -7.240  -0.994  1.683   1.00 17.02 ? 52  TYR A CD1 1 
ATOM   384  C CD2 . TYR A 1 51  ? -7.315  -0.591  -0.657  1.00 18.68 ? 52  TYR A CD2 1 
ATOM   385  C CE1 . TYR A 1 51  ? -6.663  0.271   1.878   1.00 18.13 ? 52  TYR A CE1 1 
ATOM   386  C CE2 . TYR A 1 51  ? -6.748  0.637   -0.465  1.00 17.60 ? 52  TYR A CE2 1 
ATOM   387  C CZ  . TYR A 1 51  ? -6.419  1.069   0.789   1.00 18.79 ? 52  TYR A CZ  1 
ATOM   388  O OH  . TYR A 1 51  ? -5.860  2.354   0.934   1.00 18.46 ? 52  TYR A OH  1 
ATOM   389  N N   . GLY A 1 52  ? -9.383  -5.737  0.501   1.00 20.81 ? 53  GLY A N   1 
ATOM   390  C CA  . GLY A 1 52  ? -10.335 -6.765  0.118   1.00 22.53 ? 53  GLY A CA  1 
ATOM   391  C C   . GLY A 1 52  ? -11.087 -7.299  1.315   1.00 22.27 ? 53  GLY A C   1 
ATOM   392  O O   . GLY A 1 52  ? -12.189 -7.883  1.133   1.00 24.83 ? 53  GLY A O   1 
ATOM   393  N N   . ASN A 1 53  ? -10.569 -7.124  2.518   1.00 22.81 ? 54  ASN A N   1 
ATOM   394  C CA  . ASN A 1 53  ? -11.245 -7.526  3.733   1.00 23.45 ? 54  ASN A CA  1 
ATOM   395  C C   . ASN A 1 53  ? -12.398 -6.545  4.001   1.00 23.54 ? 54  ASN A C   1 
ATOM   396  O O   . ASN A 1 53  ? -13.222 -6.825  4.850   1.00 24.43 ? 54  ASN A O   1 
ATOM   397  C CB  . ASN A 1 53  ? -10.346 -7.526  4.989   1.00 23.47 ? 54  ASN A CB  1 
ATOM   398  C CG  . ASN A 1 53  ? -9.125  -8.544  4.939   1.00 24.67 ? 54  ASN A CG  1 
ATOM   399  O OD1 . ASN A 1 53  ? -9.263  -9.617  4.371   1.00 27.52 ? 54  ASN A OD1 1 
ATOM   400  N ND2 . ASN A 1 53  ? -7.926  -8.170  5.522   1.00 21.33 ? 54  ASN A ND2 1 
ATOM   401  N N   . LEU A 1 54  ? -12.428 -5.414  3.296   1.00 22.78 ? 55  LEU A N   1 
ATOM   402  C CA  . LEU A 1 54  ? -13.399 -4.350  3.553   1.00 22.87 ? 55  LEU A CA  1 
ATOM   403  C C   . LEU A 1 54  ? -14.256 -4.046  2.338   1.00 22.86 ? 55  LEU A C   1 
ATOM   404  O O   . LEU A 1 54  ? -14.274 -2.928  1.879   1.00 22.06 ? 55  LEU A O   1 
ATOM   405  C CB  . LEU A 1 54  ? -12.639 -3.084  3.972   1.00 22.82 ? 55  LEU A CB  1 
ATOM   406  C CG  . LEU A 1 54  ? -11.498 -3.274  4.946   1.00 23.37 ? 55  LEU A CG  1 
ATOM   407  C CD1 . LEU A 1 54  ? -10.685 -1.987  5.040   1.00 22.24 ? 55  LEU A CD1 1 
ATOM   408  C CD2 . LEU A 1 54  ? -12.087 -3.672  6.309   1.00 24.64 ? 55  LEU A CD2 1 
ATOM   409  N N   . PRO A 1 55  ? -15.060 -4.993  1.845   1.00 24.11 ? 56  PRO A N   1 
ATOM   410  C CA  . PRO A 1 55  ? -15.842 -4.796  0.621   1.00 24.03 ? 56  PRO A CA  1 
ATOM   411  C C   . PRO A 1 55  ? -16.870 -3.642  0.689   1.00 21.65 ? 56  PRO A C   1 
ATOM   412  O O   . PRO A 1 55  ? -17.303 -3.230  -0.364  1.00 22.85 ? 56  PRO A O   1 
ATOM   413  C CB  . PRO A 1 55  ? -16.545 -6.167  0.463   1.00 24.39 ? 56  PRO A CB  1 
ATOM   414  C CG  . PRO A 1 55  ? -16.645 -6.635  1.805   1.00 26.08 ? 56  PRO A CG  1 
ATOM   415  C CD  . PRO A 1 55  ? -15.303 -6.322  2.430   1.00 25.19 ? 56  PRO A CD  1 
ATOM   416  N N   . ASP A 1 56  ? -17.314 -3.403  1.928   1.00 20.62 ? 59  ASP A N   1 
ATOM   417  C CA  . ASP A 1 56  ? -18.304 -2.334  2.063   1.00 20.06 ? 59  ASP A CA  1 
ATOM   418  C C   . ASP A 1 56  ? -17.706 -1.003  2.530   1.00 19.69 ? 59  ASP A C   1 
ATOM   419  O O   . ASP A 1 56  ? -18.423 -0.063  2.943   1.00 20.25 ? 59  ASP A O   1 
ATOM   420  C CB  . ASP A 1 56  ? -19.395 -2.787  3.006   1.00 20.48 ? 59  ASP A CB  1 
ATOM   421  C CG  . ASP A 1 56  ? -20.192 -3.916  2.424   1.00 21.70 ? 59  ASP A CG  1 
ATOM   422  O OD1 . ASP A 1 56  ? -20.838 -4.628  3.194   1.00 27.78 ? 59  ASP A OD1 1 
ATOM   423  O OD2 . ASP A 1 56  ? -20.193 -4.227  1.267   1.00 25.54 ? 59  ASP A OD2 1 
ATOM   424  N N   . CYS A 1 57  ? -16.423 -0.884  2.401   1.00 20.02 ? 61  CYS A N   1 
ATOM   425  C CA  . CYS A 1 57  ? -15.689 0.351   2.639   1.00 19.37 ? 61  CYS A CA  1 
ATOM   426  C C   . CYS A 1 57  ? -15.208 0.908   1.319   1.00 19.42 ? 61  CYS A C   1 
ATOM   427  O O   . CYS A 1 57  ? -15.150 0.201   0.308   1.00 21.00 ? 61  CYS A O   1 
ATOM   428  C CB  . CYS A 1 57  ? -14.550 0.160   3.631   1.00 20.19 ? 61  CYS A CB  1 
ATOM   429  S SG  . CYS A 1 57  ? -15.059 -0.434  5.237   1.00 19.69 ? 61  CYS A SG  1 
ATOM   430  N N   . ASN A 1 58  ? -14.728 2.194   1.295   1.00 18.97 ? 67  ASN A N   1 
ATOM   431  C CA  . ASN A 1 58  ? -14.286 2.841   0.099   1.00 20.01 ? 67  ASN A CA  1 
ATOM   432  C C   . ASN A 1 58  ? -12.931 3.490   0.374   1.00 20.55 ? 67  ASN A C   1 
ATOM   433  O O   . ASN A 1 58  ? -12.846 4.669   0.544   1.00 20.77 ? 67  ASN A O   1 
ATOM   434  C CB  . ASN A 1 58  ? -15.372 3.824   -0.378  1.00 21.17 ? 67  ASN A CB  1 
ATOM   435  C CG  . ASN A 1 58  ? -16.675 3.116   -0.751  1.00 21.45 ? 67  ASN A CG  1 
ATOM   436  O OD1 . ASN A 1 58  ? -16.852 2.646   -1.854  1.00 24.80 ? 67  ASN A OD1 1 
ATOM   437  N ND2 . ASN A 1 58  ? -17.584 3.022   0.204   1.00 19.88 ? 67  ASN A ND2 1 
ATOM   438  N N   . PRO A 1 59  ? -11.887 2.664   0.363   1.00 21.74 ? 68  PRO A N   1 
ATOM   439  C CA  . PRO A 1 59  ? -10.537 3.094   0.732   1.00 22.33 ? 68  PRO A CA  1 
ATOM   440  C C   . PRO A 1 59  ? -9.934  4.159   -0.177  1.00 23.12 ? 68  PRO A C   1 
ATOM   441  O O   . PRO A 1 59  ? -9.030  4.901   0.260   1.00 23.56 ? 68  PRO A O   1 
ATOM   442  C CB  . PRO A 1 59  ? -9.721  1.802   0.601   1.00 23.31 ? 68  PRO A CB  1 
ATOM   443  C CG  . PRO A 1 59  ? -10.646 0.705   0.643   1.00 24.52 ? 68  PRO A CG  1 
ATOM   444  C CD  . PRO A 1 59  ? -11.921 1.238   0.018   1.00 21.38 ? 68  PRO A CD  1 
ATOM   445  N N   . LYS A 1 60  ? -10.352 4.244   -1.430  1.00 23.26 ? 69  LYS A N   1 
ATOM   446  C CA  . LYS A 1 60  ? -9.797  5.263   -2.308  1.00 24.05 ? 69  LYS A CA  1 
ATOM   447  C C   . LYS A 1 60  ? -10.178 6.653   -1.891  1.00 23.04 ? 69  LYS A C   1 
ATOM   448  O O   . LYS A 1 60  ? -9.367  7.574   -1.985  1.00 22.99 ? 69  LYS A O   1 
ATOM   449  C CB  . LYS A 1 60  ? -10.270 5.035   -3.751  1.00 25.16 ? 69  LYS A CB  1 
ATOM   450  C CG  . LYS A 1 60  ? -9.592  3.825   -4.342  1.00 28.80 ? 69  LYS A CG  1 
ATOM   451  C CD  . LYS A 1 60  ? -10.040 3.604   -5.757  1.00 34.11 ? 69  LYS A CD  1 
ATOM   452  C CE  . LYS A 1 60  ? -9.383  2.385   -6.360  1.00 36.03 ? 69  LYS A CE  1 
ATOM   453  N NZ  . LYS A 1 60  ? -9.885  2.250   -7.776  1.00 37.96 ? 69  LYS A NZ  1 
ATOM   454  N N   . SER A 1 61  ? -11.424 6.858   -1.449  1.00 22.73 ? 70  SER A N   1 
ATOM   455  C CA  . SER A 1 61  ? -11.908 8.205   -1.147  1.00 21.96 ? 70  SER A CA  1 
ATOM   456  C C   . SER A 1 61  ? -12.164 8.541   0.295   1.00 20.77 ? 70  SER A C   1 
ATOM   457  O O   . SER A 1 61  ? -12.075 9.681   0.668   1.00 22.27 ? 70  SER A O   1 
ATOM   458  C CB  . SER A 1 61  ? -13.184 8.486   -1.942  1.00 23.12 ? 70  SER A CB  1 
ATOM   459  O OG  . SER A 1 61  ? -14.185 7.531   -1.536  1.00 25.22 ? 70  SER A OG  1 
ATOM   460  N N   . ASP A 1 62  ? -12.457 7.557   1.122   1.00 19.29 ? 71  ASP A N   1 
ATOM   461  C CA  . ASP A 1 62  ? -12.788 7.797   2.516   1.00 18.33 ? 71  ASP A CA  1 
ATOM   462  C C   . ASP A 1 62  ? -11.553 8.271   3.258   1.00 19.37 ? 71  ASP A C   1 
ATOM   463  O O   . ASP A 1 62  ? -10.519 7.649   3.153   1.00 19.61 ? 71  ASP A O   1 
ATOM   464  C CB  . ASP A 1 62  ? -13.345 6.519   3.131   1.00 18.94 ? 71  ASP A CB  1 
ATOM   465  C CG  . ASP A 1 62  ? -14.103 6.751   4.391   1.00 18.62 ? 71  ASP A CG  1 
ATOM   466  O OD1 . ASP A 1 62  ? -14.160 7.913   4.891   1.00 18.12 ? 71  ASP A OD1 1 
ATOM   467  O OD2 . ASP A 1 62  ? -14.728 5.816   4.974   1.00 18.12 ? 71  ASP A OD2 1 
ATOM   468  N N   . ARG A 1 63  ? -11.669 9.374   3.972   1.00 19.02 ? 72  ARG A N   1 
ATOM   469  C CA  . ARG A 1 63  ? -10.547 9.961   4.688   1.00 19.69 ? 72  ARG A CA  1 
ATOM   470  C C   . ARG A 1 63  ? -10.541 9.559   6.142   1.00 19.59 ? 72  ARG A C   1 
ATOM   471  O O   . ARG A 1 63  ? -11.548 9.503   6.814   1.00 20.21 ? 72  ARG A O   1 
ATOM   472  C CB  . ARG A 1 63  ? -10.650 11.488  4.608   1.00 19.34 ? 72  ARG A CB  1 
ATOM   473  C CG  . ARG A 1 63  ? -10.558 12.059  3.223   1.00 20.55 ? 72  ARG A CG  1 
ATOM   474  C CD  . ARG A 1 63  ? -10.337 13.559  3.195   1.00 20.89 ? 72  ARG A CD  1 
ATOM   475  N NE  . ARG A 1 63  ? -10.541 14.108  1.859   1.00 21.97 ? 72  ARG A NE  1 
ATOM   476  C CZ  . ARG A 1 63  ? -10.283 15.367  1.511   1.00 24.06 ? 72  ARG A CZ  1 
ATOM   477  N NH1 . ARG A 1 63  ? -10.522 15.762  0.285   1.00 27.07 ? 72  ARG A NH1 1 
ATOM   478  N NH2 . ARG A 1 63  ? -9.753  16.190  2.365   1.00 22.78 ? 72  ARG A NH2 1 
ATOM   479  N N   . TYR A 1 64  ? -9.379  9.271   6.671   1.00 19.17 ? 73  TYR A N   1 
ATOM   480  C CA  . TYR A 1 64  ? -9.201  8.949   8.070   1.00 19.36 ? 73  TYR A CA  1 
ATOM   481  C C   . TYR A 1 64  ? -8.171  9.942   8.622   1.00 19.05 ? 73  TYR A C   1 
ATOM   482  O O   . TYR A 1 64  ? -7.511  10.640  7.854   1.00 20.33 ? 73  TYR A O   1 
ATOM   483  C CB  . TYR A 1 64  ? -8.672  7.539   8.246   1.00 19.32 ? 73  TYR A CB  1 
ATOM   484  C CG  . TYR A 1 64  ? -7.456  7.227   7.421   1.00 18.67 ? 73  TYR A CG  1 
ATOM   485  C CD1 . TYR A 1 64  ? -6.213  7.689   7.794   1.00 19.22 ? 73  TYR A CD1 1 
ATOM   486  C CD2 . TYR A 1 64  ? -7.558  6.481   6.247   1.00 19.16 ? 73  TYR A CD2 1 
ATOM   487  C CE1 . TYR A 1 64  ? -5.074  7.387   7.015   1.00 18.93 ? 73  TYR A CE1 1 
ATOM   488  C CE2 . TYR A 1 64  ? -6.481  6.236   5.443   1.00 18.48 ? 73  TYR A CE2 1 
ATOM   489  C CZ  . TYR A 1 64  ? -5.213  6.675   5.821   1.00 19.05 ? 73  TYR A CZ  1 
ATOM   490  O OH  . TYR A 1 64  ? -4.105  6.385   5.042   1.00 19.53 ? 73  TYR A OH  1 
ATOM   491  N N   . LYS A 1 65  ? -8.078  9.994   9.945   1.00 19.39 ? 74  LYS A N   1 
ATOM   492  C CA  . LYS A 1 65  ? -7.110  10.838  10.660  1.00 20.91 ? 74  LYS A CA  1 
ATOM   493  C C   . LYS A 1 65  ? -6.109  9.968   11.407  1.00 20.47 ? 74  LYS A C   1 
ATOM   494  O O   . LYS A 1 65  ? -6.460  8.895   11.902  1.00 20.74 ? 74  LYS A O   1 
ATOM   495  C CB  . LYS A 1 65  ? -7.812  11.748  11.674  1.00 22.22 ? 74  LYS A CB  1 
ATOM   496  C CG  . LYS A 1 65  ? -8.790  12.743  11.053  1.00 22.38 ? 74  LYS A CG  1 
ATOM   497  C CD  . LYS A 1 65  ? -8.085  13.765  10.169  1.00 25.69 ? 74  LYS A CD  1 
ATOM   498  C CE  . LYS A 1 65  ? -9.031  14.930  9.852   1.00 25.80 ? 74  LYS A CE  1 
ATOM   499  N NZ  . LYS A 1 65  ? -8.364  15.953  8.990   1.00 27.76 ? 74  LYS A NZ  1 
ATOM   500  N N   . TYR A 1 66  ? -4.870  10.415  11.411  1.00 20.87 ? 75  TYR A N   1 
ATOM   501  C CA  . TYR A 1 66  ? -3.811  9.725   12.127  1.00 20.62 ? 75  TYR A CA  1 
ATOM   502  C C   . TYR A 1 66  ? -2.824  10.747  12.604  1.00 21.28 ? 75  TYR A C   1 
ATOM   503  O O   . TYR A 1 66  ? -2.758  11.865  12.059  1.00 22.27 ? 75  TYR A O   1 
ATOM   504  C CB  . TYR A 1 66  ? -3.135  8.678   11.245  1.00 20.82 ? 75  TYR A CB  1 
ATOM   505  C CG  . TYR A 1 66  ? -2.226  9.196   10.172  1.00 20.88 ? 75  TYR A CG  1 
ATOM   506  C CD1 . TYR A 1 66  ? -0.866  9.320   10.395  1.00 20.84 ? 75  TYR A CD1 1 
ATOM   507  C CD2 . TYR A 1 66  ? -2.704  9.541   8.925   1.00 20.71 ? 75  TYR A CD2 1 
ATOM   508  C CE1 . TYR A 1 66  ? -0.024  9.772   9.411   1.00 20.35 ? 75  TYR A CE1 1 
ATOM   509  C CE2 . TYR A 1 66  ? -1.887  9.980   7.943   1.00 21.72 ? 75  TYR A CE2 1 
ATOM   510  C CZ  . TYR A 1 66  ? -0.535  10.107  8.174   1.00 19.92 ? 75  TYR A CZ  1 
ATOM   511  O OH  . TYR A 1 66  ? 0.294   10.548  7.158   1.00 23.06 ? 75  TYR A OH  1 
ATOM   512  N N   . LYS A 1 67  ? -2.071  10.377  13.622  1.00 21.26 ? 76  LYS A N   1 
ATOM   513  C CA  . LYS A 1 67  ? -1.052  11.240  14.175  1.00 21.54 ? 76  LYS A CA  1 
ATOM   514  C C   . LYS A 1 67  ? 0.223   10.410  14.348  1.00 21.30 ? 76  LYS A C   1 
ATOM   515  O O   . LYS A 1 67  ? 0.217   9.194   14.124  1.00 20.66 ? 76  LYS A O   1 
ATOM   516  C CB  . LYS A 1 67  ? -1.502  11.810  15.509  1.00 22.31 ? 76  LYS A CB  1 
ATOM   517  C CG  . LYS A 1 67  ? -1.837  10.756  16.508  1.00 23.86 ? 76  LYS A CG  1 
ATOM   518  C CD  . LYS A 1 67  ? -2.292  11.375  17.830  1.00 26.23 ? 76  LYS A CD  1 
ATOM   519  C CE  . LYS A 1 67  ? -2.560  10.341  18.852  1.00 27.68 ? 76  LYS A CE  1 
ATOM   520  N NZ  . LYS A 1 67  ? -3.036  11.004  20.111  1.00 29.45 ? 76  LYS A NZ  1 
ATOM   521  N N   . ARG A 1 68  ? 1.298   11.080  14.758  1.00 23.75 ? 77  ARG A N   1 
ATOM   522  C CA  . ARG A 1 68  ? 2.606   10.480  15.011  1.00 25.44 ? 77  ARG A CA  1 
ATOM   523  C C   . ARG A 1 68  ? 2.904   10.631  16.466  1.00 26.64 ? 77  ARG A C   1 
ATOM   524  O O   . ARG A 1 68  ? 2.754   11.741  17.018  1.00 25.67 ? 77  ARG A O   1 
ATOM   525  C CB  . ARG A 1 68  ? 3.657   11.222  14.198  1.00 25.92 ? 77  ARG A CB  1 
ATOM   526  C CG  . ARG A 1 68  ? 3.557   11.096  12.724  1.00 26.90 ? 77  ARG A CG  1 
ATOM   527  C CD  . ARG A 1 68  ? 4.254   9.849   12.196  1.00 27.05 ? 77  ARG A CD  1 
ATOM   528  N NE  . ARG A 1 68  ? 4.100   9.675   10.760  1.00 24.23 ? 77  ARG A NE  1 
ATOM   529  C CZ  . ARG A 1 68  ? 4.645   8.692   10.068  1.00 20.91 ? 77  ARG A CZ  1 
ATOM   530  N NH1 . ARG A 1 68  ? 4.443   8.573   8.775   1.00 24.08 ? 77  ARG A NH1 1 
ATOM   531  N NH2 . ARG A 1 68  ? 5.407   7.794   10.671  1.00 24.07 ? 77  ARG A NH2 1 
ATOM   532  N N   . VAL A 1 69  ? 3.212   9.511   17.114  1.00 27.27 ? 78  VAL A N   1 
ATOM   533  C CA  . VAL A 1 69  ? 3.628   9.467   18.513  1.00 28.74 ? 78  VAL A CA  1 
ATOM   534  C C   . VAL A 1 69  ? 5.052   8.915   18.418  1.00 30.69 ? 78  VAL A C   1 
ATOM   535  O O   . VAL A 1 69  ? 5.253   7.730   18.164  1.00 29.89 ? 78  VAL A O   1 
ATOM   536  C CB  . VAL A 1 69  ? 2.703   8.599   19.372  1.00 29.12 ? 78  VAL A CB  1 
ATOM   537  C CG1 . VAL A 1 69  ? 3.232   8.509   20.797  1.00 30.33 ? 78  VAL A CG1 1 
ATOM   538  C CG2 . VAL A 1 69  ? 1.292   9.175   19.392  1.00 29.72 ? 78  VAL A CG2 1 
ATOM   539  N N   . ASN A 1 70  ? 6.027   9.808   18.570  1.00 32.85 ? 79  ASN A N   1 
ATOM   540  C CA  . ASN A 1 70  ? 7.399   9.451   18.302  1.00 34.52 ? 79  ASN A CA  1 
ATOM   541  C C   . ASN A 1 70  ? 7.410   9.519   16.762  1.00 34.17 ? 79  ASN A C   1 
ATOM   542  O O   . ASN A 1 70  ? 7.060   10.527  16.161  1.00 36.21 ? 79  ASN A O   1 
ATOM   543  C CB  . ASN A 1 70  ? 7.732   8.025   18.766  1.00 35.44 ? 79  ASN A CB  1 
ATOM   544  C CG  . ASN A 1 70  ? 7.164   7.685   20.125  1.00 38.40 ? 79  ASN A CG  1 
ATOM   545  O OD1 . ASN A 1 70  ? 7.368   8.405   21.114  1.00 43.57 ? 79  ASN A OD1 1 
ATOM   546  N ND2 . ASN A 1 70  ? 6.460   6.552   20.189  1.00 40.77 ? 79  ASN A ND2 1 
ATOM   547  N N   . GLY A 1 71  ? 7.760   8.424   16.117  1.00 33.01 ? 80  GLY A N   1 
ATOM   548  C CA  . GLY A 1 71  ? 7.703   8.342   14.673  1.00 31.31 ? 80  GLY A CA  1 
ATOM   549  C C   . GLY A 1 71  ? 6.587   7.347   14.313  1.00 28.79 ? 80  GLY A C   1 
ATOM   550  O O   . GLY A 1 71  ? 6.265   7.125   13.145  1.00 30.59 ? 80  GLY A O   1 
ATOM   551  N N   . ALA A 1 72  ? 5.961   6.772   15.327  1.00 27.51 ? 81  ALA A N   1 
ATOM   552  C CA  . ALA A 1 72  ? 4.917   5.758   15.114  1.00 25.82 ? 81  ALA A CA  1 
ATOM   553  C C   . ALA A 1 72  ? 3.587   6.349   14.654  1.00 24.67 ? 81  ALA A C   1 
ATOM   554  O O   . ALA A 1 72  ? 3.139   7.373   15.132  1.00 25.32 ? 81  ALA A O   1 
ATOM   555  C CB  . ALA A 1 72  ? 4.714   4.985   16.388  1.00 26.91 ? 81  ALA A CB  1 
ATOM   556  N N   . ILE A 1 73  ? 2.948   5.666   13.709  1.00 22.74 ? 82  ILE A N   1 
ATOM   557  C CA  . ILE A 1 73  ? 1.658   6.063   13.202  1.00 21.37 ? 82  ILE A CA  1 
ATOM   558  C C   . ILE A 1 73  ? 0.596   5.547   14.150  1.00 21.10 ? 82  ILE A C   1 
ATOM   559  O O   . ILE A 1 73  ? 0.606   4.388   14.555  1.00 20.99 ? 82  ILE A O   1 
ATOM   560  C CB  . ILE A 1 73  ? 1.459   5.469   11.808  1.00 20.47 ? 82  ILE A CB  1 
ATOM   561  C CG1 . ILE A 1 73  ? 2.472   6.069   10.811  1.00 21.42 ? 82  ILE A CG1 1 
ATOM   562  C CG2 . ILE A 1 73  ? 0.009   5.702   11.327  1.00 20.67 ? 82  ILE A CG2 1 
ATOM   563  C CD1 . ILE A 1 73  ? 2.467   5.351   9.475   1.00 21.94 ? 82  ILE A CD1 1 
ATOM   564  N N   . VAL A 1 74  ? -0.320  6.444   14.551  1.00 21.08 ? 83  VAL A N   1 
ATOM   565  C CA  . VAL A 1 74  ? -1.440  6.097   15.411  1.00 21.26 ? 83  VAL A CA  1 
ATOM   566  C C   . VAL A 1 74  ? -2.717  6.527   14.710  1.00 20.84 ? 83  VAL A C   1 
ATOM   567  O O   . VAL A 1 74  ? -2.957  7.720   14.523  1.00 21.15 ? 83  VAL A O   1 
ATOM   568  C CB  . VAL A 1 74  ? -1.338  6.785   16.773  1.00 21.81 ? 83  VAL A CB  1 
ATOM   569  C CG1 . VAL A 1 74  ? -2.503  6.397   17.595  1.00 21.47 ? 83  VAL A CG1 1 
ATOM   570  C CG2 . VAL A 1 74  ? 0.029   6.433   17.502  1.00 24.56 ? 83  VAL A CG2 1 
ATOM   571  N N   . CYS A 1 75  ? -3.501  5.545   14.302  1.00 20.98 ? 84  CYS A N   1 
ATOM   572  C CA  . CYS A 1 75  ? -4.770  5.812   13.648  1.00 21.77 ? 84  CYS A CA  1 
ATOM   573  C C   . CYS A 1 75  ? -5.756  6.340   14.693  1.00 22.74 ? 84  CYS A C   1 
ATOM   574  O O   . CYS A 1 75  ? -5.927  5.719   15.747  1.00 25.47 ? 84  CYS A O   1 
ATOM   575  C CB  . CYS A 1 75  ? -5.278  4.556   12.980  1.00 22.50 ? 84  CYS A CB  1 
ATOM   576  S SG  . CYS A 1 75  ? -4.302  3.934   11.575  1.00 21.54 ? 84  CYS A SG  1 
ATOM   577  N N   . GLU A 1 76  ? -6.344  7.508   14.450  1.00 22.04 ? 85  GLU A N   1 
ATOM   578  C CA  . GLU A 1 76  ? -7.302  8.124   15.369  1.00 24.02 ? 85  GLU A CA  1 
ATOM   579  C C   . GLU A 1 76  ? -8.696  7.599   15.039  1.00 24.65 ? 85  GLU A C   1 
ATOM   580  O O   . GLU A 1 76  ? -8.951  7.122   13.931  1.00 26.24 ? 85  GLU A O   1 
ATOM   581  C CB  . GLU A 1 76  ? -7.216  9.640   15.260  1.00 23.98 ? 85  GLU A CB  1 
ATOM   582  C CG  . GLU A 1 76  ? -5.924  10.162  15.899  1.00 24.63 ? 85  GLU A CG  1 
ATOM   583  C CD  . GLU A 1 76  ? -5.621  11.614  15.557  1.00 27.75 ? 85  GLU A CD  1 
ATOM   584  O OE1 . GLU A 1 76  ? -5.406  11.918  14.375  1.00 30.48 ? 85  GLU A OE1 1 
ATOM   585  O OE2 . GLU A 1 76  ? -5.540  12.446  16.488  1.00 30.56 ? 85  GLU A OE2 1 
ATOM   586  N N   . LYS A 1 77  ? -9.591  7.630   16.012  1.00 23.43 ? 86  LYS A N   1 
ATOM   587  C CA  . LYS A 1 77  ? -10.918 7.032   15.843  1.00 24.09 ? 86  LYS A CA  1 
ATOM   588  C C   . LYS A 1 77  ? -11.819 7.848   14.930  1.00 24.13 ? 86  LYS A C   1 
ATOM   589  O O   . LYS A 1 77  ? -11.994 9.055   15.097  1.00 25.90 ? 86  LYS A O   1 
ATOM   590  C CB  . LYS A 1 77  ? -11.592 6.807   17.198  1.00 24.80 ? 86  LYS A CB  1 
ATOM   591  C CG  . LYS A 1 77  ? -12.823 5.879   17.141  1.00 28.17 ? 86  LYS A CG  1 
ATOM   592  C CD  . LYS A 1 77  ? -13.224 5.485   18.540  1.00 33.24 ? 86  LYS A CD  1 
ATOM   593  C CE  . LYS A 1 77  ? -14.686 5.036   18.632  1.00 35.83 ? 86  LYS A CE  1 
ATOM   594  N NZ  . LYS A 1 77  ? -14.947 3.747   17.983  1.00 37.66 ? 86  LYS A NZ  1 
ATOM   595  N N   . GLY A 1 78  ? -12.359 7.140   13.907  1.00 21.18 ? 88  GLY A N   1 
ATOM   596  C CA  . GLY A 1 78  ? -13.326 7.682   12.976  1.00 19.99 ? 88  GLY A CA  1 
ATOM   597  C C   . GLY A 1 78  ? -14.396 6.646   12.844  1.00 20.31 ? 88  GLY A C   1 
ATOM   598  O O   . GLY A 1 78  ? -14.714 5.982   13.806  1.00 21.56 ? 88  GLY A O   1 
ATOM   599  N N   . THR A 1 79  ? -14.932 6.491   11.651  1.00 19.93 ? 89  THR A N   1 
ATOM   600  C CA  . THR A 1 79  ? -15.928 5.454   11.468  1.00 19.78 ? 89  THR A CA  1 
ATOM   601  C C   . THR A 1 79  ? -15.201 4.092   11.464  1.00 20.71 ? 89  THR A C   1 
ATOM   602  O O   . THR A 1 79  ? -13.952 4.011   11.367  1.00 20.34 ? 89  THR A O   1 
ATOM   603  C CB  . THR A 1 79  ? -16.677 5.630   10.142  1.00 20.08 ? 89  THR A CB  1 
ATOM   604  O OG1 . THR A 1 79  ? -15.784 5.388   9.043   1.00 18.93 ? 89  THR A OG1 1 
ATOM   605  C CG2 . THR A 1 79  ? -17.295 7.047   9.994   1.00 19.10 ? 89  THR A CG2 1 
ATOM   606  N N   . SER A 1 80  ? -15.923 2.987   11.516  1.00 20.59 ? 90  SER A N   1 
ATOM   607  C CA  . SER A 1 80  ? -15.314 1.695   11.497  1.00 20.80 ? 90  SER A CA  1 
ATOM   608  C C   . SER A 1 80  ? -14.488 1.491   10.224  1.00 19.17 ? 90  SER A C   1 
ATOM   609  O O   . SER A 1 80  ? -13.382 0.932   10.273  1.00 19.35 ? 90  SER A O   1 
ATOM   610  C CB  . SER A 1 80  ? -16.335 0.548   11.671  1.00 21.98 ? 90  SER A CB  1 
ATOM   611  O OG  . SER A 1 80  ? -16.963 0.701   12.917  1.00 28.57 ? 90  SER A OG  1 
ATOM   612  N N   . CYS A 1 81  ? -15.041 1.854   9.092   1.00 17.92 ? 91  CYS A N   1 
ATOM   613  C CA  . CYS A 1 81  ? -14.358 1.744   7.826   1.00 18.38 ? 91  CYS A CA  1 
ATOM   614  C C   . CYS A 1 81  ? -13.084 2.574   7.856   1.00 17.24 ? 91  CYS A C   1 
ATOM   615  O O   . CYS A 1 81  ? -12.015 2.090   7.413   1.00 18.51 ? 91  CYS A O   1 
ATOM   616  C CB  . CYS A 1 81  ? -15.226 2.242   6.649   1.00 17.06 ? 91  CYS A CB  1 
ATOM   617  S SG  . CYS A 1 81  ? -16.344 0.964   5.974   1.00 19.93 ? 91  CYS A SG  1 
ATOM   618  N N   . GLU A 1 82  ? -13.145 3.794   8.346   1.00 16.94 ? 92  GLU A N   1 
ATOM   619  C CA  . GLU A 1 82  ? -11.966 4.619   8.366   1.00 16.84 ? 92  GLU A CA  1 
ATOM   620  C C   . GLU A 1 82  ? -10.856 4.051   9.204   1.00 17.97 ? 92  GLU A C   1 
ATOM   621  O O   . GLU A 1 82  ? -9.713  4.068   8.809   1.00 18.41 ? 92  GLU A O   1 
ATOM   622  C CB  . GLU A 1 82  ? -12.376 6.025   8.839   1.00 17.26 ? 92  GLU A CB  1 
ATOM   623  C CG  . GLU A 1 82  ? -13.152 6.758   7.751   1.00 17.89 ? 92  GLU A CG  1 
ATOM   624  C CD  . GLU A 1 82  ? -13.971 7.956   8.223   1.00 16.85 ? 92  GLU A CD  1 
ATOM   625  O OE1 . GLU A 1 82  ? -14.052 8.263   9.409   1.00 18.27 ? 92  GLU A OE1 1 
ATOM   626  O OE2 . GLU A 1 82  ? -14.596 8.662   7.357   1.00 19.07 ? 92  GLU A OE2 1 
ATOM   627  N N   . ASN A 1 83  ? -11.222 3.490   10.336  1.00 18.03 ? 93  ASN A N   1 
ATOM   628  C CA  . ASN A 1 83  ? -10.239 2.894   11.221  1.00 18.10 ? 93  ASN A CA  1 
ATOM   629  C C   . ASN A 1 83  ? -9.551  1.710   10.540  1.00 17.87 ? 93  ASN A C   1 
ATOM   630  O O   . ASN A 1 83  ? -8.326  1.536   10.632  1.00 18.71 ? 93  ASN A O   1 
ATOM   631  C CB  . ASN A 1 83  ? -10.893 2.382   12.507  1.00 19.42 ? 93  ASN A CB  1 
ATOM   632  C CG  . ASN A 1 83  ? -11.595 3.470   13.307  1.00 20.53 ? 93  ASN A CG  1 
ATOM   633  O OD1 . ASN A 1 83  ? -11.243 4.621   13.243  1.00 22.57 ? 93  ASN A OD1 1 
ATOM   634  N ND2 . ASN A 1 83  ? -12.615 3.066   14.091  1.00 24.45 ? 93  ASN A ND2 1 
ATOM   635  N N   . ARG A 1 84  ? -10.318 0.885   9.878   1.00 17.75 ? 94  ARG A N   1 
ATOM   636  C CA  . ARG A 1 84  ? -9.774  -0.305  9.250   1.00 17.63 ? 94  ARG A CA  1 
ATOM   637  C C   . ARG A 1 84  ? -8.957  0.050   8.015   1.00 17.79 ? 94  ARG A C   1 
ATOM   638  O O   . ARG A 1 84  ? -7.924  -0.557  7.737   1.00 17.90 ? 94  ARG A O   1 
ATOM   639  C CB  . ARG A 1 84  ? -10.887 -1.269  8.886   1.00 18.40 ? 94  ARG A CB  1 
ATOM   640  C CG  . ARG A 1 84  ? -11.708 -1.696  10.081  1.00 22.17 ? 94  ARG A CG  1 
ATOM   641  C CD  . ARG A 1 84  ? -13.081 -2.248  9.676   1.00 24.31 ? 94  ARG A CD  1 
ATOM   642  N NE  . ARG A 1 84  ? -12.974 -3.655  9.299   1.00 25.01 ? 94  ARG A NE  1 
ATOM   643  C CZ  . ARG A 1 84  ? -13.934 -4.380  8.771   1.00 27.83 ? 94  ARG A CZ  1 
ATOM   644  N NH1 . ARG A 1 84  ? -15.070 -3.796  8.407   1.00 27.59 ? 94  ARG A NH1 1 
ATOM   645  N NH2 . ARG A 1 84  ? -13.725 -5.674  8.549   1.00 28.76 ? 94  ARG A NH2 1 
ATOM   646  N N   . ILE A 1 85  ? -9.395  1.005   7.246   1.00 17.21 ? 95  ILE A N   1 
ATOM   647  C CA  . ILE A 1 85  ? -8.610  1.543   6.156   1.00 16.64 ? 95  ILE A CA  1 
ATOM   648  C C   . ILE A 1 85  ? -7.288  2.096   6.636   1.00 16.46 ? 95  ILE A C   1 
ATOM   649  O O   . ILE A 1 85  ? -6.241  1.782   6.078   1.00 16.02 ? 95  ILE A O   1 
ATOM   650  C CB  . ILE A 1 85  ? -9.378  2.604   5.342   1.00 16.90 ? 95  ILE A CB  1 
ATOM   651  C CG1 . ILE A 1 85  ? -10.631 2.015   4.704   1.00 17.76 ? 95  ILE A CG1 1 
ATOM   652  C CG2 . ILE A 1 85  ? -8.479  3.214   4.279   1.00 19.17 ? 95  ILE A CG2 1 
ATOM   653  C CD1 . ILE A 1 85  ? -11.617 3.079   4.205   1.00 19.97 ? 95  ILE A CD1 1 
ATOM   654  N N   . CYS A 1 86  ? -7.311  2.861   7.684   1.00 15.99 ? 96  CYS A N   1 
ATOM   655  C CA  . CYS A 1 86  ? -6.087  3.464   8.199   1.00 16.61 ? 96  CYS A CA  1 
ATOM   656  C C   . CYS A 1 86  ? -5.122  2.369   8.608   1.00 16.96 ? 96  CYS A C   1 
ATOM   657  O O   . CYS A 1 86  ? -3.932  2.463   8.331   1.00 17.35 ? 96  CYS A O   1 
ATOM   658  C CB  . CYS A 1 86  ? -6.392  4.362   9.392   1.00 16.73 ? 96  CYS A CB  1 
ATOM   659  S SG  . CYS A 1 86  ? -4.938  5.192   10.066  1.00 18.66 ? 96  CYS A SG  1 
ATOM   660  N N   . GLU A 1 87  ? -5.618  1.324   9.266   1.00 16.72 ? 97  GLU A N   1 
ATOM   661  C CA  . GLU A 1 87  ? -4.728  0.235   9.668   1.00 17.46 ? 97  GLU A CA  1 
ATOM   662  C C   . GLU A 1 87  ? -4.102  -0.470  8.478   1.00 17.52 ? 97  GLU A C   1 
ATOM   663  O O   . GLU A 1 87  ? -2.936  -0.881  8.572   1.00 18.01 ? 97  GLU A O   1 
ATOM   664  C CB  . GLU A 1 87  ? -5.457  -0.760  10.567  1.00 17.55 ? 97  GLU A CB  1 
ATOM   665  C CG  . GLU A 1 87  ? -5.759  -0.243  11.972  1.00 21.18 ? 97  GLU A CG  1 
ATOM   666  C CD  . GLU A 1 87  ? -4.555  0.126   12.799  1.00 22.32 ? 97  GLU A CD  1 
ATOM   667  O OE1 . GLU A 1 87  ? -3.494  -0.489  12.622  1.00 25.26 ? 97  GLU A OE1 1 
ATOM   668  O OE2 . GLU A 1 87  ? -4.680  1.047   13.651  1.00 25.63 ? 97  GLU A OE2 1 
ATOM   669  N N   . CYS A 1 88  ? -4.830  -0.655  7.391   1.00 17.40 ? 98  CYS A N   1 
ATOM   670  C CA  . CYS A 1 88  ? -4.245  -1.222  6.186   1.00 17.65 ? 98  CYS A CA  1 
ATOM   671  C C   . CYS A 1 88  ? -3.163  -0.348  5.630   1.00 17.69 ? 98  CYS A C   1 
ATOM   672  O O   . CYS A 1 88  ? -2.135  -0.856  5.204   1.00 16.40 ? 98  CYS A O   1 
ATOM   673  C CB  . CYS A 1 88  ? -5.331  -1.396  5.091   1.00 15.62 ? 98  CYS A CB  1 
ATOM   674  S SG  . CYS A 1 88  ? -6.586  -2.646  5.413   1.00 18.47 ? 98  CYS A SG  1 
ATOM   675  N N   . ASP A 1 89  ? -3.395  0.952   5.571   1.00 17.12 ? 99  ASP A N   1 
ATOM   676  C CA  . ASP A 1 89  ? -2.438  1.861   4.992   1.00 16.03 ? 99  ASP A CA  1 
ATOM   677  C C   . ASP A 1 89  ? -1.221  1.939   5.867   1.00 16.73 ? 99  ASP A C   1 
ATOM   678  O O   . ASP A 1 89  ? -0.108  1.976   5.313   1.00 17.12 ? 99  ASP A O   1 
ATOM   679  C CB  . ASP A 1 89  ? -3.080  3.250   4.796   1.00 15.83 ? 99  ASP A CB  1 
ATOM   680  C CG  . ASP A 1 89  ? -4.051  3.311   3.640   1.00 16.06 ? 99  ASP A CG  1 
ATOM   681  O OD1 . ASP A 1 89  ? -4.349  2.279   3.032   1.00 16.82 ? 99  ASP A OD1 1 
ATOM   682  O OD2 . ASP A 1 89  ? -4.577  4.440   3.362   1.00 17.91 ? 99  ASP A OD2 1 
ATOM   683  N N   . LYS A 1 90  ? -1.400  2.035   7.171   1.00 16.45 ? 100 LYS A N   1 
ATOM   684  C CA  . LYS A 1 90  ? -0.294  2.082   8.122   1.00 17.00 ? 100 LYS A CA  1 
ATOM   685  C C   . LYS A 1 90  ? 0.619   0.892   7.915   1.00 16.23 ? 100 LYS A C   1 
ATOM   686  O O   . LYS A 1 90  ? 1.857   1.038   7.877   1.00 17.75 ? 100 LYS A O   1 
ATOM   687  C CB  . LYS A 1 90  ? -0.815  2.117   9.554   1.00 16.97 ? 100 LYS A CB  1 
ATOM   688  C CG  . LYS A 1 90  ? 0.237   1.899   10.639  1.00 16.81 ? 100 LYS A CG  1 
ATOM   689  C CD  . LYS A 1 90  ? -0.390  1.892   12.016  1.00 17.93 ? 100 LYS A CD  1 
ATOM   690  C CE  . LYS A 1 90  ? 0.639   1.565   13.056  1.00 19.34 ? 100 LYS A CE  1 
ATOM   691  N NZ  . LYS A 1 90  ? 0.028   1.547   14.420  1.00 22.43 ? 100 LYS A NZ  1 
ATOM   692  N N   . ALA A 1 91  ? 0.052   -0.296  7.842   1.00 16.81 ? 101 ALA A N   1 
ATOM   693  C CA  . ALA A 1 91  ? 0.829   -1.512  7.671   1.00 17.05 ? 101 ALA A CA  1 
ATOM   694  C C   . ALA A 1 91  ? 1.631   -1.439  6.378   1.00 16.32 ? 101 ALA A C   1 
ATOM   695  O O   . ALA A 1 91  ? 2.794   -1.806  6.346   1.00 16.14 ? 101 ALA A O   1 
ATOM   696  C CB  . ALA A 1 91  ? -0.058  -2.738  7.677   1.00 16.66 ? 101 ALA A CB  1 
ATOM   697  N N   . ALA A 1 92  ? 1.026   -0.991  5.305   1.00 17.12 ? 102 ALA A N   1 
ATOM   698  C CA  . ALA A 1 92  ? 1.709   -0.918  4.032   1.00 16.40 ? 102 ALA A CA  1 
ATOM   699  C C   . ALA A 1 92  ? 2.862   0.067   4.032   1.00 16.44 ? 102 ALA A C   1 
ATOM   700  O O   . ALA A 1 92  ? 3.904   -0.241  3.496   1.00 16.76 ? 102 ALA A O   1 
ATOM   701  C CB  . ALA A 1 92  ? 0.736   -0.567  2.932   1.00 17.02 ? 102 ALA A CB  1 
ATOM   702  N N   . ALA A 1 93  ? 2.635   1.228   4.613   1.00 17.25 ? 103 ALA A N   1 
ATOM   703  C CA  . ALA A 1 93  ? 3.658   2.237   4.708   1.00 17.27 ? 103 ALA A CA  1 
ATOM   704  C C   . ALA A 1 93  ? 4.844   1.741   5.501   1.00 18.04 ? 103 ALA A C   1 
ATOM   705  O O   . ALA A 1 93  ? 5.985   1.937   5.084   1.00 19.01 ? 103 ALA A O   1 
ATOM   706  C CB  . ALA A 1 93  ? 3.097   3.460   5.357   1.00 17.57 ? 103 ALA A CB  1 
ATOM   707  N N   . ILE A 1 94  ? 4.596   1.086   6.606   1.00 17.64 ? 104 ILE A N   1 
ATOM   708  C CA  . ILE A 1 94  ? 5.655   0.502   7.421   1.00 17.59 ? 104 ILE A CA  1 
ATOM   709  C C   . ILE A 1 94  ? 6.360   -0.588  6.609   1.00 17.70 ? 104 ILE A C   1 
ATOM   710  O O   . ILE A 1 94  ? 7.600   -0.706  6.662   1.00 17.59 ? 104 ILE A O   1 
ATOM   711  C CB  . ILE A 1 94  ? 5.081   -0.102  8.711   1.00 18.99 ? 104 ILE A CB  1 
ATOM   712  C CG1 . ILE A 1 94  ? 4.664   1.056   9.620   1.00 21.21 ? 104 ILE A CG1 1 
ATOM   713  C CG2 . ILE A 1 94  ? 6.097   -1.022  9.375   1.00 20.76 ? 104 ILE A CG2 1 
ATOM   714  C CD1 . ILE A 1 94  ? 3.865   0.628   10.820  1.00 22.59 ? 104 ILE A CD1 1 
ATOM   715  N N   . CYS A 1 95  ? 5.590   -1.398  5.903   1.00 17.45 ? 105 CYS A N   1 
ATOM   716  C CA  . CYS A 1 95  ? 6.140   -2.463  5.081   1.00 17.54 ? 105 CYS A CA  1 
ATOM   717  C C   . CYS A 1 95  ? 7.068   -1.882  4.024   1.00 17.22 ? 105 CYS A C   1 
ATOM   718  O O   . CYS A 1 95  ? 8.156   -2.448  3.744   1.00 18.01 ? 105 CYS A O   1 
ATOM   719  C CB  . CYS A 1 95  ? 5.015   -3.294  4.485   1.00 16.88 ? 105 CYS A CB  1 
ATOM   720  S SG  . CYS A 1 95  ? 5.529   -4.745  3.567   1.00 18.39 ? 105 CYS A SG  1 
ATOM   721  N N   . PHE A 1 96  ? 6.652   -0.801  3.388   1.00 17.49 ? 106 PHE A N   1 
ATOM   722  C CA  . PHE A 1 96  ? 7.493   -0.169  2.381   1.00 16.97 ? 106 PHE A CA  1 
ATOM   723  C C   . PHE A 1 96  ? 8.792   0.303   3.003   1.00 18.24 ? 106 PHE A C   1 
ATOM   724  O O   . PHE A 1 96  ? 9.875   0.122   2.435   1.00 18.24 ? 106 PHE A O   1 
ATOM   725  C CB  . PHE A 1 96  ? 6.814   1.032   1.727   1.00 17.45 ? 106 PHE A CB  1 
ATOM   726  C CG  . PHE A 1 96  ? 5.638   0.691   0.847   1.00 17.17 ? 106 PHE A CG  1 
ATOM   727  C CD1 . PHE A 1 96  ? 5.601   -0.399  0.049   1.00 18.37 ? 106 PHE A CD1 1 
ATOM   728  C CD2 . PHE A 1 96  ? 4.574   1.562   0.767   1.00 20.12 ? 106 PHE A CD2 1 
ATOM   729  C CE1 . PHE A 1 96  ? 4.515   -0.675  -0.765  1.00 17.99 ? 106 PHE A CE1 1 
ATOM   730  C CE2 . PHE A 1 96  ? 3.497   1.324   -0.076  1.00 20.26 ? 106 PHE A CE2 1 
ATOM   731  C CZ  . PHE A 1 96  ? 3.458   0.239   -0.828  1.00 19.70 ? 106 PHE A CZ  1 
ATOM   732  N N   . ARG A 1 97  ? 8.726   0.864   4.176   1.00 17.78 ? 107 ARG A N   1 
ATOM   733  C CA  . ARG A 1 97  ? 9.927   1.314   4.897   1.00 18.72 ? 107 ARG A CA  1 
ATOM   734  C C   . ARG A 1 97  ? 10.829  0.155   5.222   1.00 18.12 ? 107 ARG A C   1 
ATOM   735  O O   . ARG A 1 97  ? 12.057  0.242   5.066   1.00 19.78 ? 107 ARG A O   1 
ATOM   736  C CB  . ARG A 1 97  ? 9.554   2.044   6.168   1.00 17.86 ? 107 ARG A CB  1 
ATOM   737  C CG  . ARG A 1 97  ? 10.733  2.544   6.969   1.00 19.02 ? 107 ARG A CG  1 
ATOM   738  C CD  . ARG A 1 97  ? 11.472  3.685   6.365   1.00 21.32 ? 107 ARG A CD  1 
ATOM   739  N NE  . ARG A 1 97  ? 12.721  3.973   7.060   1.00 24.00 ? 107 ARG A NE  1 
ATOM   740  C CZ  . ARG A 1 97  ? 13.872  3.384   6.827   1.00 25.73 ? 107 ARG A CZ  1 
ATOM   741  N NH1 . ARG A 1 97  ? 14.937  3.776   7.516   1.00 31.72 ? 107 ARG A NH1 1 
ATOM   742  N NH2 . ARG A 1 97  ? 13.947  2.368   6.003   1.00 26.96 ? 107 ARG A NH2 1 
ATOM   743  N N   . GLN A 1 98  ? 10.232  -0.937  5.672   1.00 19.25 ? 108 GLN A N   1 
ATOM   744  C CA  . GLN A 1 98  ? 10.985  -2.122  6.033   1.00 18.93 ? 108 GLN A CA  1 
ATOM   745  C C   . GLN A 1 98  ? 11.687  -2.715  4.863   1.00 19.31 ? 108 GLN A C   1 
ATOM   746  O O   . GLN A 1 98  ? 12.676  -3.403  5.048   1.00 22.06 ? 108 GLN A O   1 
ATOM   747  C CB  . GLN A 1 98  ? 10.077  -3.178  6.680   1.00 19.84 ? 108 GLN A CB  1 
ATOM   748  C CG  . GLN A 1 98  ? 10.772  -4.306  7.342   1.00 23.40 ? 108 GLN A CG  1 
ATOM   749  C CD  . GLN A 1 98  ? 10.015  -4.873  8.542   1.00 29.29 ? 108 GLN A CD  1 
ATOM   750  O OE1 . GLN A 1 98  ? 10.611  -5.128  9.599   1.00 32.37 ? 108 GLN A OE1 1 
ATOM   751  N NE2 . GLN A 1 98  ? 8.711   -5.012  8.414   1.00 25.31 ? 108 GLN A NE2 1 
ATOM   752  N N   . ASN A 1 99  ? 11.211  -2.436  3.651   1.00 19.81 ? 109 ASN A N   1 
ATOM   753  C CA  . ASN A 1 99  ? 11.757  -3.084  2.463   1.00 19.88 ? 109 ASN A CA  1 
ATOM   754  C C   . ASN A 1 99  ? 12.413  -2.147  1.464   1.00 20.27 ? 109 ASN A C   1 
ATOM   755  O O   . ASN A 1 99  ? 12.687  -2.521  0.322   1.00 19.92 ? 109 ASN A O   1 
ATOM   756  C CB  . ASN A 1 99  ? 10.673  -3.930  1.816   1.00 18.93 ? 109 ASN A CB  1 
ATOM   757  C CG  . ASN A 1 99  ? 10.326  -5.128  2.675   1.00 20.35 ? 109 ASN A CG  1 
ATOM   758  O OD1 . ASN A 1 99  ? 11.140  -6.027  2.828   1.00 19.52 ? 109 ASN A OD1 1 
ATOM   759  N ND2 . ASN A 1 99  ? 9.137   -5.156  3.234   1.00 19.17 ? 109 ASN A ND2 1 
ATOM   760  N N   . LEU A 1 100 ? 12.680  -0.933  1.895   1.00 21.52 ? 110 LEU A N   1 
ATOM   761  C CA  . LEU A 1 100 ? 13.383  0.019   1.029   1.00 24.53 ? 110 LEU A CA  1 
ATOM   762  C C   . LEU A 1 100 ? 14.739  -0.517  0.563   1.00 25.57 ? 110 LEU A C   1 
ATOM   763  O O   . LEU A 1 100 ? 15.180  -0.214  -0.558  1.00 26.87 ? 110 LEU A O   1 
ATOM   764  C CB  . LEU A 1 100 ? 13.630  1.344   1.725   1.00 26.06 ? 110 LEU A CB  1 
ATOM   765  C CG  . LEU A 1 100 ? 12.516  2.375   1.685   1.00 27.45 ? 110 LEU A CG  1 
ATOM   766  C CD1 . LEU A 1 100 ? 12.983  3.652   2.377   1.00 26.91 ? 110 LEU A CD1 1 
ATOM   767  C CD2 . LEU A 1 100 ? 12.080  2.698   0.265   1.00 27.36 ? 110 LEU A CD2 1 
ATOM   768  N N   . ASN A 1 101 ? 15.391  -1.279  1.424   1.00 26.36 ? 111 ASN A N   1 
ATOM   769  C CA  . ASN A 1 101 ? 16.681  -1.868  1.116   1.00 27.98 ? 111 ASN A CA  1 
ATOM   770  C C   . ASN A 1 101 ? 16.695  -2.762  -0.116  1.00 27.20 ? 111 ASN A C   1 
ATOM   771  O O   . ASN A 1 101 ? 17.771  -3.036  -0.660  1.00 28.83 ? 111 ASN A O   1 
ATOM   772  C CB  . ASN A 1 101 ? 17.247  -2.633  2.334   1.00 28.60 ? 111 ASN A CB  1 
ATOM   773  C CG  . ASN A 1 101 ? 16.408  -3.830  2.769   1.00 30.27 ? 111 ASN A CG  1 
ATOM   774  O OD1 . ASN A 1 101 ? 16.923  -4.729  3.450   1.00 35.81 ? 111 ASN A OD1 1 
ATOM   775  N ND2 . ASN A 1 101 ? 15.137  -3.861  2.402   1.00 32.55 ? 111 ASN A ND2 1 
ATOM   776  N N   . THR A 1 102 ? 15.535  -3.257  -0.550  1.00 24.37 ? 112 THR A N   1 
ATOM   777  C CA  . THR A 1 102 ? 15.462  -4.099  -1.747  1.00 23.38 ? 112 THR A CA  1 
ATOM   778  C C   . THR A 1 102 ? 14.585  -3.520  -2.850  1.00 22.54 ? 112 THR A C   1 
ATOM   779  O O   . THR A 1 102 ? 14.340  -4.183  -3.845  1.00 22.92 ? 112 THR A O   1 
ATOM   780  C CB  . THR A 1 102 ? 15.001  -5.537  -1.444  1.00 23.42 ? 112 THR A CB  1 
ATOM   781  O OG1 . THR A 1 102 ? 13.700  -5.533  -0.792  1.00 23.31 ? 112 THR A OG1 1 
ATOM   782  C CG2 . THR A 1 102 ? 15.920  -6.202  -0.424  1.00 24.58 ? 112 THR A CG2 1 
ATOM   783  N N   . TYR A 1 103 ? 14.099  -2.305  -2.661  1.00 22.50 ? 113 TYR A N   1 
ATOM   784  C CA  . TYR A 1 103 ? 13.290  -1.650  -3.673  1.00 22.49 ? 113 TYR A CA  1 
ATOM   785  C C   . TYR A 1 103 ? 14.145  -1.575  -4.955  1.00 22.97 ? 113 TYR A C   1 
ATOM   786  O O   . TYR A 1 103 ? 15.316  -1.191  -4.891  1.00 24.06 ? 113 TYR A O   1 
ATOM   787  C CB  . TYR A 1 103 ? 12.887  -0.243  -3.198  1.00 22.08 ? 113 TYR A CB  1 
ATOM   788  C CG  . TYR A 1 103 ? 12.100  0.542   -4.231  1.00 22.01 ? 113 TYR A CG  1 
ATOM   789  C CD1 . TYR A 1 103 ? 12.716  1.116   -5.340  1.00 25.27 ? 113 TYR A CD1 1 
ATOM   790  C CD2 . TYR A 1 103 ? 10.740  0.709   -4.089  1.00 24.05 ? 113 TYR A CD2 1 
ATOM   791  C CE1 . TYR A 1 103 ? 11.992  1.787   -6.256  1.00 23.60 ? 113 TYR A CE1 1 
ATOM   792  C CE2 . TYR A 1 103 ? 10.008  1.364   -5.024  1.00 24.45 ? 113 TYR A CE2 1 
ATOM   793  C CZ  . TYR A 1 103 ? 10.626  1.918   -6.106  1.00 24.57 ? 113 TYR A CZ  1 
ATOM   794  O OH  . TYR A 1 103 ? 9.873   2.598   -7.026  1.00 25.06 ? 113 TYR A OH  1 
ATOM   795  N N   . SER A 1 104 ? 13.582  -1.979  -6.074  1.00 22.18 ? 114 SER A N   1 
ATOM   796  C CA  . SER A 1 104 ? 14.314  -1.963  -7.345  1.00 23.73 ? 114 SER A CA  1 
ATOM   797  C C   . SER A 1 104 ? 13.558  -1.224  -8.438  1.00 24.82 ? 114 SER A C   1 
ATOM   798  O O   . SER A 1 104 ? 12.447  -1.595  -8.825  1.00 22.98 ? 114 SER A O   1 
ATOM   799  C CB  . SER A 1 104 ? 14.579  -3.356  -7.821  1.00 24.34 ? 114 SER A CB  1 
ATOM   800  O OG  . SER A 1 104 ? 15.290  -3.279  -9.046  1.00 29.67 ? 114 SER A OG  1 
ATOM   801  N N   . LYS A 1 105 ? 14.192  -0.198  -8.977  1.00 26.52 ? 115 LYS A N   1 
ATOM   802  C CA  . LYS A 1 105 ? 13.599  0.590   -10.036 1.00 27.20 ? 115 LYS A CA  1 
ATOM   803  C C   . LYS A 1 105 ? 13.180  -0.210  -11.288 1.00 27.58 ? 115 LYS A C   1 
ATOM   804  O O   . LYS A 1 105 ? 12.316  0.230   -12.011 1.00 28.17 ? 115 LYS A O   1 
ATOM   805  C CB  . LYS A 1 105 ? 14.560  1.716   -10.425 1.00 28.05 ? 115 LYS A CB  1 
ATOM   806  C CG  . LYS A 1 105 ? 14.626  2.853   -9.444  1.00 31.33 ? 115 LYS A CG  1 
ATOM   807  C CD  . LYS A 1 105 ? 15.605  3.944   -9.930  1.00 36.05 ? 115 LYS A CD  1 
ATOM   808  C CE  . LYS A 1 105 ? 15.149  5.323   -9.524  1.00 38.80 ? 115 LYS A CE  1 
ATOM   809  N NZ  . LYS A 1 105 ? 16.100  6.393   -9.980  1.00 42.70 ? 115 LYS A NZ  1 
ATOM   810  N N   . LYS A 1 106 ? 13.757  -1.363  -11.533 1.00 27.28 ? 116 LYS A N   1 
ATOM   811  C CA  . LYS A 1 106 ? 13.437  -2.159  -12.674 1.00 27.95 ? 116 LYS A CA  1 
ATOM   812  C C   . LYS A 1 106 ? 11.985  -2.668  -12.611 1.00 26.66 ? 116 LYS A C   1 
ATOM   813  O O   . LYS A 1 106 ? 11.433  -3.096  -13.622 1.00 28.87 ? 116 LYS A O   1 
ATOM   814  C CB  . LYS A 1 106 ? 14.385  -3.356  -12.803 1.00 28.58 ? 116 LYS A CB  1 
ATOM   815  C CG  . LYS A 1 106 ? 14.160  -4.455  -11.761 1.00 31.75 ? 116 LYS A CG  1 
ATOM   816  C CD  . LYS A 1 106 ? 15.172  -5.564  -11.925 1.00 36.02 ? 116 LYS A CD  1 
ATOM   817  C CE  . LYS A 1 106 ? 15.105  -6.576  -10.795 1.00 38.28 ? 116 LYS A CE  1 
ATOM   818  N NZ  . LYS A 1 106 ? 16.267  -6.424  -9.870  1.00 42.00 ? 116 LYS A NZ  1 
ATOM   819  N N   . TYR A 1 107 ? 11.367  -2.618  -11.424 1.00 24.98 ? 117 TYR A N   1 
ATOM   820  C CA  . TYR A 1 107 ? 9.976   -3.050  -11.274 1.00 23.37 ? 117 TYR A CA  1 
ATOM   821  C C   . TYR A 1 107 ? 9.009   -1.901  -11.418 1.00 21.88 ? 117 TYR A C   1 
ATOM   822  O O   . TYR A 1 107 ? 7.810   -2.086  -11.371 1.00 22.21 ? 117 TYR A O   1 
ATOM   823  C CB  . TYR A 1 107 ? 9.748   -3.787  -9.937  1.00 22.71 ? 117 TYR A CB  1 
ATOM   824  C CG  . TYR A 1 107 ? 10.490  -5.062  -9.844  1.00 23.83 ? 117 TYR A CG  1 
ATOM   825  C CD1 . TYR A 1 107 ? 10.428  -6.007  -10.851 1.00 24.50 ? 117 TYR A CD1 1 
ATOM   826  C CD2 . TYR A 1 107 ? 11.266  -5.360  -8.710  1.00 23.43 ? 117 TYR A CD2 1 
ATOM   827  C CE1 . TYR A 1 107 ? 11.101  -7.213  -10.750 1.00 27.45 ? 117 TYR A CE1 1 
ATOM   828  C CE2 . TYR A 1 107 ? 11.938  -6.546  -8.626  1.00 25.49 ? 117 TYR A CE2 1 
ATOM   829  C CZ  . TYR A 1 107 ? 11.846  -7.475  -9.642  1.00 25.62 ? 117 TYR A CZ  1 
ATOM   830  O OH  . TYR A 1 107 ? 12.523  -8.675  -9.584  1.00 29.80 ? 117 TYR A OH  1 
ATOM   831  N N   . MET A 1 108 ? 9.509   -0.703  -11.671 1.00 23.34 ? 118 MET A N   1 
ATOM   832  C CA  . MET A 1 108 ? 8.612   0.428   -11.943 1.00 24.05 ? 118 MET A CA  1 
ATOM   833  C C   . MET A 1 108 ? 8.049   0.268   -13.365 1.00 22.86 ? 118 MET A C   1 
ATOM   834  O O   . MET A 1 108 ? 8.776   -0.135  -14.257 1.00 23.98 ? 118 MET A O   1 
ATOM   835  C CB  . MET A 1 108 ? 9.358   1.749   -11.848 1.00 25.03 ? 118 MET A CB  1 
ATOM   836  C CG  . MET A 1 108 ? 9.637   2.191   -10.404 1.00 26.61 ? 118 MET A CG  1 
ATOM   837  S SD  . MET A 1 108 ? 10.639  3.714   -10.278 1.00 31.40 ? 118 MET A SD  1 
ATOM   838  C CE  . MET A 1 108 ? 9.511   4.928   -10.784 1.00 30.45 ? 118 MET A CE  1 
ATOM   839  N N   . LEU A 1 109 ? 6.769   0.574   -13.577 1.00 23.40 ? 119 LEU A N   1 
ATOM   840  C CA  . LEU A 1 109 ? 6.114   0.422   -14.871 1.00 24.38 ? 119 LEU A CA  1 
ATOM   841  C C   . LEU A 1 109 ? 6.221   -1.017  -15.347 1.00 24.94 ? 119 LEU A C   1 
ATOM   842  O O   . LEU A 1 109 ? 6.375   -1.317  -16.541 1.00 26.35 ? 119 LEU A O   1 
ATOM   843  C CB  . LEU A 1 109 ? 6.730   1.379   -15.884 1.00 24.41 ? 119 LEU A CB  1 
ATOM   844  C CG  . LEU A 1 109 ? 6.567   2.867   -15.577 1.00 26.94 ? 119 LEU A CG  1 
ATOM   845  C CD1 . LEU A 1 109 ? 7.230   3.693   -16.631 1.00 28.50 ? 119 LEU A CD1 1 
ATOM   846  C CD2 . LEU A 1 109 ? 5.108   3.225   -15.450 1.00 27.61 ? 119 LEU A CD2 1 
ATOM   847  N N   . TYR A 1 110 ? 6.120   -1.947  -14.405 1.00 23.21 ? 120 TYR A N   1 
ATOM   848  C CA  . TYR A 1 110 ? 6.247   -3.356  -14.725 1.00 22.75 ? 120 TYR A CA  1 
ATOM   849  C C   . TYR A 1 110 ? 5.115   -3.792  -15.673 1.00 22.09 ? 120 TYR A C   1 
ATOM   850  O O   . TYR A 1 110 ? 3.905   -3.554  -15.403 1.00 22.70 ? 120 TYR A O   1 
ATOM   851  C CB  . TYR A 1 110 ? 6.252   -4.211  -13.432 1.00 22.77 ? 120 TYR A CB  1 
ATOM   852  C CG  . TYR A 1 110 ? 6.804   -5.593  -13.600 1.00 24.23 ? 120 TYR A CG  1 
ATOM   853  C CD1 . TYR A 1 110 ? 8.134   -5.785  -13.917 1.00 25.07 ? 120 TYR A CD1 1 
ATOM   854  C CD2 . TYR A 1 110 ? 6.011   -6.700  -13.430 1.00 23.43 ? 120 TYR A CD2 1 
ATOM   855  C CE1 . TYR A 1 110 ? 8.659   -7.035  -14.082 1.00 24.94 ? 120 TYR A CE1 1 
ATOM   856  C CE2 . TYR A 1 110 ? 6.513   -7.965  -13.611 1.00 23.70 ? 120 TYR A CE2 1 
ATOM   857  C CZ  . TYR A 1 110 ? 7.846   -8.134  -13.898 1.00 24.45 ? 120 TYR A CZ  1 
ATOM   858  O OH  . TYR A 1 110 ? 8.324   -9.405  -14.070 1.00 25.32 ? 120 TYR A OH  1 
ATOM   859  N N   . PRO A 1 111 ? 5.471   -4.410  -16.794 1.00 21.60 ? 121 PRO A N   1 
ATOM   860  C CA  . PRO A 1 111 ? 4.454   -4.823  -17.758 1.00 21.90 ? 121 PRO A CA  1 
ATOM   861  C C   . PRO A 1 111 ? 3.509   -5.879  -17.256 1.00 20.54 ? 121 PRO A C   1 
ATOM   862  O O   . PRO A 1 111 ? 4.006   -6.901  -16.705 1.00 21.65 ? 121 PRO A O   1 
ATOM   863  C CB  . PRO A 1 111 ? 5.280   -5.272  -18.958 1.00 21.02 ? 121 PRO A CB  1 
ATOM   864  C CG  . PRO A 1 111 ? 6.485   -5.612  -18.418 1.00 24.56 ? 121 PRO A CG  1 
ATOM   865  C CD  . PRO A 1 111 ? 6.818   -4.633  -17.310 1.00 21.98 ? 121 PRO A CD  1 
ATOM   866  N N   . ASP A 1 112 ? 2.217   -5.697  -17.540 1.00 20.02 ? 122 ASP A N   1 
ATOM   867  C CA  . ASP A 1 112 ? 1.171   -6.602  -17.068 1.00 20.52 ? 122 ASP A CA  1 
ATOM   868  C C   . ASP A 1 112 ? 1.398   -8.042  -17.443 1.00 21.54 ? 122 ASP A C   1 
ATOM   869  O O   . ASP A 1 112 ? 1.055   -8.958  -16.659 1.00 22.22 ? 122 ASP A O   1 
ATOM   870  C CB  . ASP A 1 112 ? -0.162  -6.146  -17.597 1.00 20.11 ? 122 ASP A CB  1 
ATOM   871  C CG  . ASP A 1 112 ? -1.311  -7.051  -17.145 1.00 21.76 ? 122 ASP A CG  1 
ATOM   872  O OD1 . ASP A 1 112 ? -1.679  -8.001  -17.860 1.00 24.84 ? 122 ASP A OD1 1 
ATOM   873  O OD2 . ASP A 1 112 ? -1.884  -6.800  -16.050 1.00 27.68 ? 122 ASP A OD2 1 
ATOM   874  N N   . PHE A 1 113 ? 1.861   -8.345  -18.616 1.00 22.00 ? 124 PHE A N   1 
ATOM   875  C CA  . PHE A 1 113 ? 1.893   -9.718  -19.094 1.00 23.05 ? 124 PHE A CA  1 
ATOM   876  C C   . PHE A 1 113 ? 2.863   -10.564 -18.297 1.00 23.38 ? 124 PHE A C   1 
ATOM   877  O O   . PHE A 1 113 ? 2.782   -11.783 -18.380 1.00 23.14 ? 124 PHE A O   1 
ATOM   878  C CB  . PHE A 1 113 ? 2.213   -9.783  -20.599 1.00 24.13 ? 124 PHE A CB  1 
ATOM   879  C CG  . PHE A 1 113 ? 3.665   -9.665  -20.916 1.00 24.19 ? 124 PHE A CG  1 
ATOM   880  C CD1 . PHE A 1 113 ? 4.319   -8.458  -20.836 1.00 25.93 ? 124 PHE A CD1 1 
ATOM   881  C CD2 . PHE A 1 113 ? 4.391   -10.786 -21.327 1.00 26.80 ? 124 PHE A CD2 1 
ATOM   882  C CE1 . PHE A 1 113 ? 5.680   -8.342  -21.138 1.00 25.70 ? 124 PHE A CE1 1 
ATOM   883  C CE2 . PHE A 1 113 ? 5.748   -10.697 -21.608 1.00 27.17 ? 124 PHE A CE2 1 
ATOM   884  C CZ  . PHE A 1 113 ? 6.396   -9.480  -21.529 1.00 27.40 ? 124 PHE A CZ  1 
ATOM   885  N N   . LEU A 1 114 ? 3.762   -9.951  -17.530 1.00 24.02 ? 125 LEU A N   1 
ATOM   886  C CA  . LEU A 1 114 ? 4.690   -10.721 -16.710 1.00 24.12 ? 125 LEU A CA  1 
ATOM   887  C C   . LEU A 1 114 ? 4.099   -11.035 -15.339 1.00 24.60 ? 125 LEU A C   1 
ATOM   888  O O   . LEU A 1 114 ? 4.777   -11.592 -14.472 1.00 25.82 ? 125 LEU A O   1 
ATOM   889  C CB  . LEU A 1 114 ? 5.992   -9.939  -16.544 1.00 24.73 ? 125 LEU A CB  1 
ATOM   890  C CG  . LEU A 1 114 ? 6.836   -9.769  -17.790 1.00 25.96 ? 125 LEU A CG  1 
ATOM   891  C CD1 . LEU A 1 114 ? 8.002   -8.840  -17.524 1.00 29.08 ? 125 LEU A CD1 1 
ATOM   892  C CD2 . LEU A 1 114 ? 7.314   -11.130 -18.258 1.00 28.19 ? 125 LEU A CD2 1 
ATOM   893  N N   . CYS A 1 115 ? 2.836   -10.707 -15.164 1.00 23.68 ? 126 CYS A N   1 
ATOM   894  C CA  . CYS A 1 115 ? 2.098   -10.968 -13.925 1.00 25.46 ? 126 CYS A CA  1 
ATOM   895  C C   . CYS A 1 115 ? 0.952   -11.910 -14.243 1.00 27.62 ? 126 CYS A C   1 
ATOM   896  O O   . CYS A 1 115 ? -0.112  -11.432 -14.613 1.00 29.37 ? 126 CYS A O   1 
ATOM   897  C CB  . CYS A 1 115 ? 1.526   -9.656  -13.389 1.00 24.31 ? 126 CYS A CB  1 
ATOM   898  S SG  . CYS A 1 115 ? 2.789   -8.465  -12.965 1.00 22.70 ? 126 CYS A SG  1 
ATOM   899  N N   . LYS A 1 116 ? 1.121   -13.211 -14.021 1.00 30.18 ? 127 LYS A N   1 
ATOM   900  C CA  . LYS A 1 116 ? 0.065   -14.173 -14.362 1.00 32.35 ? 127 LYS A CA  1 
ATOM   901  C C   . LYS A 1 116 ? -0.253  -15.071 -13.181 1.00 33.19 ? 127 LYS A C   1 
ATOM   902  O O   . LYS A 1 116 ? 0.622   -15.345 -12.382 1.00 34.21 ? 127 LYS A O   1 
ATOM   903  C CB  . LYS A 1 116 ? 0.505   -15.044 -15.542 1.00 32.58 ? 127 LYS A CB  1 
ATOM   904  C CG  . LYS A 1 116 ? 1.545   -14.410 -16.473 1.00 35.74 ? 127 LYS A CG  1 
ATOM   905  C CD  . LYS A 1 116 ? 2.488   -15.474 -17.042 1.00 37.74 ? 127 LYS A CD  1 
ATOM   906  C CE  . LYS A 1 116 ? 3.874   -14.908 -17.318 1.00 39.33 ? 127 LYS A CE  1 
ATOM   907  N NZ  . LYS A 1 116 ? 3.985   -14.129 -18.566 1.00 38.44 ? 127 LYS A NZ  1 
ATOM   908  N N   . GLY A 1 117 ? -1.507  -15.505 -13.071 1.00 35.19 ? 128 GLY A N   1 
ATOM   909  C CA  . GLY A 1 117 ? -1.896  -16.410 -12.004 1.00 35.92 ? 128 GLY A CA  1 
ATOM   910  C C   . GLY A 1 117 ? -2.466  -15.741 -10.765 1.00 36.88 ? 128 GLY A C   1 
ATOM   911  O O   . GLY A 1 117 ? -2.061  -14.665 -10.365 1.00 37.42 ? 128 GLY A O   1 
ATOM   912  N N   . GLU A 1 118 ? -3.417  -16.413 -10.136 1.00 37.54 ? 129 GLU A N   1 
ATOM   913  C CA  . GLU A 1 118 ? -4.025  -15.898 -8.925  1.00 38.14 ? 129 GLU A CA  1 
ATOM   914  C C   . GLU A 1 118 ? -3.269  -16.416 -7.716  1.00 37.44 ? 129 GLU A C   1 
ATOM   915  O O   . GLU A 1 118 ? -2.779  -17.543 -7.707  1.00 38.03 ? 129 GLU A O   1 
ATOM   916  C CB  . GLU A 1 118 ? -5.496  -16.305 -8.845  1.00 38.91 ? 129 GLU A CB  1 
ATOM   917  C CG  . GLU A 1 118 ? -6.475  -15.160 -9.074  1.00 42.00 ? 129 GLU A CG  1 
ATOM   918  C CD  . GLU A 1 118 ? -6.456  -14.123 -7.970  1.00 45.82 ? 129 GLU A CD  1 
ATOM   919  O OE1 . GLU A 1 118 ? -6.320  -14.500 -6.792  1.00 50.15 ? 129 GLU A OE1 1 
ATOM   920  O OE2 . GLU A 1 118 ? -6.598  -12.929 -8.289  1.00 48.43 ? 129 GLU A OE2 1 
ATOM   921  N N   . LEU A 1 119 ? -3.134  -15.561 -6.718  1.00 36.20 ? 130 LEU A N   1 
ATOM   922  C CA  . LEU A 1 119 ? -2.463  -15.893 -5.475  1.00 35.11 ? 130 LEU A CA  1 
ATOM   923  C C   . LEU A 1 119 ? -3.491  -15.566 -4.407  1.00 33.27 ? 130 LEU A C   1 
ATOM   924  O O   . LEU A 1 119 ? -3.969  -14.441 -4.333  1.00 31.86 ? 130 LEU A O   1 
ATOM   925  C CB  . LEU A 1 119 ? -1.230  -15.012 -5.322  1.00 35.31 ? 130 LEU A CB  1 
ATOM   926  C CG  . LEU A 1 119 ? 0.054   -15.650 -4.826  1.00 37.78 ? 130 LEU A CG  1 
ATOM   927  C CD1 . LEU A 1 119 ? 1.203   -15.203 -5.702  1.00 36.90 ? 130 LEU A CD1 1 
ATOM   928  C CD2 . LEU A 1 119 ? 0.307   -15.278 -3.392  1.00 39.49 ? 130 LEU A CD2 1 
ATOM   929  N N   . LYS A 1 120 ? -3.885  -16.556 -3.623  1.00 31.37 ? 131 LYS A N   1 
ATOM   930  C CA  . LYS A 1 120 ? -4.902  -16.353 -2.605  1.00 30.89 ? 131 LYS A CA  1 
ATOM   931  C C   . LYS A 1 120 ? -4.415  -15.556 -1.409  1.00 29.47 ? 131 LYS A C   1 
ATOM   932  O O   . LYS A 1 120 ? -3.256  -15.547 -1.045  1.00 27.40 ? 131 LYS A O   1 
ATOM   933  C CB  . LYS A 1 120 ? -5.475  -17.688 -2.139  1.00 31.61 ? 131 LYS A CB  1 
ATOM   934  C CG  . LYS A 1 120 ? -6.108  -18.461 -3.267  1.00 34.03 ? 131 LYS A CG  1 
ATOM   935  C CD  . LYS A 1 120 ? -6.641  -19.815 -2.808  1.00 35.88 ? 131 LYS A CD  1 
ATOM   936  C CE  . LYS A 1 120 ? -7.132  -20.647 -3.981  1.00 37.88 ? 131 LYS A CE  1 
ATOM   937  N NZ  . LYS A 1 120 ? -7.677  -21.989 -3.589  1.00 39.12 ? 131 LYS A NZ  1 
ATOM   938  N N   . CYS A 1 121 ? -5.235  -14.620 -0.923  1.00 26.75 ? 133 CYS A N   1 
ATOM   939  C CA  . CYS A 1 121 ? -4.968  -13.841 0.268   1.00 27.69 ? 133 CYS A CA  1 
ATOM   940  C C   . CYS A 1 121 ? -4.944  -14.701 1.531   1.00 28.81 ? 133 CYS A C   1 
ATOM   941  O O   . CYS A 1 121 ? -4.184  -14.385 2.453   1.00 29.35 ? 133 CYS A O   1 
ATOM   942  C CB  . CYS A 1 121 ? -6.034  -12.755 0.419   1.00 26.47 ? 133 CYS A CB  1 
ATOM   943  S SG  . CYS A 1 121 ? -5.908  -11.418 -0.815  1.00 24.81 ? 133 CYS A SG  1 
ATOM   944  O OXT . CYS A 1 121 ? -5.749  -15.646 1.539   1.00 32.12 ? 133 CYS A OXT 1 
HETATM 945  S S   . SO4 B 2 .   ? -7.125  15.328  5.198   1.00 28.39 ? 342 SO4 A S   1 
HETATM 946  O O1  . SO4 B 2 .   ? -6.810  14.181  4.321   1.00 28.37 ? 342 SO4 A O1  1 
HETATM 947  O O2  . SO4 B 2 .   ? -6.039  16.295  5.029   1.00 27.97 ? 342 SO4 A O2  1 
HETATM 948  O O3  . SO4 B 2 .   ? -8.373  16.006  4.812   1.00 28.99 ? 342 SO4 A O3  1 
HETATM 949  O O4  . SO4 B 2 .   ? -7.215  14.823  6.575   1.00 28.26 ? 342 SO4 A O4  1 
HETATM 950  S S   . SO4 C 2 .   ? 12.157  -12.691 -2.814  1.00 45.92 ? 343 SO4 A S   1 
HETATM 951  O O1  . SO4 C 2 .   ? 12.050  -14.116 -2.491  1.00 46.49 ? 343 SO4 A O1  1 
HETATM 952  O O2  . SO4 C 2 .   ? 11.077  -12.251 -3.689  1.00 43.01 ? 343 SO4 A O2  1 
HETATM 953  O O3  . SO4 C 2 .   ? 12.172  -11.924 -1.574  1.00 43.77 ? 343 SO4 A O3  1 
HETATM 954  O O4  . SO4 C 2 .   ? 13.433  -12.491 -3.502  1.00 47.51 ? 343 SO4 A O4  1 
HETATM 955  S S   . SO4 D 2 .   ? 17.720  0.305   -8.412  1.00 57.29 ? 344 SO4 A S   1 
HETATM 956  O O1  . SO4 D 2 .   ? 16.524  0.796   -7.728  1.00 55.05 ? 344 SO4 A O1  1 
HETATM 957  O O2  . SO4 D 2 .   ? 18.215  -0.887  -7.745  1.00 58.03 ? 344 SO4 A O2  1 
HETATM 958  O O3  . SO4 D 2 .   ? 17.409  -0.019  -9.799  1.00 57.68 ? 344 SO4 A O3  1 
HETATM 959  O O4  . SO4 D 2 .   ? 18.744  1.344   -8.380  1.00 56.34 ? 344 SO4 A O4  1 
HETATM 960  S S   . SO4 E 2 .   ? 3.731   0.708   16.570  1.00 76.20 ? 345 SO4 A S   1 
HETATM 961  O O1  . SO4 E 2 .   ? 2.404   0.817   15.970  1.00 76.31 ? 345 SO4 A O1  1 
HETATM 962  O O2  . SO4 E 2 .   ? 4.743   0.930   15.538  1.00 76.75 ? 345 SO4 A O2  1 
HETATM 963  O O3  . SO4 E 2 .   ? 3.865   1.711   17.623  1.00 76.10 ? 345 SO4 A O3  1 
HETATM 964  O O4  . SO4 E 2 .   ? 3.902   -0.626  17.137  1.00 75.75 ? 345 SO4 A O4  1 
HETATM 965  S S   . SO4 F 2 .   ? 2.364   -3.873  17.475  1.00 78.25 ? 346 SO4 A S   1 
HETATM 966  O O1  . SO4 F 2 .   ? 3.180   -3.724  18.679  1.00 78.45 ? 346 SO4 A O1  1 
HETATM 967  O O2  . SO4 F 2 .   ? 3.212   -4.257  16.354  1.00 78.34 ? 346 SO4 A O2  1 
HETATM 968  O O3  . SO4 F 2 .   ? 1.357   -4.908  17.696  1.00 78.30 ? 346 SO4 A O3  1 
HETATM 969  O O4  . SO4 F 2 .   ? 1.710   -2.603  17.168  1.00 78.31 ? 346 SO4 A O4  1 
HETATM 970  C C8  . ANN G 3 .   ? -2.560  6.413   -7.111  0.50 45.00 ? 347 ANN A C8  1 
HETATM 971  O O3  . ANN G 3 .   ? -1.475  6.279   -6.185  0.50 44.94 ? 347 ANN A O3  1 
HETATM 972  C C5  . ANN G 3 .   ? -1.114  5.086   -5.591  0.50 44.81 ? 347 ANN A C5  1 
HETATM 973  C C6  . ANN G 3 .   ? -0.002  5.057   -4.757  0.50 44.59 ? 347 ANN A C6  1 
HETATM 974  C C7  . ANN G 3 .   ? 0.399   3.879   -4.133  0.50 44.07 ? 347 ANN A C7  1 
HETATM 975  C C2  . ANN G 3 .   ? -0.315  2.704   -4.341  0.50 43.89 ? 347 ANN A C2  1 
HETATM 976  C C3  . ANN G 3 .   ? -1.430  2.726   -5.166  0.50 44.64 ? 347 ANN A C3  1 
HETATM 977  C C4  . ANN G 3 .   ? -1.829  3.905   -5.795  0.50 44.47 ? 347 ANN A C4  1 
HETATM 978  C C1  . ANN G 3 .   ? 0.103   1.419   -3.681  0.50 43.10 ? 347 ANN A C1  1 
HETATM 979  O O1  . ANN G 3 .   ? -0.516  0.375   -3.852  0.50 42.58 ? 347 ANN A O1  1 
HETATM 980  O O2  . ANN G 3 .   ? 1.169   1.419   -2.903  0.50 42.05 ? 347 ANN A O2  1 
HETATM 981  O O   . HOH H 4 .   ? 0.928   -4.091  3.423   1.00 17.56 ? 348 HOH A O   1 
HETATM 982  O O   . HOH H 4 .   ? -19.822 -0.102  5.352   1.00 20.99 ? 349 HOH A O   1 
HETATM 983  O O   . HOH H 4 .   ? -1.643  -3.601  4.421   1.00 17.22 ? 350 HOH A O   1 
HETATM 984  O O   . HOH H 4 .   ? 12.475  12.661  -0.194  1.00 37.37 ? 351 HOH A O   1 
HETATM 985  O O   . HOH H 4 .   ? 13.582  9.790   -2.892  1.00 41.07 ? 352 HOH A O   1 
HETATM 986  O O   . HOH H 4 .   ? 9.724   12.127  3.752   1.00 26.80 ? 353 HOH A O   1 
HETATM 987  O O   . HOH H 4 .   ? -1.443  -0.998  14.513  1.00 28.91 ? 354 HOH A O   1 
HETATM 988  O O   . HOH H 4 .   ? 6.536   -7.515  2.338   1.00 21.02 ? 355 HOH A O   1 
HETATM 989  O O   . HOH H 4 .   ? -11.796 13.882  7.410   1.00 32.75 ? 356 HOH A O   1 
HETATM 990  O O   . HOH H 4 .   ? 1.639   3.433   16.947  1.00 38.69 ? 357 HOH A O   1 
HETATM 991  O O   . HOH H 4 .   ? -5.490  12.133  19.296  1.00 26.75 ? 358 HOH A O   1 
HETATM 992  O O   . HOH H 4 .   ? 12.637  -10.822 -12.002 1.00 51.20 ? 359 HOH A O   1 
HETATM 993  O O   . HOH H 4 .   ? -2.955  -4.060  8.552   1.00 18.92 ? 360 HOH A O   1 
HETATM 994  O O   . HOH H 4 .   ? -3.506  15.083  4.313   1.00 30.07 ? 361 HOH A O   1 
HETATM 995  O O   . HOH H 4 .   ? -2.666  -19.157 -3.756  1.00 37.34 ? 362 HOH A O   1 
HETATM 996  O O   . HOH H 4 .   ? -6.178  14.372  1.774   1.00 34.68 ? 363 HOH A O   1 
HETATM 997  O O   . HOH H 4 .   ? 3.734   14.850  5.818   1.00 41.07 ? 364 HOH A O   1 
HETATM 998  O O   . HOH H 4 .   ? 11.443  5.081   -7.065  1.00 27.90 ? 365 HOH A O   1 
HETATM 999  O O   . HOH H 4 .   ? 9.772   9.032   -5.726  1.00 26.71 ? 366 HOH A O   1 
HETATM 1000 O O   . HOH H 4 .   ? -6.836  -8.419  -3.101  1.00 33.03 ? 367 HOH A O   1 
HETATM 1001 O O   . HOH H 4 .   ? -12.529 2.943   -2.781  1.00 25.33 ? 368 HOH A O   1 
HETATM 1002 O O   . HOH H 4 .   ? -22.136 -1.384  4.731   1.00 21.31 ? 369 HOH A O   1 
HETATM 1003 O O   . HOH H 4 .   ? -8.174  -4.859  -3.038  1.00 30.39 ? 370 HOH A O   1 
HETATM 1004 O O   . HOH H 4 .   ? 1.710   -2.491  -10.577 1.00 27.49 ? 371 HOH A O   1 
HETATM 1005 O O   . HOH H 4 .   ? 11.051  -11.695 -8.653  1.00 35.97 ? 372 HOH A O   1 
HETATM 1006 O O   . HOH H 4 .   ? 2.613   10.837  -4.917  1.00 25.32 ? 373 HOH A O   1 
HETATM 1007 O O   . HOH H 4 .   ? -1.218  -7.869  -11.669 1.00 28.89 ? 374 HOH A O   1 
HETATM 1008 O O   . HOH H 4 .   ? 6.737   -13.022 -3.932  1.00 22.65 ? 375 HOH A O   1 
HETATM 1009 O O   . HOH H 4 .   ? 14.394  -8.469  -3.949  1.00 30.64 ? 376 HOH A O   1 
HETATM 1010 O O   . HOH H 4 .   ? 12.695  -8.656  -1.845  1.00 25.51 ? 377 HOH A O   1 
HETATM 1011 O O   . HOH H 4 .   ? 13.772  -6.156  -5.593  1.00 28.27 ? 378 HOH A O   1 
HETATM 1012 O O   . HOH H 4 .   ? 6.935   -10.186 2.299   1.00 21.14 ? 379 HOH A O   1 
HETATM 1013 O O   . HOH H 4 .   ? 7.705   -7.144  4.783   1.00 22.36 ? 380 HOH A O   1 
HETATM 1014 O O   . HOH H 4 .   ? -5.032  -11.895 -4.650  1.00 31.10 ? 381 HOH A O   1 
HETATM 1015 O O   . HOH H 4 .   ? -4.122  -9.385  -3.464  1.00 26.27 ? 382 HOH A O   1 
HETATM 1016 O O   . HOH H 4 .   ? -1.927  -5.467  6.498   1.00 17.66 ? 383 HOH A O   1 
HETATM 1017 O O   . HOH H 4 .   ? -16.513 -3.858  4.637   1.00 23.25 ? 384 HOH A O   1 
HETATM 1018 O O   . HOH H 4 .   ? 2.283   -5.836  5.035   1.00 18.56 ? 385 HOH A O   1 
HETATM 1019 O O   . HOH H 4 .   ? -8.963  -10.036 0.997   1.00 32.89 ? 386 HOH A O   1 
HETATM 1020 O O   . HOH H 4 .   ? -21.519 -3.705  5.820   1.00 30.64 ? 387 HOH A O   1 
HETATM 1021 O O   . HOH H 4 .   ? -16.803 5.838   6.553   1.00 17.38 ? 388 HOH A O   1 
HETATM 1022 O O   . HOH H 4 .   ? -11.104 12.082  -0.414  1.00 29.25 ? 389 HOH A O   1 
HETATM 1023 O O   . HOH H 4 .   ? -13.939 11.247  3.972   1.00 20.26 ? 390 HOH A O   1 
HETATM 1024 O O   . HOH H 4 .   ? -12.170 11.594  8.611   1.00 25.41 ? 391 HOH A O   1 
HETATM 1025 O O   . HOH H 4 .   ? -12.255 10.941  11.137  1.00 30.55 ? 392 HOH A O   1 
HETATM 1026 O O   . HOH H 4 .   ? 1.466   13.809  14.997  1.00 35.11 ? 393 HOH A O   1 
HETATM 1027 O O   . HOH H 4 .   ? -4.530  12.894  9.786   1.00 25.97 ? 394 HOH A O   1 
HETATM 1028 O O   . HOH H 4 .   ? 5.943   14.360  13.418  1.00 34.71 ? 395 HOH A O   1 
HETATM 1029 O O   . HOH H 4 .   ? 4.271   3.348   12.845  1.00 25.27 ? 396 HOH A O   1 
HETATM 1030 O O   . HOH H 4 .   ? -2.711  2.873   14.844  1.00 22.79 ? 397 HOH A O   1 
HETATM 1031 O O   . HOH H 4 .   ? -5.018  3.522   17.538  1.00 48.93 ? 398 HOH A O   1 
HETATM 1032 O O   . HOH H 4 .   ? -9.436  -0.861  13.006  1.00 37.08 ? 399 HOH A O   1 
HETATM 1033 O O   . HOH H 4 .   ? -7.306  1.670   14.011  1.00 44.68 ? 400 HOH A O   1 
HETATM 1034 O O   . HOH H 4 .   ? 13.590  -6.159  1.789   1.00 23.81 ? 401 HOH A O   1 
HETATM 1035 O O   . HOH H 4 .   ? 9.816   -0.179  -0.411  1.00 19.86 ? 402 HOH A O   1 
HETATM 1036 O O   . HOH H 4 .   ? -10.222 8.820   11.380  1.00 28.80 ? 403 HOH A O   1 
HETATM 1037 O O   . HOH H 4 .   ? 11.251  -8.199  4.353   1.00 33.60 ? 404 HOH A O   1 
HETATM 1038 O O   . HOH H 4 .   ? -5.565  12.756  7.286   1.00 26.42 ? 405 HOH A O   1 
HETATM 1039 O O   . HOH H 4 .   ? -7.774  12.793  0.629   1.00 35.73 ? 406 HOH A O   1 
HETATM 1040 O O   . HOH H 4 .   ? -16.119 10.786  5.633   1.00 25.65 ? 407 HOH A O   1 
HETATM 1041 O O   . HOH H 4 .   ? -7.647  10.175  -2.667  1.00 29.00 ? 408 HOH A O   1 
HETATM 1042 O O   . HOH H 4 .   ? -3.135  12.960  5.999   1.00 29.25 ? 409 HOH A O   1 
HETATM 1043 O O   . HOH H 4 .   ? -14.119 11.473  1.313   1.00 23.07 ? 410 HOH A O   1 
HETATM 1044 O O   . HOH H 4 .   ? -15.665 10.471  10.156  1.00 24.67 ? 411 HOH A O   1 
HETATM 1045 O O   . HOH H 4 .   ? 10.399  -2.563  -17.876 1.00 37.94 ? 412 HOH A O   1 
HETATM 1046 O O   . HOH H 4 .   ? 10.797  -9.595  -14.779 1.00 33.98 ? 413 HOH A O   1 
HETATM 1047 O O   . HOH H 4 .   ? 2.304   15.810  13.893  1.00 47.73 ? 414 HOH A O   1 
HETATM 1048 O O   . HOH H 4 .   ? 2.619   12.312  9.981   1.00 33.33 ? 415 HOH A O   1 
HETATM 1049 O O   . HOH H 4 .   ? -18.130 -2.027  6.575   1.00 27.89 ? 416 HOH A O   1 
HETATM 1050 O O   . HOH H 4 .   ? -4.719  15.014  11.512  1.00 33.68 ? 417 HOH A O   1 
HETATM 1051 O O   . HOH H 4 .   ? 5.863   2.530   -9.617  1.00 26.59 ? 418 HOH A O   1 
HETATM 1052 O O   . HOH H 4 .   ? 3.945   14.446  16.135  1.00 41.63 ? 419 HOH A O   1 
HETATM 1053 O O   . HOH H 4 .   ? 3.085   12.680  -6.916  1.00 37.29 ? 420 HOH A O   1 
HETATM 1054 O O   . HOH H 4 .   ? 4.517   -14.301 -2.675  1.00 28.05 ? 421 HOH A O   1 
HETATM 1055 O O   . HOH H 4 .   ? 12.767  -10.771 -5.568  1.00 33.04 ? 422 HOH A O   1 
HETATM 1056 O O   . HOH H 4 .   ? 3.475   10.668  -2.091  1.00 27.22 ? 423 HOH A O   1 
HETATM 1057 O O   . HOH H 4 .   ? 9.096   -0.141  -19.333 1.00 43.54 ? 424 HOH A O   1 
HETATM 1058 O O   . HOH H 4 .   ? -13.279 11.524  17.758  1.00 39.81 ? 425 HOH A O   1 
HETATM 1059 O O   . HOH H 4 .   ? -19.628 -3.969  7.709   1.00 33.63 ? 426 HOH A O   1 
HETATM 1060 O O   . HOH H 4 .   ? 2.002   -4.547  -13.772 1.00 33.33 ? 427 HOH A O   1 
HETATM 1061 O O   . HOH H 4 .   ? 14.694  -0.889  4.632   1.00 30.03 ? 428 HOH A O   1 
HETATM 1062 O O   . HOH H 4 .   ? 16.174  1.143   5.070   1.00 32.84 ? 429 HOH A O   1 
HETATM 1063 O O   . HOH H 4 .   ? -10.690 -3.568  -2.754  1.00 35.89 ? 430 HOH A O   1 
HETATM 1064 O O   . HOH H 4 .   ? 8.099   -15.346 -4.154  1.00 41.30 ? 431 HOH A O   1 
HETATM 1065 O O   . HOH H 4 .   ? -4.794  -7.986  -5.755  1.00 30.83 ? 432 HOH A O   1 
HETATM 1066 O O   . HOH H 4 .   ? 9.391   -2.767  -15.345 1.00 30.47 ? 433 HOH A O   1 
HETATM 1067 O O   . HOH H 4 .   ? -10.988 10.864  16.887  1.00 29.88 ? 434 HOH A O   1 
HETATM 1068 O O   . HOH H 4 .   ? 14.299  -5.484  5.713   1.00 28.93 ? 435 HOH A O   1 
HETATM 1069 O O   . HOH H 4 .   ? 15.549  -7.046  3.395   1.00 35.44 ? 436 HOH A O   1 
HETATM 1070 O O   . HOH H 4 .   ? 15.599  -6.794  -7.503  1.00 36.71 ? 437 HOH A O   1 
HETATM 1071 O O   . HOH H 4 .   ? 10.399  1.562   -15.798 1.00 42.69 ? 438 HOH A O   1 
HETATM 1072 O O   . HOH H 4 .   ? -2.403  15.548  14.644  1.00 34.01 ? 439 HOH A O   1 
HETATM 1073 O O   . HOH H 4 .   ? -0.043  15.312  16.505  1.00 32.61 ? 440 HOH A O   1 
HETATM 1074 O O   . HOH H 4 .   ? -4.534  17.484  7.385   1.00 52.20 ? 441 HOH A O   1 
HETATM 1075 O O   . HOH H 4 .   ? 11.020  -7.837  6.839   1.00 34.90 ? 442 HOH A O   1 
HETATM 1076 O O   . HOH H 4 .   ? -3.461  13.950  1.944   1.00 33.44 ? 443 HOH A O   1 
HETATM 1077 O O   . HOH H 4 .   ? 10.773  11.698  -3.344  1.00 39.86 ? 444 HOH A O   1 
HETATM 1078 O O   . HOH H 4 .   ? -5.441  -18.291 -11.800 1.00 41.01 ? 445 HOH A O   1 
HETATM 1079 O O   . HOH H 4 .   ? -9.093  -9.646  -1.714  1.00 32.12 ? 446 HOH A O   1 
HETATM 1080 O O   . HOH H 4 .   ? -7.993  -14.154 -2.063  1.00 39.36 ? 447 HOH A O   1 
HETATM 1081 O O   . HOH H 4 .   ? 2.437   -12.403 -1.450  1.00 28.22 ? 448 HOH A O   1 
HETATM 1082 O O   . HOH H 4 .   ? -1.173  -16.959 -0.654  1.00 49.89 ? 449 HOH A O   1 
HETATM 1083 O O   . HOH H 4 .   ? -0.035  12.908  11.146  1.00 36.18 ? 450 HOH A O   1 
HETATM 1084 O O   . HOH H 4 .   ? -1.649  13.125  9.321   1.00 44.85 ? 451 HOH A O   1 
HETATM 1085 O O   . HOH H 4 .   ? 1.089   12.911  19.169  1.00 42.24 ? 452 HOH A O   1 
HETATM 1086 O O   . HOH H 4 .   ? 0.050   15.191  19.269  1.00 37.08 ? 453 HOH A O   1 
HETATM 1087 O O   . HOH H 4 .   ? 1.280   15.963  8.987   1.00 39.51 ? 454 HOH A O   1 
HETATM 1088 O O   . HOH H 4 .   ? -1.179  12.742  -6.155  1.00 40.95 ? 455 HOH A O   1 
HETATM 1089 O O   . HOH H 4 .   ? 5.101   3.321   19.799  1.00 46.72 ? 456 HOH A O   1 
HETATM 1090 O O   . HOH H 4 .   ? 8.758   15.607  -1.155  1.00 52.98 ? 457 HOH A O   1 
HETATM 1091 O O   . HOH H 4 .   ? 19.605  -4.778  0.173   1.00 43.23 ? 458 HOH A O   1 
HETATM 1092 O O   . HOH H 4 .   ? 4.932   12.303  -10.009 1.00 46.12 ? 459 HOH A O   1 
HETATM 1093 O O   . HOH H 4 .   ? -7.972  16.664  -2.678  1.00 52.07 ? 460 HOH A O   1 
HETATM 1094 O O   . HOH H 4 .   ? 6.759   12.805  15.141  1.00 42.57 ? 461 HOH A O   1 
HETATM 1095 O O   . HOH H 4 .   ? 15.464  3.283   -4.548  1.00 35.51 ? 462 HOH A O   1 
HETATM 1096 O O   . HOH H 4 .   ? 7.525   -12.953 -9.478  1.00 37.81 ? 463 HOH A O   1 
HETATM 1097 O O   . HOH H 4 .   ? 13.555  -8.930  0.520   1.00 33.63 ? 464 HOH A O   1 
HETATM 1098 O O   . HOH H 4 .   ? -9.865  7.749   20.626  1.00 33.33 ? 465 HOH A O   1 
HETATM 1099 O O   . HOH H 4 .   ? -3.547  -12.544 -7.162  1.00 34.00 ? 466 HOH A O   1 
HETATM 1100 O O   . HOH H 4 .   ? 13.014  -13.639 0.661   1.00 55.47 ? 467 HOH A O   1 
HETATM 1101 O O   . HOH H 4 .   ? 7.308   16.555  13.776  1.00 46.25 ? 468 HOH A O   1 
HETATM 1102 O O   . HOH H 4 .   ? -9.835  12.216  14.825  1.00 34.52 ? 469 HOH A O   1 
HETATM 1103 O O   . HOH H 4 .   ? 1.154   -2.120  11.404  1.00 20.87 ? 470 HOH A O   1 
HETATM 1104 O O   . HOH H 4 .   ? 12.213  -5.131  -15.475 1.00 49.44 ? 471 HOH A O   1 
HETATM 1105 O O   . HOH H 4 .   ? 7.315   -12.354 -14.113 1.00 38.84 ? 472 HOH A O   1 
HETATM 1106 O O   . HOH H 4 .   ? -3.988  -7.392  6.245   1.00 20.32 ? 473 HOH A O   1 
HETATM 1107 O O   . HOH H 4 .   ? 13.628  7.576   -0.075  1.00 42.77 ? 474 HOH A O   1 
HETATM 1108 O O   . HOH H 4 .   ? 2.494   -1.234  13.783  1.00 27.20 ? 475 HOH A O   1 
HETATM 1109 O O   . HOH H 4 .   ? -4.280  11.650  22.841  1.00 33.13 ? 476 HOH A O   1 
HETATM 1110 O O   . HOH H 4 .   ? -1.782  14.884  -0.026  1.00 42.41 ? 477 HOH A O   1 
HETATM 1111 O O   . HOH H 4 .   ? -14.609 1.798   -3.634  1.00 51.44 ? 478 HOH A O   1 
HETATM 1112 O O   . HOH H 4 .   ? -1.206  -4.450  10.688  1.00 23.71 ? 479 HOH A O   1 
HETATM 1113 O O   . HOH H 4 .   ? -8.577  3.849   14.512  1.00 32.42 ? 480 HOH A O   1 
HETATM 1114 O O   . HOH H 4 .   ? 12.569  -10.156 3.106   1.00 38.28 ? 481 HOH A O   1 
HETATM 1115 O O   . HOH H 4 .   ? -9.471  8.881   -4.728  1.00 38.17 ? 482 HOH A O   1 
HETATM 1116 O O   . HOH H 4 .   ? 1.579   5.519   -12.193 1.00 36.28 ? 483 HOH A O   1 
HETATM 1117 O O   . HOH H 4 .   ? 10.389  17.656  0.070   1.00 45.44 ? 484 HOH A O   1 
HETATM 1118 O O   . HOH H 4 .   ? 10.035  1.993   -18.488 1.00 39.69 ? 485 HOH A O   1 
HETATM 1119 O O   . HOH H 4 .   ? -9.318  9.511   18.376  1.00 31.27 ? 486 HOH A O   1 
HETATM 1120 O O   . HOH H 4 .   ? -8.996  -5.142  6.515   1.00 27.20 ? 487 HOH A O   1 
HETATM 1121 O O   . HOH H 4 .   ? -1.521  18.386  14.225  1.00 52.45 ? 488 HOH A O   1 
HETATM 1122 O O   . HOH H 4 .   ? -0.329  11.127  22.046  1.00 42.02 ? 489 HOH A O   1 
HETATM 1123 O O   . HOH H 4 .   ? 12.693  -1.639  -17.334 1.00 43.77 ? 490 HOH A O   1 
HETATM 1124 O O   . HOH H 4 .   ? -3.006  2.369   17.601  1.00 52.45 ? 491 HOH A O   1 
HETATM 1125 O O   . HOH H 4 .   ? -2.234  -9.422  7.242   1.00 19.20 ? 492 HOH A O   1 
HETATM 1126 O O   . HOH H 4 .   ? -16.313 -1.404  8.653   1.00 34.44 ? 493 HOH A O   1 
HETATM 1127 O O   . HOH H 4 .   ? -10.746 15.926  6.284   1.00 30.91 ? 494 HOH A O   1 
HETATM 1128 O O   . HOH H 4 .   ? 9.640   4.457   -14.732 1.00 40.77 ? 495 HOH A O   1 
HETATM 1129 O O   . HOH H 4 .   ? 4.780   -12.534 -11.463 1.00 35.80 ? 496 HOH A O   1 
HETATM 1130 O O   . HOH H 4 .   ? 12.855  -7.840  -14.384 1.00 42.12 ? 497 HOH A O   1 
HETATM 1131 O O   . HOH H 4 .   ? -4.558  -7.552  -16.355 1.00 41.09 ? 498 HOH A O   1 
HETATM 1132 O O   . HOH H 4 .   ? 3.692   -14.907 -11.592 1.00 42.25 ? 499 HOH A O   1 
HETATM 1133 O O   . HOH H 4 .   ? -2.975  -15.398 -14.948 1.00 42.56 ? 500 HOH A O   1 
HETATM 1134 O O   . HOH H 4 .   ? -20.113 -7.551  3.039   1.00 40.58 ? 501 HOH A O   1 
HETATM 1135 O O   . HOH H 4 .   ? -19.695 -8.459  0.617   1.00 38.65 ? 502 HOH A O   1 
HETATM 1136 O O   . HOH H 4 .   ? 11.461  -4.792  -2.337  1.00 19.51 ? 503 HOH A O   1 
HETATM 1137 O O   . HOH H 4 .   ? -7.851  6.305   11.736  1.00 29.35 ? 504 HOH A O   1 
HETATM 1138 O O   . HOH H 4 .   ? -1.435  -1.516  10.976  1.00 20.29 ? 505 HOH A O   1 
HETATM 1139 O O   . HOH H 4 .   ? -8.177  -7.010  -4.908  1.00 44.45 ? 506 HOH A O   1 
HETATM 1140 O O   . HOH H 4 .   ? -12.813 -0.019  -3.588  1.00 50.78 ? 507 HOH A O   1 
HETATM 1141 O O   . HOH H 4 .   ? -3.958  1.225   -2.623  1.00 38.83 ? 508 HOH A O   1 
HETATM 1142 O O   . HOH H 4 .   ? -6.805  -2.346  -3.904  1.00 38.90 ? 509 HOH A O   1 
HETATM 1143 O O   . HOH H 4 .   ? -0.105  10.920  -4.421  1.00 35.80 ? 510 HOH A O   1 
HETATM 1144 O O   . HOH H 4 .   ? -1.716  8.864   -4.545  1.00 36.59 ? 511 HOH A O   1 
HETATM 1145 O O   . HOH H 4 .   ? -6.255  4.245   -1.026  1.00 29.91 ? 512 HOH A O   1 
HETATM 1146 O O   . HOH H 4 .   ? -6.943  5.123   2.184   1.00 19.28 ? 513 HOH A O   1 
HETATM 1147 O O   . HOH H 4 .   ? -12.223 -1.917  0.530   1.00 37.66 ? 514 HOH A O   1 
HETATM 1148 O O   . HOH H 4 .   ? -0.535  12.287  -1.587  1.00 34.57 ? 515 HOH A O   1 
HETATM 1149 O O   . HOH H 4 .   ? -1.239  11.282  5.160   1.00 31.18 ? 516 HOH A O   1 
HETATM 1150 O O   . HOH H 4 .   ? 0.192   18.367  7.630   1.00 51.14 ? 517 HOH A O   1 
HETATM 1151 O O   . HOH H 4 .   ? 1.816   12.657  21.763  1.00 45.40 ? 518 HOH A O   1 
HETATM 1152 O O   . HOH H 4 .   ? -11.718 15.301  -3.906  1.00 32.28 ? 519 HOH A O   1 
HETATM 1153 O O   . HOH H 4 .   ? -8.958  14.386  -3.709  1.00 42.69 ? 520 HOH A O   1 
HETATM 1154 O O   . HOH H 4 .   ? -8.857  12.557  -1.568  1.00 32.31 ? 521 HOH A O   1 
HETATM 1155 O O   . HOH H 4 .   ? -9.384  18.901  1.417   1.00 34.37 ? 522 HOH A O   1 
HETATM 1156 O O   . HOH H 4 .   ? -6.239  19.788  -2.352  1.00 46.20 ? 523 HOH A O   1 
HETATM 1157 O O   . HOH H 4 .   ? -2.020  17.252  4.212   1.00 42.14 ? 524 HOH A O   1 
HETATM 1158 O O   . HOH H 4 .   ? -5.901  18.388  3.427   1.00 44.06 ? 525 HOH A O   1 
HETATM 1159 O O   . HOH H 4 .   ? 16.764  -2.124  -10.975 1.00 47.59 ? 526 HOH A O   1 
HETATM 1160 O O   . HOH H 4 .   ? 16.546  -2.238  -15.525 1.00 49.78 ? 527 HOH A O   1 
HETATM 1161 O O   . HOH H 4 .   ? 16.740  -0.426  -13.372 1.00 41.39 ? 528 HOH A O   1 
HETATM 1162 O O   . HOH H 4 .   ? 8.812   14.325  15.832  1.00 39.47 ? 529 HOH A O   1 
HETATM 1163 O O   . HOH H 4 .   ? 17.702  -8.355  2.122   1.00 40.29 ? 530 HOH A O   1 
HETATM 1164 O O   . HOH H 4 .   ? -3.608  10.150  -6.142  1.00 46.11 ? 531 HOH A O   1 
HETATM 1165 O O   . HOH H 4 .   ? 3.731   14.553  11.287  1.00 42.67 ? 532 HOH A O   1 
HETATM 1166 O O   . HOH H 4 .   ? -5.781  7.968   18.704  1.00 37.53 ? 533 HOH A O   1 
HETATM 1167 O O   . HOH H 4 .   ? 6.317   -18.458 -6.818  1.00 56.11 ? 534 HOH A O   1 
HETATM 1168 O O   . HOH H 4 .   ? 5.756   16.217  -1.999  1.00 53.98 ? 535 HOH A O   1 
HETATM 1169 O O   . HOH H 4 .   ? 3.411   -17.728 -6.280  1.00 43.05 ? 536 HOH A O   1 
HETATM 1170 O O   . HOH H 4 .   ? 6.056   15.554  6.149   1.00 51.79 ? 537 HOH A O   1 
HETATM 1171 O O   . HOH H 4 .   ? 4.518   17.769  14.871  1.00 66.52 ? 538 HOH A O   1 
HETATM 1172 O O   . HOH H 4 .   ? -9.287  4.084   -9.455  1.00 45.24 ? 539 HOH A O   1 
HETATM 1173 O O   . HOH H 4 .   ? 18.178  -4.227  -14.158 1.00 38.78 ? 540 HOH A O   1 
HETATM 1174 O O   . HOH H 4 .   ? 0.039   -20.097 -4.580  1.00 52.10 ? 541 HOH A O   1 
HETATM 1175 O O   . HOH H 4 .   ? -13.377 -5.325  -2.184  1.00 47.76 ? 542 HOH A O   1 
HETATM 1176 O O   . HOH H 4 .   ? -13.349 -8.150  -1.113  1.00 33.34 ? 543 HOH A O   1 
HETATM 1177 O O   . HOH H 4 .   ? -17.559 -6.692  5.708   1.00 56.32 ? 544 HOH A O   1 
HETATM 1178 O O   . HOH H 4 .   ? -15.677 -8.414  -2.390  1.00 50.90 ? 545 HOH A O   1 
HETATM 1179 O O   . HOH H 4 .   ? -17.940 -10.277 1.053   1.00 54.88 ? 546 HOH A O   1 
HETATM 1180 O O   . HOH H 4 .   ? 7.739   -16.077 -10.476 1.00 56.49 ? 547 HOH A O   1 
HETATM 1181 O O   . HOH H 4 .   ? -1.506  -1.867  -2.537  1.00 27.14 ? 548 HOH A O   1 
HETATM 1182 O O   . HOH H 4 .   ? -4.304  15.661  -6.227  1.00 56.34 ? 549 HOH A O   1 
HETATM 1183 O O   . HOH H 4 .   ? -3.267  16.697  -3.925  1.00 54.05 ? 550 HOH A O   1 
HETATM 1184 O O   . HOH H 4 .   ? -7.100  10.217  19.722  1.00 36.88 ? 551 HOH A O   1 
HETATM 1185 O O   . HOH H 4 .   ? -5.640  0.722   -7.472  1.00 50.14 ? 552 HOH A O   1 
HETATM 1186 O O   . HOH H 4 .   ? -7.784  -0.960  -7.461  1.00 58.75 ? 553 HOH A O   1 
HETATM 1187 O O   . HOH H 4 .   ? -1.262  7.072   -2.796  1.00 44.20 ? 554 HOH A O   1 
HETATM 1188 O O   . HOH H 4 .   ? -5.722  19.970  -5.404  1.00 55.47 ? 555 HOH A O   1 
HETATM 1189 O O   . HOH H 4 .   ? 8.037   16.917  5.616   1.00 52.00 ? 556 HOH A O   1 
# 
